data_3PV3
#
_entry.id   3PV3
#
_cell.length_a   155.030
_cell.length_b   155.030
_cell.length_c   260.600
_cell.angle_alpha   90.00
_cell.angle_beta   90.00
_cell.angle_gamma   120.00
#
_symmetry.space_group_name_H-M   'H 3'
#
loop_
_entity.id
_entity.type
_entity.pdbx_description
1 polymer DegQ
2 polymer 'Substrate peptide (Poly-Ala)'
#
loop_
_entity_poly.entity_id
_entity_poly.type
_entity_poly.pdbx_seq_one_letter_code
_entity_poly.pdbx_strand_id
1 'polypeptide(L)'
;MRGSHHHHHHGSAEPPNMPSMAPVLKNIMPAIVNVAVQGYLPNDVTPPGSAGNDEENQPNNRPPQSRMPEKGRKFESIGS
GVIIDPNNGVIITNDHVIRNASLITVTLQDGRRLKARLIGGDSETDLAVLKIDAKNLKSLVIGDSDKLEVGDFVVAIGNP
FGLNSFGNSQSATFGIVSALKRSDLNIEGVENFIQTDAAINPGNAGGALVNAKGELIGINTAILSPYGGNVGIGFAIPIN
MVKDVAQQIIKFGSIHRGLMGIFVQHLTPELAQAMGYPEDFQGALVSQVNPNSPAELAGLKAGDIITQINDTKITQATQV
KTTISLLRVGSTVKIIVERDNKPLTLSAVVTDIKSHEQKLQSNNPFLYGLALRAFEQESPPHGNVIGVQVVGASENSAGW
RAGIRPGDIIISANKKPVTDVKSLQTIAQEKKKELLVQVLRGPGSMYLLVI
;
A,B,C,D
2 'polypeptide(L)'
;(UNK)(UNK)(UNK)(UNK)(UNK)(UNK)(UNK)(UNK)(UNK)(UNK)(UNK)(UNK)(UNK)(UNK)(UNK)(UNK)
(UNK)(UNK)(UNK)(UNK)
;
E,F,G,H
#
# COMPACT_ATOMS: atom_id res chain seq x y z
N ASN A 17 3.58 23.69 -40.65
CA ASN A 17 3.48 22.24 -40.31
C ASN A 17 3.90 21.94 -38.86
N MET A 18 3.01 21.29 -38.11
CA MET A 18 3.24 20.91 -36.70
C MET A 18 4.05 19.59 -36.62
N PRO A 19 5.11 19.57 -35.77
CA PRO A 19 5.95 18.37 -35.64
C PRO A 19 5.49 17.42 -34.53
N SER A 20 5.38 16.14 -34.87
CA SER A 20 4.87 15.13 -33.95
C SER A 20 5.19 13.74 -34.45
N MET A 21 5.62 12.87 -33.54
CA MET A 21 5.93 11.47 -33.85
C MET A 21 4.71 10.64 -34.22
N ALA A 22 3.52 11.21 -34.02
CA ALA A 22 2.27 10.50 -34.24
C ALA A 22 2.19 9.72 -35.55
N PRO A 23 2.56 10.34 -36.70
CA PRO A 23 2.49 9.63 -37.99
C PRO A 23 3.21 8.29 -38.04
N VAL A 24 4.51 8.29 -37.77
CA VAL A 24 5.32 7.08 -38.02
C VAL A 24 4.83 5.95 -37.12
N LEU A 25 4.55 6.27 -35.86
CA LEU A 25 3.99 5.36 -34.88
C LEU A 25 2.68 4.72 -35.36
N LYS A 26 1.91 5.49 -36.15
CA LYS A 26 0.51 5.17 -36.50
C LYS A 26 0.45 3.95 -37.37
N ASN A 27 1.36 3.89 -38.35
CA ASN A 27 1.47 2.77 -39.26
C ASN A 27 2.03 1.53 -38.54
N ILE A 28 3.04 1.72 -37.69
CA ILE A 28 3.82 0.61 -37.11
C ILE A 28 3.28 -0.04 -35.82
N MET A 29 2.18 0.50 -35.29
CA MET A 29 1.66 0.03 -34.00
C MET A 29 1.10 -1.41 -33.99
N PRO A 30 0.41 -1.84 -35.08
CA PRO A 30 0.00 -3.24 -35.23
C PRO A 30 1.13 -4.24 -35.08
N ALA A 31 2.35 -3.82 -35.41
CA ALA A 31 3.54 -4.65 -35.30
C ALA A 31 3.85 -5.12 -33.86
N ILE A 32 3.45 -4.32 -32.86
CA ILE A 32 3.70 -4.62 -31.44
C ILE A 32 2.53 -5.38 -30.81
N VAL A 33 2.83 -6.18 -29.79
CA VAL A 33 1.85 -7.06 -29.15
C VAL A 33 2.10 -7.23 -27.67
N ASN A 34 1.24 -8.02 -27.05
CA ASN A 34 1.44 -8.50 -25.72
C ASN A 34 1.82 -9.96 -25.71
N VAL A 35 2.49 -10.37 -24.64
CA VAL A 35 2.83 -11.75 -24.45
C VAL A 35 2.52 -12.06 -22.99
N ALA A 36 1.39 -12.73 -22.79
CA ALA A 36 0.96 -13.16 -21.47
C ALA A 36 1.47 -14.57 -21.21
N VAL A 37 1.97 -14.80 -20.01
CA VAL A 37 2.55 -16.08 -19.65
C VAL A 37 1.95 -16.66 -18.37
N GLN A 38 1.41 -17.88 -18.47
CA GLN A 38 0.96 -18.65 -17.28
C GLN A 38 1.89 -19.83 -17.02
N GLY A 39 1.91 -20.31 -15.77
CA GLY A 39 2.73 -21.47 -15.43
C GLY A 39 3.34 -21.50 -14.04
N TYR A 40 4.06 -22.59 -13.78
CA TYR A 40 4.61 -22.93 -12.47
C TYR A 40 6.13 -22.77 -12.53
N LEU A 41 6.75 -22.61 -11.36
CA LEU A 41 8.22 -22.48 -11.23
C LEU A 41 8.87 -23.74 -10.61
N PRO A 42 10.00 -23.58 -9.84
CA PRO A 42 10.50 -24.77 -9.11
C PRO A 42 9.87 -24.95 -7.71
N ASN A 43 10.66 -25.48 -6.76
CA ASN A 43 10.21 -25.75 -5.36
C ASN A 43 9.04 -26.73 -5.25
N GLY A 72 3.67 -27.22 -7.08
CA GLY A 72 3.58 -26.51 -8.35
C GLY A 72 3.34 -25.02 -8.20
N ARG A 73 4.21 -24.34 -7.44
CA ARG A 73 4.19 -22.87 -7.26
C ARG A 73 3.95 -22.10 -8.57
N LYS A 74 2.72 -21.64 -8.78
CA LYS A 74 2.34 -21.11 -10.09
C LYS A 74 2.28 -19.59 -10.20
N PHE A 75 2.74 -19.07 -11.35
CA PHE A 75 2.92 -17.65 -11.59
C PHE A 75 2.38 -17.20 -12.95
N GLU A 76 2.10 -15.90 -13.05
CA GLU A 76 1.69 -15.25 -14.31
C GLU A 76 2.74 -14.21 -14.72
N SER A 77 3.21 -14.30 -15.97
CA SER A 77 4.12 -13.30 -16.52
C SER A 77 3.48 -12.43 -17.60
N ILE A 78 4.02 -11.21 -17.73
CA ILE A 78 3.44 -10.16 -18.62
C ILE A 78 4.51 -9.19 -19.19
N GLY A 79 4.60 -9.15 -20.52
CA GLY A 79 5.53 -8.24 -21.19
C GLY A 79 5.08 -7.91 -22.61
N SER A 80 6.02 -7.55 -23.46
CA SER A 80 5.71 -7.23 -24.84
C SER A 80 6.32 -8.25 -25.78
N GLY A 81 6.37 -7.87 -27.05
CA GLY A 81 6.78 -8.76 -28.13
C GLY A 81 6.59 -8.04 -29.45
N VAL A 82 7.38 -8.41 -30.46
CA VAL A 82 7.36 -7.71 -31.77
C VAL A 82 7.38 -8.65 -33.02
N ILE A 83 6.42 -8.44 -33.94
CA ILE A 83 6.33 -9.25 -35.16
C ILE A 83 7.38 -8.87 -36.21
N ILE A 84 8.32 -9.78 -36.42
CA ILE A 84 9.43 -9.59 -37.37
C ILE A 84 9.22 -10.28 -38.71
N ASP A 85 8.41 -11.33 -38.74
CA ASP A 85 7.88 -11.85 -40.00
C ASP A 85 6.35 -11.90 -39.99
N PRO A 86 5.72 -10.97 -40.73
CA PRO A 86 4.25 -10.83 -40.79
C PRO A 86 3.57 -12.06 -41.38
N ASN A 87 4.14 -12.62 -42.46
CA ASN A 87 3.67 -13.90 -42.97
C ASN A 87 4.33 -14.96 -42.12
N ASN A 88 3.55 -15.95 -41.70
CA ASN A 88 4.07 -17.05 -40.86
C ASN A 88 4.45 -16.67 -39.42
N GLY A 89 4.18 -15.42 -39.07
CA GLY A 89 3.98 -15.01 -37.67
C GLY A 89 5.13 -15.26 -36.73
N VAL A 90 6.31 -14.76 -37.10
CA VAL A 90 7.46 -14.83 -36.19
C VAL A 90 7.51 -13.58 -35.30
N ILE A 91 7.57 -13.81 -34.00
CA ILE A 91 7.59 -12.76 -33.01
C ILE A 91 8.80 -12.88 -32.10
N ILE A 92 9.43 -11.74 -31.82
CA ILE A 92 10.53 -11.66 -30.85
C ILE A 92 10.01 -11.19 -29.52
N THR A 93 10.63 -11.69 -28.45
CA THR A 93 10.38 -11.24 -27.09
C THR A 93 11.63 -11.53 -26.30
N ASN A 94 11.66 -11.19 -25.02
CA ASN A 94 12.82 -11.51 -24.18
C ASN A 94 12.76 -12.96 -23.75
N ASP A 95 13.90 -13.57 -23.38
CA ASP A 95 13.88 -14.95 -22.90
C ASP A 95 13.34 -15.07 -21.46
N HIS A 96 13.78 -14.20 -20.57
CA HIS A 96 13.24 -14.10 -19.21
C HIS A 96 11.70 -13.89 -19.14
N VAL A 97 11.08 -13.48 -20.25
CA VAL A 97 9.64 -13.23 -20.30
C VAL A 97 8.87 -14.55 -20.34
N ILE A 98 9.07 -15.29 -21.42
CA ILE A 98 8.39 -16.56 -21.62
C ILE A 98 9.17 -17.71 -21.00
N ARG A 99 9.99 -17.40 -19.99
CA ARG A 99 10.99 -18.34 -19.48
C ARG A 99 10.45 -19.63 -18.86
N ASN A 100 9.42 -19.52 -18.02
CA ASN A 100 9.03 -20.66 -17.21
C ASN A 100 7.58 -21.08 -17.43
N ALA A 101 7.14 -20.97 -18.68
CA ALA A 101 5.71 -20.96 -18.99
C ALA A 101 5.16 -22.32 -19.34
N SER A 102 3.97 -22.60 -18.82
CA SER A 102 3.15 -23.72 -19.31
C SER A 102 2.00 -23.26 -20.24
N LEU A 103 1.78 -21.96 -20.35
CA LEU A 103 0.95 -21.37 -21.39
C LEU A 103 1.48 -19.98 -21.79
N ILE A 104 1.53 -19.74 -23.10
CA ILE A 104 1.94 -18.45 -23.66
C ILE A 104 0.93 -17.92 -24.68
N THR A 105 0.27 -16.82 -24.35
CA THR A 105 -0.67 -16.17 -25.27
C THR A 105 -0.10 -14.87 -25.89
N VAL A 106 -0.53 -14.54 -27.10
CA VAL A 106 -0.22 -13.26 -27.73
C VAL A 106 -1.53 -12.52 -28.07
N THR A 107 -1.66 -11.26 -27.65
CA THR A 107 -2.83 -10.44 -28.02
C THR A 107 -2.42 -9.38 -29.05
N LEU A 108 -3.16 -9.29 -30.16
CA LEU A 108 -2.81 -8.33 -31.22
C LEU A 108 -3.53 -7.00 -31.06
N GLN A 109 -3.22 -6.02 -31.91
CA GLN A 109 -3.96 -4.75 -31.91
C GLN A 109 -5.46 -4.95 -32.13
N ASP A 110 -5.83 -5.45 -33.31
CA ASP A 110 -7.21 -5.80 -33.61
C ASP A 110 -7.90 -6.48 -32.45
N GLY A 111 -7.12 -7.06 -31.53
CA GLY A 111 -7.64 -7.55 -30.26
C GLY A 111 -7.91 -9.05 -30.16
N ARG A 112 -7.35 -9.84 -31.08
CA ARG A 112 -7.46 -11.30 -31.05
C ARG A 112 -6.74 -11.94 -29.84
N ARG A 113 -6.74 -13.27 -29.75
CA ARG A 113 -6.00 -13.97 -28.68
C ARG A 113 -5.36 -15.25 -29.25
N LEU A 114 -4.35 -15.07 -30.09
CA LEU A 114 -3.51 -16.16 -30.56
C LEU A 114 -2.53 -16.62 -29.48
N LYS A 115 -2.69 -17.87 -29.05
CA LYS A 115 -1.69 -18.58 -28.24
C LYS A 115 -0.57 -18.93 -29.22
N ALA A 116 0.68 -18.81 -28.74
CA ALA A 116 1.85 -18.95 -29.60
C ALA A 116 2.68 -20.14 -29.18
N ARG A 117 3.70 -20.46 -29.98
CA ARG A 117 4.58 -21.58 -29.68
C ARG A 117 6.04 -21.14 -29.65
N LEU A 118 6.80 -21.67 -28.70
CA LEU A 118 8.25 -21.44 -28.58
C LEU A 118 9.02 -22.14 -29.71
N ILE A 119 9.76 -21.35 -30.50
CA ILE A 119 10.68 -21.87 -31.52
C ILE A 119 12.07 -22.16 -30.91
N GLY A 120 12.42 -21.40 -29.88
CA GLY A 120 13.70 -21.53 -29.18
C GLY A 120 14.08 -20.20 -28.54
N GLY A 121 14.77 -20.25 -27.40
CA GLY A 121 15.24 -19.06 -26.71
C GLY A 121 16.73 -19.08 -26.42
N ASP A 122 17.28 -17.91 -26.09
CA ASP A 122 18.67 -17.82 -25.64
C ASP A 122 18.83 -16.94 -24.42
N SER A 123 18.84 -17.57 -23.24
CA SER A 123 18.91 -16.87 -21.96
C SER A 123 20.10 -15.93 -21.85
N GLU A 124 21.21 -16.31 -22.46
CA GLU A 124 22.41 -15.50 -22.39
C GLU A 124 22.26 -14.11 -23.01
N THR A 125 21.75 -14.03 -24.23
CA THR A 125 21.45 -12.72 -24.82
C THR A 125 20.14 -12.15 -24.23
N ASP A 126 19.41 -13.00 -23.50
CA ASP A 126 17.98 -12.82 -23.13
C ASP A 126 17.00 -12.57 -24.31
N LEU A 127 17.07 -13.44 -25.30
CA LEU A 127 16.15 -13.41 -26.41
C LEU A 127 15.44 -14.76 -26.62
N ALA A 128 14.21 -14.69 -27.11
CA ALA A 128 13.35 -15.84 -27.33
C ALA A 128 12.54 -15.56 -28.54
N VAL A 129 12.14 -16.63 -29.21
CA VAL A 129 11.39 -16.50 -30.45
C VAL A 129 10.03 -17.19 -30.33
N LEU A 130 8.96 -16.48 -30.72
CA LEU A 130 7.61 -17.03 -30.67
C LEU A 130 6.91 -17.10 -32.01
N LYS A 131 6.12 -18.16 -32.20
CA LYS A 131 5.39 -18.34 -33.45
C LYS A 131 3.88 -18.46 -33.23
N ILE A 132 3.15 -17.45 -33.69
CA ILE A 132 1.71 -17.52 -33.71
C ILE A 132 1.33 -18.15 -35.02
N ASP A 133 0.09 -18.64 -35.11
CA ASP A 133 -0.36 -19.42 -36.28
C ASP A 133 -1.54 -18.74 -36.96
N ALA A 134 -1.31 -17.55 -37.56
CA ALA A 134 -2.40 -16.69 -38.05
C ALA A 134 -2.14 -15.91 -39.33
N LYS A 135 -3.25 -15.51 -39.98
CA LYS A 135 -3.25 -14.68 -41.19
C LYS A 135 -3.48 -13.19 -40.85
N ASN A 136 -3.35 -12.34 -41.87
CA ASN A 136 -3.44 -10.87 -41.73
C ASN A 136 -2.61 -10.28 -40.56
N LEU A 137 -1.29 -10.19 -40.79
CA LEU A 137 -0.30 -9.68 -39.82
C LEU A 137 0.47 -8.47 -40.35
N LYS A 138 0.96 -7.63 -39.45
CA LYS A 138 1.76 -6.46 -39.83
C LYS A 138 3.11 -6.40 -39.10
N SER A 139 4.07 -5.75 -39.74
CA SER A 139 5.40 -5.59 -39.17
C SER A 139 5.94 -4.21 -39.55
N LEU A 140 7.24 -4.01 -39.39
CA LEU A 140 7.85 -2.74 -39.70
C LEU A 140 9.27 -2.94 -40.25
N VAL A 141 9.90 -1.89 -40.74
CA VAL A 141 11.21 -2.09 -41.36
C VAL A 141 12.20 -2.34 -40.24
N ILE A 142 13.26 -3.06 -40.55
CA ILE A 142 14.21 -3.43 -39.53
C ILE A 142 15.44 -2.58 -39.81
N GLY A 143 15.79 -1.71 -38.86
CA GLY A 143 16.92 -0.79 -39.07
C GLY A 143 18.27 -1.42 -38.83
N ASP A 144 19.31 -0.65 -39.00
CA ASP A 144 20.63 -1.11 -38.63
C ASP A 144 21.16 -0.37 -37.38
N SER A 145 21.26 -1.12 -36.27
CA SER A 145 21.85 -0.64 -35.02
C SER A 145 23.13 0.16 -35.21
N ASP A 146 24.01 -0.31 -36.10
CA ASP A 146 25.33 0.33 -36.28
C ASP A 146 25.24 1.76 -36.87
N LYS A 147 24.09 2.14 -37.41
CA LYS A 147 23.86 3.51 -37.84
C LYS A 147 23.44 4.43 -36.67
N LEU A 148 23.06 3.85 -35.53
CA LEU A 148 22.50 4.63 -34.44
C LEU A 148 23.53 5.45 -33.72
N GLU A 149 23.20 6.70 -33.41
CA GLU A 149 24.11 7.55 -32.64
C GLU A 149 23.48 8.18 -31.42
N VAL A 150 24.31 8.39 -30.41
CA VAL A 150 23.89 9.07 -29.20
C VAL A 150 23.34 10.47 -29.50
N GLY A 151 22.12 10.73 -29.05
CA GLY A 151 21.44 11.98 -29.33
C GLY A 151 20.35 11.80 -30.36
N ASP A 152 20.26 10.58 -30.87
CA ASP A 152 19.25 10.20 -31.84
C ASP A 152 17.92 10.07 -31.13
N PHE A 153 16.87 10.68 -31.67
CA PHE A 153 15.55 10.59 -31.05
C PHE A 153 14.97 9.18 -31.18
N VAL A 154 14.31 8.70 -30.12
CA VAL A 154 13.97 7.27 -30.04
C VAL A 154 12.75 6.92 -29.15
N VAL A 155 11.81 6.16 -29.71
CA VAL A 155 10.48 5.92 -29.13
C VAL A 155 10.34 4.45 -28.71
N ALA A 156 9.94 4.24 -27.45
CA ALA A 156 9.81 2.89 -26.95
C ALA A 156 8.34 2.49 -26.86
N ILE A 157 7.97 1.43 -27.58
CA ILE A 157 6.60 0.89 -27.61
C ILE A 157 6.52 -0.41 -26.82
N GLY A 158 5.44 -0.59 -26.07
CA GLY A 158 5.35 -1.73 -25.19
C GLY A 158 4.29 -1.50 -24.15
N ASN A 159 4.19 -2.45 -23.23
CA ASN A 159 3.08 -2.54 -22.32
C ASN A 159 3.51 -2.47 -20.86
N PRO A 160 4.11 -1.32 -20.43
CA PRO A 160 4.53 -1.26 -19.03
C PRO A 160 3.30 -1.39 -18.11
N PHE A 161 3.27 -2.43 -17.29
CA PHE A 161 2.11 -2.71 -16.41
C PHE A 161 0.89 -3.28 -17.18
N GLY A 162 -0.28 -2.71 -17.01
CA GLY A 162 -1.46 -3.18 -17.75
C GLY A 162 -1.88 -2.31 -18.92
N LEU A 163 -2.42 -2.95 -19.96
CA LEU A 163 -2.86 -2.26 -21.18
C LEU A 163 -3.99 -1.30 -20.86
N ASN A 168 -5.44 -0.71 -29.48
CA ASN A 168 -5.40 -1.65 -28.38
C ASN A 168 -4.24 -1.35 -27.41
N SER A 169 -4.24 -0.15 -26.84
CA SER A 169 -3.65 0.08 -25.50
C SER A 169 -2.14 0.34 -25.46
N GLN A 170 -1.47 0.10 -26.58
CA GLN A 170 -0.02 0.03 -26.55
C GLN A 170 0.58 1.38 -26.17
N SER A 171 1.54 1.33 -25.26
CA SER A 171 2.10 2.53 -24.66
C SER A 171 3.44 3.00 -25.31
N ALA A 172 3.53 4.29 -25.61
CA ALA A 172 4.68 4.89 -26.29
C ALA A 172 5.44 5.86 -25.36
N THR A 173 6.75 5.67 -25.22
CA THR A 173 7.61 6.59 -24.48
C THR A 173 8.67 7.19 -25.41
N PHE A 174 9.09 8.41 -25.09
CA PHE A 174 10.04 9.14 -25.93
C PHE A 174 11.31 9.47 -25.16
N GLY A 175 12.40 9.59 -25.92
CA GLY A 175 13.75 9.85 -25.38
C GLY A 175 14.83 9.82 -26.46
N ILE A 176 16.09 9.79 -26.02
CA ILE A 176 17.24 9.68 -26.93
C ILE A 176 18.07 8.45 -26.58
N VAL A 177 18.97 8.06 -27.48
CA VAL A 177 19.98 7.05 -27.15
C VAL A 177 20.99 7.74 -26.27
N SER A 178 21.14 7.29 -25.03
CA SER A 178 22.13 7.86 -24.08
C SER A 178 23.56 7.48 -24.43
N ALA A 179 23.73 6.18 -24.64
CA ALA A 179 25.01 5.55 -24.71
C ALA A 179 24.84 4.29 -25.53
N LEU A 180 25.91 3.90 -26.23
CA LEU A 180 25.90 2.64 -26.97
C LEU A 180 26.87 1.62 -26.36
N LYS A 181 26.80 0.38 -26.86
CA LYS A 181 27.64 -0.75 -26.39
C LYS A 181 27.91 -0.90 -24.87
N ARG A 182 26.92 -0.66 -24.02
CA ARG A 182 27.05 -0.89 -22.58
C ARG A 182 27.28 -2.35 -22.18
N SER A 183 28.48 -2.65 -21.68
CA SER A 183 28.85 -3.97 -21.18
C SER A 183 29.20 -4.01 -19.67
N ASP A 184 28.78 -5.09 -19.02
CA ASP A 184 28.96 -5.31 -17.58
C ASP A 184 28.56 -4.14 -16.69
N GLU A 191 25.41 -7.46 -21.46
CA GLU A 191 26.31 -7.52 -22.61
C GLU A 191 25.76 -6.82 -23.87
N ASN A 192 26.30 -5.61 -24.10
CA ASN A 192 26.14 -4.81 -25.33
C ASN A 192 24.81 -4.07 -25.58
N PHE A 193 24.32 -3.37 -24.56
CA PHE A 193 23.02 -2.71 -24.68
C PHE A 193 23.00 -1.29 -25.27
N ILE A 194 21.92 -0.96 -25.99
CA ILE A 194 21.54 0.43 -26.23
C ILE A 194 21.02 1.03 -24.92
N GLN A 195 21.61 2.13 -24.48
CA GLN A 195 21.10 2.80 -23.30
C GLN A 195 20.25 3.99 -23.67
N THR A 196 19.07 4.09 -23.06
CA THR A 196 18.11 5.15 -23.38
C THR A 196 17.42 5.75 -22.18
N ASP A 197 17.01 7.02 -22.31
CA ASP A 197 16.32 7.71 -21.23
C ASP A 197 14.84 7.84 -21.50
N ALA A 198 14.39 7.26 -22.63
CA ALA A 198 12.97 6.98 -22.86
C ALA A 198 12.50 5.98 -21.79
N ALA A 199 11.31 6.21 -21.26
CA ALA A 199 10.83 5.48 -20.07
C ALA A 199 10.49 4.03 -20.38
N ILE A 200 11.17 3.11 -19.72
CA ILE A 200 10.91 1.68 -19.89
C ILE A 200 10.63 1.08 -18.52
N ASN A 201 9.37 1.06 -18.10
CA ASN A 201 8.99 0.46 -16.82
C ASN A 201 8.64 -1.04 -17.00
N PRO A 202 8.49 -1.79 -15.89
CA PRO A 202 8.13 -3.23 -15.98
C PRO A 202 6.91 -3.52 -16.86
N GLY A 203 7.10 -4.43 -17.81
CA GLY A 203 6.06 -4.82 -18.77
C GLY A 203 6.45 -4.43 -20.19
N ASN A 204 7.64 -3.86 -20.32
CA ASN A 204 8.14 -3.33 -21.57
C ASN A 204 9.04 -4.34 -22.27
N ALA A 205 9.50 -5.34 -21.52
CA ALA A 205 10.40 -6.38 -22.04
C ALA A 205 9.87 -6.98 -23.34
N GLY A 206 10.76 -7.24 -24.29
CA GLY A 206 10.38 -7.78 -25.58
C GLY A 206 9.71 -6.78 -26.53
N GLY A 207 9.47 -5.56 -26.06
CA GLY A 207 8.79 -4.51 -26.84
C GLY A 207 9.63 -3.91 -27.94
N ALA A 208 9.34 -2.69 -28.35
CA ALA A 208 10.07 -2.08 -29.44
C ALA A 208 10.82 -0.77 -29.10
N LEU A 209 12.05 -0.64 -29.57
CA LEU A 209 12.72 0.63 -29.60
C LEU A 209 12.88 0.93 -31.08
N VAL A 210 12.48 2.13 -31.52
CA VAL A 210 12.50 2.52 -32.93
C VAL A 210 13.02 3.93 -33.15
N ASN A 211 13.45 4.23 -34.37
CA ASN A 211 14.09 5.52 -34.64
C ASN A 211 13.15 6.49 -35.34
N ALA A 212 13.59 7.72 -35.57
CA ALA A 212 12.71 8.79 -36.07
C ALA A 212 12.01 8.49 -37.41
N LYS A 213 12.17 7.27 -37.91
CA LYS A 213 11.44 6.81 -39.07
C LYS A 213 10.65 5.56 -38.69
N GLY A 214 10.50 5.33 -37.39
CA GLY A 214 9.94 4.09 -36.88
C GLY A 214 10.59 2.81 -37.39
N GLU A 215 11.91 2.79 -37.56
CA GLU A 215 12.55 1.53 -37.88
C GLU A 215 12.88 0.76 -36.58
N LEU A 216 12.72 -0.56 -36.59
CA LEU A 216 13.09 -1.33 -35.43
C LEU A 216 14.59 -1.30 -35.28
N ILE A 217 15.07 -0.67 -34.22
CA ILE A 217 16.50 -0.68 -33.95
C ILE A 217 16.88 -1.26 -32.61
N GLY A 218 15.91 -1.74 -31.83
CA GLY A 218 16.24 -2.32 -30.53
C GLY A 218 15.06 -3.07 -29.94
N ILE A 219 15.32 -3.88 -28.93
CA ILE A 219 14.27 -4.63 -28.22
C ILE A 219 14.48 -4.43 -26.73
N ASN A 220 13.51 -3.79 -26.08
CA ASN A 220 13.71 -3.32 -24.70
C ASN A 220 13.79 -4.50 -23.75
N THR A 221 14.59 -4.36 -22.69
CA THR A 221 14.91 -5.48 -21.80
C THR A 221 15.15 -5.13 -20.33
N ALA A 222 16.19 -4.36 -20.07
CA ALA A 222 16.70 -4.18 -18.71
C ALA A 222 16.65 -2.73 -18.25
N ILE A 223 16.61 -2.53 -16.92
CA ILE A 223 16.64 -1.18 -16.32
C ILE A 223 17.61 -1.08 -15.13
N LEU A 224 18.00 0.13 -14.78
CA LEU A 224 18.88 0.34 -13.61
C LEU A 224 18.26 1.18 -12.48
N SER A 225 17.90 0.49 -11.39
CA SER A 225 17.15 1.01 -10.25
C SER A 225 16.08 2.05 -10.60
N VAL A 231 13.49 5.40 -13.89
CA VAL A 231 14.56 6.30 -13.43
C VAL A 231 15.34 7.09 -14.55
N GLY A 232 15.04 6.82 -15.82
CA GLY A 232 15.73 7.47 -16.93
C GLY A 232 16.90 6.69 -17.53
N ILE A 233 17.05 5.43 -17.16
CA ILE A 233 18.22 4.65 -17.59
C ILE A 233 17.83 3.22 -18.00
N GLY A 234 17.43 3.04 -19.25
CA GLY A 234 16.92 1.76 -19.69
C GLY A 234 17.83 1.10 -20.68
N PHE A 235 17.55 -0.17 -21.01
CA PHE A 235 18.40 -0.93 -21.92
C PHE A 235 17.70 -1.77 -23.02
N ALA A 236 18.10 -1.53 -24.26
CA ALA A 236 17.64 -2.34 -25.39
C ALA A 236 18.77 -3.19 -25.98
N ILE A 237 18.44 -4.43 -26.32
CA ILE A 237 19.29 -5.28 -27.14
C ILE A 237 19.16 -4.74 -28.57
N PRO A 238 20.30 -4.48 -29.25
CA PRO A 238 20.19 -3.82 -30.56
C PRO A 238 19.68 -4.76 -31.67
N ILE A 239 19.14 -4.17 -32.74
CA ILE A 239 18.46 -4.96 -33.77
C ILE A 239 19.40 -5.92 -34.51
N ASN A 240 20.65 -5.46 -34.78
CA ASN A 240 21.63 -6.25 -35.54
C ASN A 240 21.99 -7.55 -34.79
N MET A 241 22.03 -7.47 -33.45
CA MET A 241 22.27 -8.63 -32.59
C MET A 241 21.05 -9.56 -32.54
N VAL A 242 19.84 -9.00 -32.52
CA VAL A 242 18.61 -9.80 -32.45
C VAL A 242 18.42 -10.63 -33.72
N LYS A 243 18.54 -9.97 -34.88
CA LYS A 243 18.54 -10.65 -36.17
C LYS A 243 19.30 -11.98 -36.09
N ASP A 244 20.52 -11.92 -35.52
CA ASP A 244 21.40 -13.08 -35.49
C ASP A 244 20.87 -14.25 -34.70
N VAL A 245 20.56 -14.05 -33.42
CA VAL A 245 20.16 -15.22 -32.64
C VAL A 245 18.84 -15.73 -33.20
N ALA A 246 18.04 -14.82 -33.76
CA ALA A 246 16.77 -15.18 -34.36
C ALA A 246 17.04 -16.08 -35.54
N GLN A 247 17.85 -15.60 -36.47
CA GLN A 247 18.24 -16.38 -37.65
C GLN A 247 18.83 -17.72 -37.29
N GLN A 248 19.57 -17.77 -36.20
CA GLN A 248 20.15 -19.04 -35.74
C GLN A 248 19.18 -19.85 -34.87
N ILE A 249 18.18 -19.20 -34.29
CA ILE A 249 17.22 -19.91 -33.46
C ILE A 249 16.19 -20.60 -34.32
N ILE A 250 15.74 -19.92 -35.37
CA ILE A 250 14.81 -20.50 -36.35
C ILE A 250 15.46 -21.66 -37.07
N LYS A 251 16.70 -21.47 -37.51
CA LYS A 251 17.44 -22.45 -38.31
C LYS A 251 17.90 -23.68 -37.54
N PHE A 252 18.14 -23.57 -36.23
CA PHE A 252 18.74 -24.67 -35.47
C PHE A 252 18.05 -25.03 -34.15
N GLY A 253 17.03 -24.26 -33.76
CA GLY A 253 16.36 -24.53 -32.49
C GLY A 253 16.90 -23.77 -31.28
N SER A 254 18.22 -23.57 -31.25
CA SER A 254 18.90 -22.91 -30.12
C SER A 254 20.33 -22.55 -30.47
N ILE A 255 21.06 -21.98 -29.52
CA ILE A 255 22.38 -21.43 -29.81
C ILE A 255 23.55 -22.18 -29.18
N HIS A 256 24.36 -22.78 -30.05
CA HIS A 256 25.49 -23.61 -29.64
C HIS A 256 26.77 -22.77 -29.62
N ARG A 257 27.07 -22.25 -28.42
CA ARG A 257 28.19 -21.33 -28.19
C ARG A 257 29.48 -22.11 -28.08
N GLY A 258 30.58 -21.44 -28.41
CA GLY A 258 31.90 -22.03 -28.29
C GLY A 258 32.91 -21.14 -27.59
N LEU A 259 34.11 -21.68 -27.37
CA LEU A 259 35.19 -20.98 -26.67
C LEU A 259 36.36 -20.75 -27.62
N MET A 260 37.14 -19.73 -27.31
CA MET A 260 38.33 -19.44 -28.07
C MET A 260 39.57 -19.66 -27.21
N GLY A 261 39.48 -19.34 -25.93
CA GLY A 261 40.62 -19.50 -25.02
C GLY A 261 41.44 -18.23 -24.90
N ILE A 262 40.84 -17.12 -25.32
CA ILE A 262 41.45 -15.79 -25.18
C ILE A 262 41.00 -15.08 -23.93
N PHE A 263 41.97 -14.62 -23.13
CA PHE A 263 41.75 -13.56 -22.16
C PHE A 263 42.13 -12.27 -22.84
N VAL A 264 41.22 -11.32 -22.81
CA VAL A 264 41.43 -10.05 -23.46
C VAL A 264 41.26 -8.95 -22.41
N GLN A 265 42.04 -7.88 -22.52
CA GLN A 265 41.89 -6.72 -21.64
C GLN A 265 41.90 -5.44 -22.47
N HIS A 266 41.42 -4.35 -21.87
CA HIS A 266 41.28 -3.07 -22.53
C HIS A 266 42.64 -2.43 -22.80
N LEU A 267 42.81 -1.88 -23.99
CA LEU A 267 44.04 -1.16 -24.28
C LEU A 267 43.86 0.31 -23.98
N THR A 268 44.24 0.71 -22.77
CA THR A 268 44.39 2.11 -22.40
C THR A 268 45.44 2.80 -23.32
N PRO A 269 45.43 4.16 -23.41
CA PRO A 269 46.50 4.84 -24.17
C PRO A 269 47.84 4.71 -23.47
N GLU A 270 47.79 4.59 -22.15
CA GLU A 270 48.95 4.36 -21.32
C GLU A 270 49.63 3.02 -21.70
N LEU A 271 48.83 2.05 -22.14
CA LEU A 271 49.35 0.73 -22.51
C LEU A 271 49.72 0.64 -23.98
N ALA A 272 49.10 1.48 -24.80
CA ALA A 272 49.45 1.53 -26.20
C ALA A 272 50.89 2.01 -26.30
N GLN A 273 51.18 3.11 -25.60
CA GLN A 273 52.52 3.72 -25.60
C GLN A 273 53.63 2.86 -25.01
N ALA A 274 53.39 2.25 -23.85
CA ALA A 274 54.34 1.34 -23.25
C ALA A 274 54.71 0.19 -24.18
N MET A 275 53.93 0.00 -25.24
CA MET A 275 54.14 -1.11 -26.16
C MET A 275 54.55 -0.68 -27.58
N GLY A 276 55.02 0.54 -27.72
CA GLY A 276 55.52 1.03 -29.00
C GLY A 276 54.36 1.17 -29.96
N TYR A 277 53.43 2.05 -29.60
CA TYR A 277 52.23 2.29 -30.37
C TYR A 277 51.74 3.67 -29.97
N PRO A 278 51.17 4.43 -30.92
CA PRO A 278 50.66 5.76 -30.56
C PRO A 278 49.59 5.67 -29.47
N GLU A 279 49.37 6.74 -28.72
CA GLU A 279 48.41 6.69 -27.60
C GLU A 279 46.96 6.60 -28.09
N ASP A 280 46.72 7.02 -29.33
CA ASP A 280 45.39 6.98 -29.92
C ASP A 280 45.13 5.70 -30.71
N PHE A 281 45.97 4.70 -30.51
CA PHE A 281 45.73 3.37 -31.06
C PHE A 281 44.64 2.61 -30.30
N GLN A 282 43.83 1.86 -31.02
CA GLN A 282 42.72 1.11 -30.40
C GLN A 282 42.67 -0.36 -30.77
N GLY A 283 42.38 -1.19 -29.78
CA GLY A 283 42.25 -2.62 -29.99
C GLY A 283 42.10 -3.41 -28.71
N ALA A 284 41.75 -4.68 -28.84
CA ALA A 284 41.64 -5.57 -27.69
C ALA A 284 43.02 -6.16 -27.41
N LEU A 285 43.50 -6.02 -26.18
CA LEU A 285 44.83 -6.49 -25.85
C LEU A 285 44.76 -7.89 -25.28
N VAL A 286 45.54 -8.81 -25.86
CA VAL A 286 45.49 -10.22 -25.43
C VAL A 286 46.36 -10.42 -24.18
N SER A 287 45.75 -10.96 -23.12
CA SER A 287 46.37 -11.11 -21.81
C SER A 287 47.03 -12.45 -21.63
N GLN A 288 46.52 -13.46 -22.32
CA GLN A 288 46.84 -14.86 -22.07
C GLN A 288 46.12 -15.69 -23.12
N VAL A 289 46.86 -16.62 -23.70
CA VAL A 289 46.28 -17.61 -24.57
C VAL A 289 46.39 -18.94 -23.85
N ASN A 290 45.31 -19.71 -23.87
CA ASN A 290 45.30 -20.99 -23.20
C ASN A 290 45.97 -22.07 -24.03
N PRO A 291 46.79 -22.92 -23.38
CA PRO A 291 47.41 -24.04 -24.07
C PRO A 291 46.34 -24.89 -24.72
N ASN A 292 46.51 -25.17 -26.00
CA ASN A 292 45.60 -26.01 -26.77
C ASN A 292 44.31 -25.33 -27.16
N SER A 293 44.17 -24.05 -26.82
CA SER A 293 42.96 -23.29 -27.15
C SER A 293 42.74 -23.18 -28.66
N PRO A 294 41.51 -22.92 -29.10
CA PRO A 294 41.38 -22.47 -30.49
C PRO A 294 42.27 -21.27 -30.75
N ALA A 295 42.47 -20.45 -29.71
CA ALA A 295 43.24 -19.21 -29.83
C ALA A 295 44.68 -19.47 -30.22
N GLU A 296 45.34 -20.35 -29.46
CA GLU A 296 46.74 -20.73 -29.69
C GLU A 296 46.92 -21.26 -31.10
N LEU A 297 46.05 -22.21 -31.48
CA LEU A 297 46.01 -22.77 -32.82
C LEU A 297 46.00 -21.76 -33.95
N ALA A 298 45.11 -20.78 -33.89
CA ALA A 298 45.07 -19.77 -34.93
C ALA A 298 46.43 -19.06 -35.01
N GLY A 299 47.26 -19.30 -34.00
CA GLY A 299 48.58 -18.70 -33.94
C GLY A 299 48.56 -17.35 -33.24
N LEU A 300 47.58 -17.18 -32.35
CA LEU A 300 47.45 -15.99 -31.52
C LEU A 300 48.54 -15.99 -30.47
N LYS A 301 48.86 -14.81 -29.93
CA LYS A 301 49.86 -14.70 -28.87
C LYS A 301 49.58 -13.62 -27.85
N ALA A 302 49.96 -13.86 -26.60
CA ALA A 302 49.93 -12.81 -25.57
C ALA A 302 50.68 -11.58 -26.07
N GLY A 303 50.29 -10.40 -25.60
CA GLY A 303 50.89 -9.18 -26.12
C GLY A 303 50.35 -8.72 -27.47
N ASP A 304 49.59 -9.58 -28.16
CA ASP A 304 48.92 -9.18 -29.40
C ASP A 304 47.79 -8.21 -29.20
N ILE A 305 47.52 -7.42 -30.22
CA ILE A 305 46.42 -6.49 -30.16
C ILE A 305 45.40 -6.70 -31.26
N ILE A 306 44.27 -7.30 -30.89
CA ILE A 306 43.18 -7.57 -31.82
C ILE A 306 42.56 -6.27 -32.24
N THR A 307 42.41 -6.04 -33.55
CA THR A 307 41.82 -4.79 -34.04
C THR A 307 40.61 -5.01 -34.93
N GLN A 308 40.51 -6.20 -35.50
CA GLN A 308 39.33 -6.60 -36.26
C GLN A 308 39.01 -8.07 -36.02
N ILE A 309 37.72 -8.35 -35.90
CA ILE A 309 37.21 -9.70 -35.85
C ILE A 309 36.13 -9.76 -36.91
N ASN A 310 36.24 -10.69 -37.85
CA ASN A 310 35.38 -10.69 -39.02
C ASN A 310 35.25 -9.25 -39.51
N ASP A 311 34.04 -8.71 -39.59
CA ASP A 311 33.85 -7.34 -40.09
C ASP A 311 33.87 -6.32 -38.94
N THR A 312 33.26 -6.69 -37.83
CA THR A 312 33.34 -5.90 -36.61
C THR A 312 34.78 -5.45 -36.37
N LYS A 313 34.99 -4.14 -36.30
CA LYS A 313 36.28 -3.55 -35.94
C LYS A 313 36.32 -3.30 -34.43
N ILE A 314 37.39 -3.74 -33.77
CA ILE A 314 37.46 -3.71 -32.30
C ILE A 314 38.24 -2.49 -31.77
N THR A 315 37.53 -1.60 -31.10
CA THR A 315 38.14 -0.47 -30.40
C THR A 315 37.73 -0.50 -28.92
N GLN A 316 37.45 -1.69 -28.41
CA GLN A 316 36.94 -1.83 -27.07
C GLN A 316 37.07 -3.31 -26.72
N ALA A 317 37.77 -3.57 -25.64
CA ALA A 317 38.01 -4.93 -25.19
C ALA A 317 36.76 -5.82 -25.22
N THR A 318 35.58 -5.26 -24.96
CA THR A 318 34.37 -6.09 -24.82
C THR A 318 33.75 -6.46 -26.17
N GLN A 319 34.03 -5.63 -27.18
CA GLN A 319 33.62 -5.93 -28.55
C GLN A 319 34.02 -7.33 -28.95
N VAL A 320 35.02 -7.90 -28.27
CA VAL A 320 35.51 -9.23 -28.58
C VAL A 320 34.55 -10.31 -28.12
N LYS A 321 34.10 -10.25 -26.86
CA LYS A 321 33.18 -11.25 -26.32
C LYS A 321 31.83 -11.16 -27.01
N THR A 322 31.34 -9.95 -27.21
CA THR A 322 30.02 -9.84 -27.78
C THR A 322 30.05 -10.36 -29.19
N THR A 323 31.11 -10.07 -29.95
CA THR A 323 31.16 -10.50 -31.35
C THR A 323 31.13 -12.01 -31.43
N ILE A 324 32.09 -12.61 -30.72
CA ILE A 324 32.37 -14.03 -30.74
C ILE A 324 31.26 -14.87 -30.11
N SER A 325 30.65 -14.39 -29.04
CA SER A 325 29.62 -15.17 -28.32
C SER A 325 28.37 -15.46 -29.16
N LEU A 326 28.15 -14.67 -30.21
CA LEU A 326 27.08 -14.92 -31.16
C LEU A 326 27.37 -16.13 -32.08
N LEU A 327 28.57 -16.15 -32.66
CA LEU A 327 29.08 -17.22 -33.55
C LEU A 327 28.88 -18.66 -33.06
N ARG A 328 28.41 -19.52 -33.97
CA ARG A 328 28.01 -20.89 -33.68
C ARG A 328 29.27 -21.78 -33.63
N VAL A 329 29.27 -22.84 -32.85
CA VAL A 329 30.44 -23.75 -32.93
C VAL A 329 30.56 -24.33 -34.34
N GLY A 330 31.79 -24.32 -34.84
CA GLY A 330 32.07 -24.63 -36.23
C GLY A 330 32.50 -23.37 -36.97
N SER A 331 31.87 -22.25 -36.64
CA SER A 331 32.11 -20.98 -37.34
C SER A 331 33.60 -20.66 -37.52
N THR A 332 33.98 -20.06 -38.65
CA THR A 332 35.36 -19.61 -38.87
C THR A 332 35.51 -18.09 -38.64
N VAL A 333 36.40 -17.70 -37.72
CA VAL A 333 36.59 -16.29 -37.36
C VAL A 333 37.93 -15.67 -37.82
N LYS A 334 37.82 -14.62 -38.61
CA LYS A 334 39.00 -13.90 -39.04
C LYS A 334 39.37 -13.06 -37.83
N ILE A 335 40.64 -13.04 -37.48
CA ILE A 335 41.12 -12.19 -36.39
C ILE A 335 42.35 -11.43 -36.80
N ILE A 336 42.17 -10.15 -37.13
CA ILE A 336 43.31 -9.29 -37.44
C ILE A 336 43.90 -8.80 -36.13
N VAL A 337 45.22 -8.77 -36.11
CA VAL A 337 45.98 -8.52 -34.90
C VAL A 337 47.18 -7.59 -35.19
N GLU A 338 47.69 -6.95 -34.15
CA GLU A 338 48.95 -6.20 -34.26
C GLU A 338 50.00 -6.84 -33.32
N ARG A 339 51.08 -7.30 -33.90
CA ARG A 339 52.15 -7.93 -33.15
C ARG A 339 53.43 -7.19 -33.44
N ASP A 340 53.86 -6.42 -32.44
CA ASP A 340 55.06 -5.62 -32.52
C ASP A 340 55.09 -4.74 -33.75
N ASN A 341 53.91 -4.24 -34.11
CA ASN A 341 53.71 -3.20 -35.13
C ASN A 341 53.50 -3.66 -36.56
N LYS A 342 53.59 -4.96 -36.81
CA LYS A 342 53.12 -5.56 -38.07
C LYS A 342 51.69 -6.01 -37.81
N PRO A 343 50.85 -6.05 -38.86
CA PRO A 343 49.58 -6.72 -38.65
C PRO A 343 49.68 -8.18 -39.05
N LEU A 344 48.82 -9.01 -38.49
CA LEU A 344 48.72 -10.41 -38.89
C LEU A 344 47.25 -10.74 -39.02
N THR A 345 46.92 -11.69 -39.88
CA THR A 345 45.53 -12.16 -39.99
C THR A 345 45.47 -13.62 -39.60
N LEU A 346 44.74 -13.91 -38.53
CA LEU A 346 44.71 -15.27 -38.03
C LEU A 346 43.40 -15.90 -38.44
N SER A 347 43.25 -17.20 -38.24
CA SER A 347 41.94 -17.83 -38.40
C SER A 347 41.69 -18.93 -37.39
N ALA A 348 40.82 -18.66 -36.43
CA ALA A 348 40.48 -19.66 -35.42
C ALA A 348 39.15 -20.31 -35.76
N VAL A 349 38.91 -21.48 -35.18
CA VAL A 349 37.63 -22.15 -35.35
C VAL A 349 36.93 -22.30 -33.99
N VAL A 350 35.69 -21.85 -33.92
CA VAL A 350 34.87 -21.95 -32.72
C VAL A 350 34.60 -23.42 -32.42
N THR A 351 35.09 -23.91 -31.29
CA THR A 351 34.86 -25.29 -30.88
C THR A 351 34.03 -25.35 -29.59
N ASP A 352 33.43 -26.51 -29.32
CA ASP A 352 32.54 -26.66 -28.17
C ASP A 352 33.29 -26.98 -26.88
N ILE A 353 32.98 -26.24 -25.81
CA ILE A 353 33.64 -26.38 -24.51
C ILE A 353 33.68 -27.81 -23.97
N LYS A 354 32.56 -28.53 -24.05
CA LYS A 354 32.50 -29.92 -23.56
C LYS A 354 33.30 -30.88 -24.42
N SER A 355 33.34 -30.60 -25.72
CA SER A 355 34.21 -31.35 -26.61
C SER A 355 35.64 -31.08 -26.16
N HIS A 356 35.94 -29.81 -25.88
CA HIS A 356 37.30 -29.38 -25.54
C HIS A 356 37.78 -29.98 -24.22
N GLU A 357 36.90 -30.00 -23.23
CA GLU A 357 37.19 -30.67 -21.96
C GLU A 357 37.66 -32.10 -22.19
N GLN A 358 36.94 -32.85 -23.04
CA GLN A 358 37.21 -34.27 -23.25
C GLN A 358 38.65 -34.49 -23.68
N LYS A 359 39.08 -33.75 -24.69
CA LYS A 359 40.51 -33.62 -25.02
C LYS A 359 41.20 -32.98 -23.80
N LEU A 360 42.52 -32.84 -23.82
CA LEU A 360 43.28 -32.33 -22.64
C LEU A 360 43.07 -33.16 -21.38
N GLN A 361 41.83 -33.47 -21.06
CA GLN A 361 41.53 -34.49 -20.06
C GLN A 361 41.86 -35.87 -20.63
N SER A 362 41.61 -36.04 -21.93
CA SER A 362 42.02 -37.25 -22.64
C SER A 362 43.53 -37.18 -22.97
N ASN A 363 44.09 -35.97 -22.98
CA ASN A 363 45.52 -35.81 -23.14
C ASN A 363 46.26 -36.02 -21.82
N ASN A 364 45.73 -35.48 -20.72
CA ASN A 364 46.28 -35.69 -19.37
C ASN A 364 45.46 -36.73 -18.65
N PRO A 365 45.86 -38.01 -18.80
CA PRO A 365 44.88 -39.07 -18.50
C PRO A 365 44.39 -39.05 -17.05
N PHE A 366 45.30 -38.74 -16.11
CA PHE A 366 45.00 -38.82 -14.68
C PHE A 366 45.32 -37.54 -13.91
N LEU A 367 46.20 -36.72 -14.48
CA LEU A 367 46.77 -35.56 -13.75
C LEU A 367 45.97 -34.28 -13.97
N TYR A 368 45.18 -34.27 -15.03
CA TYR A 368 44.25 -33.19 -15.34
C TYR A 368 43.55 -32.67 -14.08
N GLY A 369 43.41 -31.35 -14.01
CA GLY A 369 42.64 -30.74 -12.93
C GLY A 369 43.38 -30.68 -11.62
N LEU A 370 44.71 -30.78 -11.69
CA LEU A 370 45.56 -30.73 -10.50
C LEU A 370 46.70 -29.73 -10.64
N ALA A 371 46.76 -28.79 -9.72
CA ALA A 371 47.91 -27.92 -9.57
C ALA A 371 49.05 -28.67 -8.85
N LEU A 372 50.22 -28.68 -9.48
CA LEU A 372 51.36 -29.43 -8.98
C LEU A 372 52.63 -28.59 -8.84
N ARG A 373 53.50 -29.00 -7.93
CA ARG A 373 54.83 -28.41 -7.77
C ARG A 373 55.78 -29.40 -7.07
N ALA A 374 57.06 -29.29 -7.39
CA ALA A 374 58.10 -30.11 -6.80
C ALA A 374 58.25 -29.75 -5.32
N PHE A 375 58.21 -30.77 -4.47
CA PHE A 375 58.19 -30.61 -3.02
C PHE A 375 59.38 -31.33 -2.40
N GLU A 376 60.00 -30.68 -1.42
CA GLU A 376 61.15 -31.23 -0.67
C GLU A 376 61.29 -30.55 0.68
N GLN A 377 61.08 -31.33 1.74
CA GLN A 377 60.94 -30.76 3.06
C GLN A 377 60.93 -31.89 4.08
N GLU A 378 61.53 -31.61 5.24
CA GLU A 378 61.66 -32.54 6.37
C GLU A 378 60.40 -32.52 7.22
N SER A 379 59.75 -33.68 7.35
CA SER A 379 58.39 -33.76 7.90
C SER A 379 58.20 -34.90 8.88
N PRO A 380 58.20 -34.61 10.21
CA PRO A 380 57.91 -35.67 11.20
C PRO A 380 56.65 -36.45 10.81
N PRO A 381 56.66 -37.80 10.95
CA PRO A 381 57.75 -38.59 11.42
C PRO A 381 58.49 -39.22 10.25
N HIS A 382 58.16 -38.77 9.04
CA HIS A 382 58.75 -39.33 7.82
C HIS A 382 60.23 -38.99 7.65
N GLY A 383 60.69 -37.87 8.21
CA GLY A 383 62.03 -37.35 7.91
C GLY A 383 62.00 -36.61 6.58
N ASN A 384 63.13 -36.53 5.88
CA ASN A 384 63.18 -35.84 4.58
C ASN A 384 62.29 -36.45 3.52
N VAL A 385 61.42 -35.62 2.97
CA VAL A 385 60.35 -36.05 2.08
C VAL A 385 60.42 -35.34 0.72
N ILE A 386 60.99 -36.03 -0.26
CA ILE A 386 60.99 -35.56 -1.62
C ILE A 386 59.79 -36.15 -2.33
N GLY A 387 59.02 -35.28 -2.98
CA GLY A 387 57.88 -35.73 -3.78
C GLY A 387 57.33 -34.57 -4.59
N VAL A 388 56.09 -34.72 -5.06
CA VAL A 388 55.35 -33.58 -5.62
C VAL A 388 54.09 -33.28 -4.83
N GLN A 389 53.88 -32.00 -4.55
CA GLN A 389 52.79 -31.54 -3.72
C GLN A 389 51.59 -31.22 -4.59
N VAL A 390 50.42 -31.71 -4.18
CA VAL A 390 49.14 -31.41 -4.82
C VAL A 390 48.62 -30.09 -4.22
N VAL A 391 48.79 -29.02 -4.98
CA VAL A 391 48.54 -27.68 -4.46
C VAL A 391 47.10 -27.25 -4.67
N GLY A 392 46.37 -28.00 -5.49
CA GLY A 392 44.92 -27.84 -5.65
C GLY A 392 44.38 -28.93 -6.54
N ALA A 393 43.07 -29.18 -6.47
CA ALA A 393 42.43 -30.17 -7.34
C ALA A 393 40.95 -29.90 -7.61
N SER A 394 40.60 -29.79 -8.89
CA SER A 394 39.21 -29.70 -9.32
C SER A 394 38.41 -30.86 -8.74
N GLU A 395 37.32 -30.56 -8.02
CA GLU A 395 36.51 -31.63 -7.40
C GLU A 395 35.90 -32.58 -8.47
N ASN A 396 36.03 -32.19 -9.73
CA ASN A 396 35.61 -33.02 -10.83
C ASN A 396 36.90 -33.49 -11.46
N SER A 397 37.59 -34.40 -10.78
CA SER A 397 38.84 -34.97 -11.30
C SER A 397 39.07 -36.42 -10.88
N ALA A 398 39.58 -37.20 -11.83
CA ALA A 398 39.99 -38.58 -11.57
C ALA A 398 40.82 -38.67 -10.29
N GLY A 399 41.60 -37.64 -10.02
CA GLY A 399 42.37 -37.57 -8.79
C GLY A 399 41.50 -37.33 -7.58
N TRP A 400 40.70 -36.27 -7.60
CA TRP A 400 39.89 -35.95 -6.42
C TRP A 400 39.04 -37.18 -6.12
N ARG A 401 38.33 -37.64 -7.16
CA ARG A 401 37.45 -38.79 -7.02
C ARG A 401 38.19 -40.09 -6.72
N ALA A 402 39.49 -40.13 -6.99
CA ALA A 402 40.33 -41.25 -6.56
C ALA A 402 40.79 -41.09 -5.11
N GLY A 403 40.58 -39.93 -4.51
CA GLY A 403 40.90 -39.73 -3.11
C GLY A 403 41.82 -38.56 -2.78
N ILE A 404 42.48 -38.02 -3.82
CA ILE A 404 43.50 -36.97 -3.61
C ILE A 404 42.95 -35.62 -3.19
N ARG A 405 43.61 -35.01 -2.21
CA ARG A 405 43.18 -33.73 -1.66
C ARG A 405 44.40 -32.78 -1.54
N PRO A 406 44.15 -31.46 -1.57
CA PRO A 406 45.19 -30.41 -1.52
C PRO A 406 46.07 -30.41 -0.27
N GLY A 407 47.36 -30.68 -0.46
CA GLY A 407 48.29 -30.84 0.65
C GLY A 407 48.98 -32.19 0.58
N ASP A 408 48.29 -33.19 0.02
CA ASP A 408 48.87 -34.49 -0.28
C ASP A 408 50.18 -34.35 -1.01
N ILE A 409 51.15 -35.17 -0.63
CA ILE A 409 52.40 -35.24 -1.35
C ILE A 409 52.40 -36.57 -2.07
N ILE A 410 52.38 -36.54 -3.39
CA ILE A 410 52.66 -37.75 -4.14
C ILE A 410 54.18 -37.98 -4.08
N ILE A 411 54.59 -39.21 -3.77
CA ILE A 411 56.01 -39.61 -3.81
C ILE A 411 56.30 -40.86 -4.62
N SER A 412 55.24 -41.54 -5.09
CA SER A 412 55.35 -42.70 -5.97
C SER A 412 54.15 -42.90 -6.89
N ALA A 413 54.43 -43.26 -8.12
CA ALA A 413 53.41 -43.72 -9.03
C ALA A 413 53.88 -45.00 -9.75
N ASN A 414 52.99 -45.99 -9.77
CA ASN A 414 53.27 -47.32 -10.28
C ASN A 414 54.65 -47.86 -9.86
N LYS A 415 54.94 -47.71 -8.56
CA LYS A 415 56.10 -48.31 -7.90
C LYS A 415 57.43 -47.67 -8.25
N LYS A 416 57.39 -46.61 -9.06
CA LYS A 416 58.58 -45.82 -9.35
C LYS A 416 58.48 -44.60 -8.46
N PRO A 417 59.62 -44.12 -7.92
CA PRO A 417 59.60 -42.89 -7.12
C PRO A 417 59.15 -41.68 -7.93
N VAL A 418 59.04 -40.53 -7.28
CA VAL A 418 58.62 -39.29 -7.90
C VAL A 418 59.36 -38.12 -7.24
N THR A 419 59.92 -37.23 -8.05
CA THR A 419 60.81 -36.23 -7.53
C THR A 419 60.40 -34.82 -7.89
N ASP A 420 60.30 -34.53 -9.17
CA ASP A 420 59.73 -33.29 -9.63
C ASP A 420 58.42 -33.55 -10.36
N VAL A 421 57.83 -32.50 -10.95
CA VAL A 421 56.54 -32.63 -11.59
C VAL A 421 56.67 -33.35 -12.92
N LYS A 422 57.83 -33.23 -13.56
CA LYS A 422 58.08 -33.85 -14.86
C LYS A 422 58.11 -35.36 -14.69
N SER A 423 58.71 -35.80 -13.60
CA SER A 423 58.89 -37.22 -13.31
C SER A 423 57.55 -37.92 -13.14
N LEU A 424 56.60 -37.24 -12.53
CA LEU A 424 55.27 -37.78 -12.30
C LEU A 424 54.49 -37.86 -13.59
N GLN A 425 54.56 -36.78 -14.38
CA GLN A 425 53.88 -36.70 -15.67
C GLN A 425 54.40 -37.74 -16.63
N THR A 426 55.68 -38.10 -16.47
CA THR A 426 56.33 -39.17 -17.24
C THR A 426 55.69 -40.52 -16.98
N ILE A 427 55.60 -40.90 -15.70
CA ILE A 427 54.93 -42.14 -15.27
C ILE A 427 53.48 -42.15 -15.77
N ALA A 428 52.79 -41.06 -15.48
CA ALA A 428 51.37 -40.86 -15.78
C ALA A 428 50.96 -41.35 -17.17
N GLN A 429 51.90 -41.24 -18.12
CA GLN A 429 51.69 -41.63 -19.51
C GLN A 429 51.67 -43.15 -19.74
N GLU A 430 52.09 -43.92 -18.74
CA GLU A 430 51.92 -45.38 -18.79
C GLU A 430 50.51 -45.70 -19.26
N LYS A 431 50.40 -46.26 -20.48
CA LYS A 431 49.10 -46.56 -21.11
C LYS A 431 48.42 -47.65 -20.32
N LYS A 432 47.88 -47.25 -19.19
CA LYS A 432 47.19 -48.14 -18.30
C LYS A 432 45.88 -47.47 -17.93
N LYS A 433 44.84 -48.27 -17.79
CA LYS A 433 43.54 -47.77 -17.34
C LYS A 433 43.63 -47.11 -15.94
N GLU A 434 44.84 -47.06 -15.40
CA GLU A 434 45.06 -46.77 -13.96
C GLU A 434 46.41 -46.13 -13.62
N LEU A 435 46.44 -45.43 -12.49
CA LEU A 435 47.66 -44.94 -11.90
C LEU A 435 47.64 -45.15 -10.37
N LEU A 436 48.57 -45.98 -9.87
CA LEU A 436 48.64 -46.25 -8.45
C LEU A 436 49.47 -45.15 -7.83
N VAL A 437 48.93 -44.53 -6.80
CA VAL A 437 49.59 -43.39 -6.21
C VAL A 437 49.82 -43.60 -4.73
N GLN A 438 51.05 -43.36 -4.30
CA GLN A 438 51.33 -43.31 -2.90
C GLN A 438 51.38 -41.87 -2.43
N VAL A 439 50.37 -41.46 -1.66
CA VAL A 439 50.41 -40.14 -1.06
C VAL A 439 50.63 -40.18 0.44
N LEU A 440 51.63 -39.42 0.87
CA LEU A 440 51.77 -38.98 2.25
C LEU A 440 50.77 -37.86 2.41
N ARG A 441 50.24 -37.73 3.62
CA ARG A 441 49.26 -36.70 3.97
C ARG A 441 49.53 -36.41 5.44
N GLY A 442 50.08 -35.23 5.71
CA GLY A 442 50.47 -34.85 7.08
C GLY A 442 51.41 -35.89 7.67
N PRO A 443 50.98 -36.60 8.74
CA PRO A 443 51.80 -37.66 9.32
C PRO A 443 51.48 -39.05 8.78
N GLY A 444 50.42 -39.17 7.96
CA GLY A 444 49.95 -40.47 7.44
C GLY A 444 50.27 -40.73 5.98
N SER A 445 49.97 -41.93 5.50
CA SER A 445 50.36 -42.33 4.14
C SER A 445 49.49 -43.41 3.58
N MET A 446 48.74 -43.06 2.55
CA MET A 446 47.77 -43.95 1.95
C MET A 446 48.11 -44.25 0.48
N TYR A 447 47.68 -45.40 0.00
CA TYR A 447 47.67 -45.69 -1.43
C TYR A 447 46.27 -45.44 -1.99
N LEU A 448 46.25 -44.78 -3.15
CA LEU A 448 45.02 -44.40 -3.85
C LEU A 448 45.15 -44.82 -5.29
N LEU A 449 44.10 -45.35 -5.90
CA LEU A 449 44.18 -45.79 -7.30
C LEU A 449 43.46 -44.80 -8.23
N VAL A 450 44.18 -44.17 -9.16
CA VAL A 450 43.57 -43.17 -10.04
C VAL A 450 43.18 -43.79 -11.36
N ILE A 451 41.87 -43.83 -11.61
CA ILE A 451 41.34 -44.31 -12.89
C ILE A 451 40.76 -43.17 -13.68
N MET B 18 15.97 12.81 -40.73
CA MET B 18 15.31 13.16 -39.44
C MET B 18 16.00 14.39 -38.80
N PRO B 19 15.46 14.88 -37.66
CA PRO B 19 16.29 15.76 -36.81
C PRO B 19 16.96 14.92 -35.72
N SER B 20 18.17 15.31 -35.30
CA SER B 20 18.87 14.60 -34.22
C SER B 20 19.66 15.55 -33.33
N MET B 21 19.88 15.13 -32.09
CA MET B 21 20.83 15.77 -31.22
C MET B 21 22.25 15.25 -31.46
N ALA B 22 22.33 14.05 -32.04
CA ALA B 22 23.62 13.42 -32.35
C ALA B 22 24.64 14.36 -32.97
N PRO B 23 24.24 15.13 -34.00
CA PRO B 23 25.22 16.00 -34.65
C PRO B 23 25.93 16.96 -33.71
N VAL B 24 25.18 17.64 -32.84
CA VAL B 24 25.77 18.62 -31.93
C VAL B 24 26.47 17.93 -30.76
N LEU B 25 26.02 16.72 -30.45
CA LEU B 25 26.64 15.94 -29.39
C LEU B 25 28.01 15.38 -29.74
N LYS B 26 28.19 14.89 -30.98
CA LYS B 26 29.46 14.32 -31.43
C LYS B 26 30.63 15.28 -31.12
N ASN B 27 30.40 16.58 -31.31
CA ASN B 27 31.42 17.62 -31.14
C ASN B 27 31.87 18.04 -29.71
N ILE B 28 31.09 17.71 -28.69
CA ILE B 28 31.34 18.24 -27.34
C ILE B 28 31.62 17.15 -26.29
N MET B 29 31.13 15.94 -26.56
CA MET B 29 31.18 14.85 -25.62
C MET B 29 32.56 14.65 -24.96
N PRO B 30 33.66 14.82 -25.72
CA PRO B 30 34.95 14.66 -25.09
C PRO B 30 35.20 15.71 -24.00
N ALA B 31 34.52 16.85 -24.06
CA ALA B 31 34.66 17.86 -23.03
C ALA B 31 34.23 17.35 -21.67
N ILE B 32 33.41 16.32 -21.66
CA ILE B 32 32.90 15.80 -20.41
C ILE B 32 33.80 14.70 -19.93
N VAL B 33 34.27 14.83 -18.71
CA VAL B 33 35.22 13.87 -18.16
C VAL B 33 34.62 13.01 -17.06
N ASN B 34 35.49 12.28 -16.39
CA ASN B 34 35.08 11.28 -15.45
C ASN B 34 35.88 11.50 -14.16
N VAL B 35 35.20 11.97 -13.11
CA VAL B 35 35.94 12.25 -11.88
C VAL B 35 35.85 11.09 -10.90
N ALA B 36 37.03 10.63 -10.48
CA ALA B 36 37.16 9.59 -9.46
C ALA B 36 37.95 10.16 -8.29
N VAL B 37 37.30 10.19 -7.13
CA VAL B 37 37.91 10.64 -5.89
C VAL B 37 38.19 9.42 -5.03
N GLN B 38 39.40 9.34 -4.49
CA GLN B 38 39.70 8.43 -3.40
C GLN B 38 40.19 9.23 -2.20
N GLY B 39 39.80 8.77 -1.02
CA GLY B 39 40.13 9.44 0.24
C GLY B 39 39.54 8.73 1.45
N TYR B 40 39.41 9.49 2.55
CA TYR B 40 39.05 8.95 3.88
C TYR B 40 37.90 9.70 4.56
N LYS B 74 37.17 5.02 5.31
CA LYS B 74 37.52 5.38 3.93
C LYS B 74 36.41 5.06 2.92
N PHE B 75 36.57 5.52 1.67
CA PHE B 75 35.49 5.58 0.68
C PHE B 75 36.07 5.83 -0.71
N GLU B 76 35.31 5.42 -1.72
CA GLU B 76 35.65 5.71 -3.11
C GLU B 76 34.43 6.40 -3.71
N SER B 77 34.54 7.72 -3.89
CA SER B 77 33.47 8.53 -4.45
C SER B 77 33.71 8.73 -5.93
N ILE B 78 32.66 8.63 -6.75
CA ILE B 78 32.75 8.90 -8.20
C ILE B 78 31.69 9.86 -8.77
N GLY B 79 32.11 10.80 -9.63
CA GLY B 79 31.20 11.67 -10.37
C GLY B 79 31.67 12.05 -11.78
N SER B 80 31.29 13.26 -12.21
CA SER B 80 31.59 13.81 -13.53
C SER B 80 32.21 15.20 -13.43
N GLY B 81 32.92 15.59 -14.48
CA GLY B 81 33.52 16.91 -14.56
C GLY B 81 33.43 17.40 -15.98
N VAL B 82 33.71 18.68 -16.17
CA VAL B 82 33.63 19.28 -17.50
C VAL B 82 34.86 20.14 -17.80
N ILE B 83 35.51 19.84 -18.91
CA ILE B 83 36.64 20.63 -19.36
C ILE B 83 36.10 21.98 -19.87
N ILE B 84 36.53 23.05 -19.20
CA ILE B 84 36.18 24.39 -19.70
C ILE B 84 37.31 25.03 -20.51
N ASP B 85 38.54 24.57 -20.32
CA ASP B 85 39.70 25.16 -20.99
C ASP B 85 40.64 24.13 -21.60
N PRO B 86 40.56 23.94 -22.94
CA PRO B 86 41.34 22.94 -23.65
C PRO B 86 42.81 23.20 -23.46
N ASN B 87 43.18 24.47 -23.56
CA ASN B 87 44.55 24.93 -23.48
C ASN B 87 45.19 24.75 -22.12
N ASN B 88 44.49 25.10 -21.05
CA ASN B 88 45.12 25.01 -19.74
C ASN B 88 44.75 23.75 -18.95
N GLY B 89 43.70 23.05 -19.36
CA GLY B 89 43.34 21.79 -18.72
C GLY B 89 42.59 22.04 -17.42
N VAL B 90 41.63 22.95 -17.50
CA VAL B 90 40.78 23.31 -16.35
C VAL B 90 39.43 22.56 -16.39
N ILE B 91 39.19 21.77 -15.34
CA ILE B 91 37.97 21.00 -15.23
C ILE B 91 37.19 21.48 -14.04
N ILE B 92 35.88 21.72 -14.24
CA ILE B 92 34.95 22.05 -13.17
C ILE B 92 34.13 20.83 -12.79
N THR B 93 34.04 20.55 -11.49
CA THR B 93 33.07 19.62 -10.91
C THR B 93 32.43 20.26 -9.64
N ASN B 94 31.65 19.51 -8.85
CA ASN B 94 30.95 20.03 -7.65
C ASN B 94 31.76 19.79 -6.38
N ASP B 95 31.96 20.81 -5.54
CA ASP B 95 32.87 20.63 -4.40
C ASP B 95 32.68 19.24 -3.75
N HIS B 96 31.40 18.84 -3.61
CA HIS B 96 31.09 17.62 -2.85
C HIS B 96 31.61 16.32 -3.46
N VAL B 97 31.64 16.22 -4.79
CA VAL B 97 32.30 15.08 -5.46
C VAL B 97 33.75 14.89 -4.97
N ILE B 98 34.45 16.01 -4.73
CA ILE B 98 35.89 15.97 -4.43
C ILE B 98 36.26 16.24 -2.98
N ARG B 99 35.29 16.59 -2.15
CA ARG B 99 35.60 16.77 -0.72
C ARG B 99 36.28 15.51 -0.18
N ASN B 100 37.36 15.71 0.59
CA ASN B 100 38.03 14.66 1.37
C ASN B 100 38.87 13.69 0.53
N ALA B 101 39.38 14.23 -0.58
CA ALA B 101 40.06 13.45 -1.58
C ALA B 101 41.56 13.33 -1.34
N SER B 102 42.02 12.09 -1.21
CA SER B 102 43.44 11.79 -1.35
C SER B 102 43.81 11.85 -2.84
N LEU B 103 43.27 10.95 -3.67
CA LEU B 103 43.49 11.05 -5.11
C LEU B 103 42.27 11.52 -5.88
N ILE B 104 42.52 12.30 -6.91
CA ILE B 104 41.47 12.70 -7.83
C ILE B 104 41.96 12.37 -9.23
N THR B 105 41.52 11.24 -9.77
CA THR B 105 41.91 10.86 -11.13
C THR B 105 40.76 11.08 -12.11
N VAL B 106 41.11 11.65 -13.25
CA VAL B 106 40.17 12.06 -14.29
C VAL B 106 40.33 11.16 -15.54
N THR B 107 39.26 10.54 -16.01
CA THR B 107 39.32 9.79 -17.27
C THR B 107 38.68 10.49 -18.46
N LEU B 108 39.47 10.75 -19.51
CA LEU B 108 38.98 11.38 -20.75
C LEU B 108 38.17 10.39 -21.61
N GLN B 109 37.58 10.90 -22.69
CA GLN B 109 36.91 10.03 -23.62
C GLN B 109 37.95 9.19 -24.30
N ASP B 110 38.91 9.86 -24.93
CA ASP B 110 40.05 9.20 -25.58
C ASP B 110 40.64 8.03 -24.78
N GLY B 111 40.43 8.02 -23.47
CA GLY B 111 40.78 6.88 -22.65
C GLY B 111 41.84 7.12 -21.59
N ARG B 112 42.48 8.30 -21.60
CA ARG B 112 43.55 8.62 -20.65
C ARG B 112 43.04 8.59 -19.22
N ARG B 113 43.92 8.26 -18.28
CA ARG B 113 43.65 8.48 -16.84
C ARG B 113 44.66 9.53 -16.44
N LEU B 114 44.23 10.55 -15.70
CA LEU B 114 45.09 11.69 -15.36
C LEU B 114 44.89 12.16 -13.92
N LYS B 115 46.00 12.47 -13.26
CA LYS B 115 45.97 12.96 -11.89
C LYS B 115 45.57 14.43 -11.92
N ALA B 116 44.41 14.73 -11.36
CA ALA B 116 43.90 16.09 -11.36
C ALA B 116 44.49 16.82 -10.18
N ARG B 117 44.48 18.15 -10.26
CA ARG B 117 44.92 18.99 -9.17
C ARG B 117 43.83 19.92 -8.69
N LEU B 118 43.70 20.04 -7.38
CA LEU B 118 42.67 20.87 -6.75
C LEU B 118 43.14 22.31 -6.62
N ILE B 119 42.75 23.17 -7.57
CA ILE B 119 43.09 24.60 -7.46
C ILE B 119 42.36 25.25 -6.28
N GLY B 120 41.21 24.68 -5.92
CA GLY B 120 40.39 25.14 -4.80
C GLY B 120 38.93 24.77 -4.97
N GLY B 121 38.19 24.76 -3.87
CA GLY B 121 36.77 24.45 -3.86
C GLY B 121 36.00 25.51 -3.11
N ASP B 122 34.68 25.35 -3.07
CA ASP B 122 33.75 26.25 -2.37
C ASP B 122 32.43 25.56 -2.09
N SER B 123 32.35 24.87 -0.96
CA SER B 123 31.17 24.05 -0.62
C SER B 123 29.88 24.84 -0.59
N GLU B 124 29.99 26.17 -0.56
CA GLU B 124 28.80 27.04 -0.56
C GLU B 124 28.04 26.94 -1.87
N THR B 125 28.75 27.27 -2.94
CA THR B 125 28.27 27.07 -4.30
C THR B 125 28.40 25.62 -4.72
N ASP B 126 29.18 24.85 -3.95
CA ASP B 126 29.49 23.47 -4.25
C ASP B 126 30.07 23.32 -5.66
N LEU B 127 31.10 24.11 -5.95
CA LEU B 127 31.85 24.02 -7.18
C LEU B 127 33.31 23.88 -6.83
N ALA B 128 34.01 23.02 -7.57
CA ALA B 128 35.47 22.87 -7.45
C ALA B 128 36.16 23.31 -8.76
N VAL B 129 37.47 23.54 -8.71
CA VAL B 129 38.27 23.71 -9.93
C VAL B 129 39.47 22.78 -9.90
N LEU B 130 39.65 22.05 -11.00
CA LEU B 130 40.68 21.04 -11.12
C LEU B 130 41.54 21.30 -12.35
N LYS B 131 42.84 21.07 -12.22
CA LYS B 131 43.76 21.26 -13.34
C LYS B 131 44.37 19.92 -13.72
N ILE B 132 44.35 19.62 -15.02
CA ILE B 132 45.07 18.47 -15.53
C ILE B 132 46.14 18.87 -16.54
N ASP B 133 47.34 18.32 -16.35
CA ASP B 133 48.45 18.50 -17.28
C ASP B 133 48.20 17.61 -18.50
N ALA B 134 47.54 18.14 -19.52
CA ALA B 134 47.34 17.34 -20.73
C ALA B 134 47.18 18.13 -22.02
N LYS B 135 47.88 17.63 -23.02
CA LYS B 135 47.97 18.27 -24.31
C LYS B 135 46.82 17.74 -25.11
N ASN B 136 46.44 18.48 -26.15
CA ASN B 136 45.48 17.95 -27.10
C ASN B 136 44.18 17.57 -26.34
N LEU B 137 43.44 18.60 -25.95
CA LEU B 137 42.19 18.47 -25.19
C LEU B 137 41.05 19.21 -25.88
N LYS B 138 39.83 18.75 -25.67
CA LYS B 138 38.64 19.34 -26.29
C LYS B 138 37.70 20.00 -25.25
N SER B 139 37.11 21.13 -25.60
CA SER B 139 36.12 21.76 -24.74
C SER B 139 34.83 21.92 -25.52
N LEU B 140 34.12 23.01 -25.22
CA LEU B 140 32.82 23.33 -25.80
C LEU B 140 32.51 24.77 -25.54
N VAL B 141 31.78 25.45 -26.44
CA VAL B 141 31.55 26.89 -26.26
C VAL B 141 30.80 27.13 -24.95
N ILE B 142 31.28 28.08 -24.15
CA ILE B 142 30.59 28.44 -22.92
C ILE B 142 29.48 29.42 -23.30
N GLY B 143 28.26 29.11 -22.89
CA GLY B 143 27.11 29.92 -23.29
C GLY B 143 26.60 30.84 -22.20
N ASP B 144 25.46 31.47 -22.44
CA ASP B 144 24.93 32.48 -21.52
C ASP B 144 23.67 32.02 -20.77
N SER B 145 23.81 31.83 -19.45
CA SER B 145 22.71 31.39 -18.60
C SER B 145 21.50 32.31 -18.69
N ASP B 146 21.75 33.60 -18.93
CA ASP B 146 20.70 34.61 -18.97
C ASP B 146 19.73 34.44 -20.16
N LYS B 147 20.24 34.07 -21.35
CA LYS B 147 19.40 33.87 -22.54
C LYS B 147 18.35 32.77 -22.37
N LEU B 148 18.65 31.82 -21.51
CA LEU B 148 17.80 30.65 -21.28
C LEU B 148 16.34 30.95 -20.97
N GLU B 149 15.45 30.41 -21.79
CA GLU B 149 14.03 30.50 -21.56
C GLU B 149 13.42 29.14 -21.21
N VAL B 150 12.44 29.14 -20.32
CA VAL B 150 11.71 27.91 -20.03
C VAL B 150 11.08 27.37 -21.32
N GLY B 151 11.29 26.09 -21.60
CA GLY B 151 10.79 25.49 -22.82
C GLY B 151 11.91 25.25 -23.81
N ASP B 152 13.10 25.72 -23.46
CA ASP B 152 14.28 25.43 -24.26
C ASP B 152 14.68 24.00 -24.07
N PHE B 153 15.03 23.35 -25.18
CA PHE B 153 15.53 21.97 -25.18
C PHE B 153 16.94 21.94 -24.60
N VAL B 154 17.24 20.91 -23.81
CA VAL B 154 18.60 20.76 -23.27
C VAL B 154 19.01 19.30 -23.14
N VAL B 155 20.32 19.04 -23.04
CA VAL B 155 20.86 17.70 -22.88
C VAL B 155 21.84 17.63 -21.69
N ALA B 156 21.74 16.58 -20.88
CA ALA B 156 22.61 16.44 -19.71
C ALA B 156 23.63 15.37 -19.97
N ILE B 157 24.91 15.73 -19.93
CA ILE B 157 26.00 14.77 -20.10
C ILE B 157 26.71 14.57 -18.76
N GLY B 158 27.52 13.52 -18.67
CA GLY B 158 28.17 13.08 -17.42
C GLY B 158 27.89 11.60 -17.14
N ASN B 159 28.47 11.06 -16.07
CA ASN B 159 28.37 9.60 -15.84
C ASN B 159 27.73 9.09 -14.51
N PRO B 160 26.46 8.70 -14.56
CA PRO B 160 25.83 7.96 -13.45
C PRO B 160 26.11 6.47 -13.47
N PHE B 161 26.99 5.98 -12.58
CA PHE B 161 27.40 4.55 -12.55
C PHE B 161 28.39 4.10 -13.74
N GLY B 162 27.86 3.61 -14.88
CA GLY B 162 28.66 3.04 -16.00
C GLY B 162 29.64 3.99 -16.69
N LEU B 163 30.76 3.48 -17.24
CA LEU B 163 31.90 4.38 -17.64
C LEU B 163 31.50 5.48 -18.64
N SER B 169 33.54 6.71 -23.30
CA SER B 169 32.10 6.89 -23.52
C SER B 169 31.20 7.16 -22.24
N GLN B 170 30.38 8.20 -22.32
CA GLN B 170 29.59 8.71 -21.20
C GLN B 170 28.13 8.73 -21.62
N SER B 171 27.24 8.87 -20.62
CA SER B 171 25.82 8.66 -20.84
C SER B 171 25.05 9.97 -20.87
N ALA B 172 24.46 10.29 -22.03
CA ALA B 172 23.73 11.53 -22.24
C ALA B 172 22.21 11.38 -22.10
N THR B 173 21.54 12.42 -21.61
CA THR B 173 20.09 12.40 -21.42
C THR B 173 19.39 13.68 -21.90
N PHE B 174 18.15 13.54 -22.39
CA PHE B 174 17.38 14.62 -23.02
C PHE B 174 16.27 15.07 -22.08
N GLY B 175 15.78 16.30 -22.29
CA GLY B 175 14.79 16.95 -21.42
C GLY B 175 14.60 18.40 -21.86
N ILE B 176 14.04 19.25 -20.98
CA ILE B 176 13.93 20.70 -21.27
C ILE B 176 14.13 21.54 -20.01
N VAL B 177 14.35 22.84 -20.18
CA VAL B 177 14.39 23.80 -19.07
C VAL B 177 12.98 23.93 -18.45
N SER B 178 12.87 23.43 -17.22
CA SER B 178 11.59 23.34 -16.51
C SER B 178 11.24 24.65 -15.86
N ALA B 179 12.16 25.19 -15.07
CA ALA B 179 12.01 26.48 -14.45
C ALA B 179 13.40 27.04 -14.19
N LEU B 180 13.47 28.34 -13.93
CA LEU B 180 14.74 29.03 -13.62
C LEU B 180 14.80 29.61 -12.19
N LYS B 181 16.01 29.97 -11.78
CA LYS B 181 16.25 30.67 -10.52
C LYS B 181 15.64 30.05 -9.26
N ARG B 182 15.55 28.72 -9.15
CA ARG B 182 15.04 28.14 -7.92
C ARG B 182 16.08 28.31 -6.82
N SER B 183 15.86 29.31 -5.95
CA SER B 183 16.81 29.63 -4.88
C SER B 183 16.29 29.44 -3.45
N ASP B 184 15.03 29.03 -3.31
CA ASP B 184 14.35 28.89 -2.00
C ASP B 184 14.95 27.79 -1.12
N LEU B 185 14.94 26.58 -1.67
CA LEU B 185 15.32 25.31 -1.02
C LEU B 185 16.71 25.25 -0.38
N ASN B 186 16.85 24.32 0.54
CA ASN B 186 18.07 24.17 1.33
C ASN B 186 18.62 22.75 1.27
N GLU B 191 19.55 28.45 -3.98
CA GLU B 191 20.66 29.26 -4.47
C GLU B 191 20.79 29.25 -5.99
N ASN B 192 19.69 29.56 -6.68
CA ASN B 192 19.72 30.00 -8.11
C ASN B 192 19.72 28.98 -9.28
N PHE B 193 19.45 27.71 -9.00
CA PHE B 193 19.52 26.62 -9.99
C PHE B 193 18.62 26.74 -11.20
N ILE B 194 19.05 26.12 -12.30
CA ILE B 194 18.14 25.75 -13.38
C ILE B 194 17.45 24.46 -12.96
N GLN B 195 16.17 24.32 -13.27
CA GLN B 195 15.43 23.10 -12.97
C GLN B 195 15.07 22.39 -14.30
N THR B 196 15.36 21.09 -14.41
CA THR B 196 15.18 20.35 -15.68
C THR B 196 14.64 18.93 -15.54
N ASP B 197 13.95 18.48 -16.59
CA ASP B 197 13.45 17.12 -16.62
C ASP B 197 14.29 16.21 -17.47
N ALA B 198 15.45 16.68 -17.93
CA ALA B 198 16.51 15.76 -18.37
C ALA B 198 16.91 14.86 -17.19
N ALA B 199 16.87 13.54 -17.39
CA ALA B 199 17.17 12.60 -16.31
C ALA B 199 18.57 12.84 -15.86
N ILE B 200 18.76 12.92 -14.55
CA ILE B 200 20.09 13.05 -13.95
C ILE B 200 20.11 12.34 -12.59
N ASN B 201 21.13 11.49 -12.40
CA ASN B 201 21.21 10.60 -11.24
C ASN B 201 22.61 10.59 -10.63
N PRO B 202 22.77 9.95 -9.44
CA PRO B 202 24.08 9.78 -8.84
C PRO B 202 25.15 9.42 -9.85
N GLY B 203 26.17 10.26 -9.95
CA GLY B 203 27.28 10.03 -10.85
C GLY B 203 27.26 11.19 -11.81
N ASN B 204 26.05 11.64 -12.12
CA ASN B 204 25.83 12.73 -13.06
C ASN B 204 26.49 14.05 -12.64
N ALA B 205 26.64 14.25 -11.33
CA ALA B 205 27.04 15.54 -10.76
C ALA B 205 28.43 15.99 -11.16
N GLY B 206 28.53 17.26 -11.54
CA GLY B 206 29.75 17.82 -12.09
C GLY B 206 29.75 17.72 -13.61
N GLY B 207 28.73 17.05 -14.16
CA GLY B 207 28.55 16.91 -15.61
C GLY B 207 28.03 18.18 -16.23
N ALA B 208 27.75 18.13 -17.53
CA ALA B 208 27.38 19.33 -18.25
C ALA B 208 25.90 19.38 -18.50
N LEU B 209 25.41 20.60 -18.70
CA LEU B 209 24.05 20.83 -19.17
C LEU B 209 24.14 21.82 -20.33
N VAL B 210 23.68 21.40 -21.50
CA VAL B 210 23.85 22.19 -22.72
C VAL B 210 22.55 22.51 -23.44
N ASN B 211 22.52 23.63 -24.17
CA ASN B 211 21.38 23.93 -25.05
C ASN B 211 21.48 23.14 -26.35
N ALA B 212 20.46 23.25 -27.21
CA ALA B 212 20.52 22.60 -28.54
C ALA B 212 21.76 22.96 -29.40
N LYS B 213 22.37 24.10 -29.14
CA LYS B 213 23.58 24.49 -29.88
C LYS B 213 24.83 23.82 -29.29
N GLY B 214 24.63 23.02 -28.24
CA GLY B 214 25.73 22.31 -27.57
C GLY B 214 26.70 23.25 -26.92
N GLU B 215 26.17 24.25 -26.21
CA GLU B 215 26.97 25.20 -25.46
C GLU B 215 26.69 24.98 -23.99
N LEU B 216 27.76 25.00 -23.20
CA LEU B 216 27.62 24.84 -21.75
C LEU B 216 26.78 25.95 -21.11
N ILE B 217 25.63 25.59 -20.55
CA ILE B 217 24.83 26.56 -19.81
C ILE B 217 24.51 26.18 -18.36
N GLY B 218 25.10 25.08 -17.87
CA GLY B 218 24.89 24.65 -16.50
C GLY B 218 25.75 23.47 -16.17
N ILE B 219 25.96 23.25 -14.86
CA ILE B 219 26.69 22.08 -14.36
C ILE B 219 25.79 21.37 -13.36
N ASN B 220 25.56 20.07 -13.57
CA ASN B 220 24.50 19.34 -12.82
C ASN B 220 24.89 18.96 -11.40
N THR B 221 23.97 19.15 -10.47
CA THR B 221 24.34 19.14 -9.06
C THR B 221 23.47 18.32 -8.09
N ALA B 222 22.15 18.50 -8.17
CA ALA B 222 21.24 17.88 -7.20
C ALA B 222 19.94 17.51 -7.85
N ILE B 223 19.08 16.85 -7.05
CA ILE B 223 17.79 16.34 -7.53
C ILE B 223 16.76 16.36 -6.39
N LEU B 224 15.53 16.79 -6.69
CA LEU B 224 14.40 16.46 -5.80
C LEU B 224 14.02 15.01 -6.07
N SER B 225 13.77 14.27 -5.00
CA SER B 225 13.61 12.82 -5.08
C SER B 225 13.01 12.27 -3.80
N PRO B 226 11.71 11.92 -3.82
CA PRO B 226 11.10 11.28 -2.66
C PRO B 226 11.97 10.13 -2.17
N TYR B 227 12.19 9.15 -3.04
CA TYR B 227 12.93 7.96 -2.63
C TYR B 227 14.38 7.96 -3.12
N GLY B 228 14.98 9.14 -3.27
CA GLY B 228 16.37 9.22 -3.71
C GLY B 228 16.56 8.73 -5.13
N GLY B 229 15.47 8.34 -5.80
CA GLY B 229 15.51 8.04 -7.25
C GLY B 229 15.18 9.28 -8.10
N ASN B 230 15.59 9.24 -9.37
CA ASN B 230 15.25 10.31 -10.32
C ASN B 230 13.78 10.33 -10.69
N VAL B 231 13.09 11.34 -10.20
CA VAL B 231 11.85 11.78 -10.80
C VAL B 231 12.32 12.90 -11.71
N GLY B 232 11.46 13.39 -12.59
CA GLY B 232 11.86 14.41 -13.57
C GLY B 232 12.31 15.79 -13.06
N ILE B 233 12.67 15.89 -11.79
CA ILE B 233 13.11 17.16 -11.21
C ILE B 233 14.60 17.11 -10.89
N GLY B 234 15.38 17.85 -11.65
CA GLY B 234 16.81 17.87 -11.47
C GLY B 234 17.28 19.29 -11.61
N PHE B 235 18.44 19.57 -10.99
CA PHE B 235 18.96 20.95 -10.80
C PHE B 235 20.40 21.17 -11.25
N ALA B 236 20.60 22.24 -12.04
CA ALA B 236 21.94 22.60 -12.55
C ALA B 236 22.36 24.04 -12.21
N ILE B 237 23.62 24.22 -11.82
CA ILE B 237 24.16 25.56 -11.59
C ILE B 237 24.27 26.36 -12.88
N PRO B 238 23.74 27.58 -12.89
CA PRO B 238 23.81 28.35 -14.13
C PRO B 238 25.25 28.72 -14.39
N ILE B 239 25.59 28.88 -15.66
CA ILE B 239 27.01 28.88 -16.02
C ILE B 239 27.71 30.18 -15.66
N ASN B 240 27.01 31.30 -15.84
CA ASN B 240 27.56 32.60 -15.48
C ASN B 240 28.03 32.59 -14.04
N MET B 241 27.20 32.00 -13.19
CA MET B 241 27.54 31.82 -11.82
C MET B 241 28.78 30.96 -11.76
N VAL B 242 28.76 29.82 -12.45
CA VAL B 242 29.89 28.90 -12.46
C VAL B 242 31.20 29.65 -12.82
N LYS B 243 31.14 30.44 -13.90
CA LYS B 243 32.25 31.26 -14.36
C LYS B 243 32.88 32.17 -13.29
N ASP B 244 32.05 32.77 -12.44
CA ASP B 244 32.55 33.59 -11.35
C ASP B 244 33.21 32.75 -10.29
N VAL B 245 32.44 32.01 -9.51
CA VAL B 245 33.03 31.16 -8.48
C VAL B 245 34.20 30.34 -9.05
N ALA B 246 34.22 30.20 -10.39
CA ALA B 246 35.34 29.57 -11.06
C ALA B 246 36.52 30.51 -11.10
N GLN B 247 36.29 31.72 -11.58
CA GLN B 247 37.36 32.64 -11.92
C GLN B 247 38.05 33.26 -10.70
N GLN B 248 37.61 32.85 -9.53
CA GLN B 248 38.10 33.42 -8.30
C GLN B 248 39.08 32.47 -7.66
N ILE B 249 38.62 31.22 -7.53
CA ILE B 249 39.47 30.12 -7.09
C ILE B 249 40.77 30.12 -7.89
N ILE B 250 40.62 30.29 -9.21
CA ILE B 250 41.76 30.36 -10.11
C ILE B 250 42.73 31.46 -9.69
N LYS B 251 42.19 32.66 -9.48
CA LYS B 251 42.98 33.82 -9.12
C LYS B 251 43.44 33.79 -7.64
N PHE B 252 42.55 33.35 -6.75
CA PHE B 252 42.79 33.46 -5.32
C PHE B 252 42.95 32.12 -4.58
N GLY B 253 42.15 31.12 -4.92
CA GLY B 253 42.29 29.77 -4.32
C GLY B 253 41.13 29.31 -3.45
N SER B 254 40.21 30.24 -3.21
CA SER B 254 38.98 30.02 -2.46
C SER B 254 38.18 31.30 -2.58
N ILE B 255 36.97 31.34 -2.03
CA ILE B 255 36.20 32.57 -2.07
C ILE B 255 36.25 33.39 -0.77
N HIS B 256 36.39 34.69 -0.93
CA HIS B 256 36.38 35.57 0.22
C HIS B 256 35.12 36.41 0.16
N ARG B 257 34.06 35.82 0.72
CA ARG B 257 32.75 36.46 0.87
C ARG B 257 32.67 37.31 2.14
N GLY B 258 31.98 38.43 2.04
CA GLY B 258 31.71 39.26 3.21
C GLY B 258 30.24 39.48 3.42
N LEU B 259 29.91 40.37 4.35
CA LEU B 259 28.52 40.76 4.58
C LEU B 259 28.25 42.18 4.07
N MET B 260 27.00 42.45 3.71
CA MET B 260 26.55 43.81 3.53
C MET B 260 25.97 44.34 4.84
N GLY B 261 25.35 43.43 5.61
CA GLY B 261 24.76 43.75 6.90
C GLY B 261 23.31 44.20 6.80
N ILE B 262 22.67 43.88 5.68
CA ILE B 262 21.23 44.12 5.50
C ILE B 262 20.42 42.84 5.73
N PHE B 263 19.11 43.00 5.76
CA PHE B 263 18.17 41.88 5.81
C PHE B 263 17.10 42.13 4.76
N VAL B 264 16.62 41.07 4.12
CA VAL B 264 15.71 41.25 3.02
C VAL B 264 14.60 40.24 3.12
N GLN B 265 13.46 40.59 2.53
CA GLN B 265 12.31 39.73 2.46
C GLN B 265 11.65 39.99 1.12
N HIS B 266 10.88 39.01 0.65
CA HIS B 266 10.24 39.11 -0.65
C HIS B 266 9.28 40.27 -0.66
N LEU B 267 9.39 41.14 -1.66
CA LEU B 267 8.39 42.17 -1.83
C LEU B 267 7.18 41.62 -2.56
N THR B 268 6.15 41.25 -1.78
CA THR B 268 4.87 40.82 -2.34
C THR B 268 4.13 42.01 -2.97
N PRO B 269 3.09 41.74 -3.75
CA PRO B 269 2.27 42.86 -4.21
C PRO B 269 1.25 43.30 -3.13
N GLU B 270 0.88 42.38 -2.25
CA GLU B 270 0.14 42.73 -1.05
C GLU B 270 0.91 43.82 -0.25
N LEU B 271 2.20 43.58 0.01
CA LEU B 271 3.06 44.58 0.67
C LEU B 271 3.28 45.84 -0.18
N ALA B 272 3.40 45.66 -1.49
CA ALA B 272 3.75 46.74 -2.43
C ALA B 272 2.70 47.84 -2.46
N GLN B 273 1.44 47.43 -2.68
CA GLN B 273 0.31 48.33 -2.54
C GLN B 273 0.42 49.01 -1.18
N ALA B 274 0.44 48.18 -0.14
CA ALA B 274 0.50 48.63 1.25
C ALA B 274 1.61 49.63 1.57
N MET B 275 2.55 49.78 0.66
CA MET B 275 3.66 50.71 0.89
C MET B 275 3.65 51.84 -0.12
N GLY B 276 2.52 52.03 -0.79
CA GLY B 276 2.35 53.11 -1.76
C GLY B 276 3.12 52.83 -3.05
N TYR B 277 2.79 51.71 -3.68
CA TYR B 277 3.35 51.32 -4.96
C TYR B 277 2.27 50.58 -5.75
N PRO B 278 2.46 50.47 -7.08
CA PRO B 278 1.54 49.64 -7.86
C PRO B 278 1.69 48.20 -7.43
N GLU B 279 0.71 47.37 -7.77
CA GLU B 279 0.73 45.98 -7.36
C GLU B 279 1.63 45.14 -8.25
N ASP B 280 2.27 45.76 -9.24
CA ASP B 280 3.18 45.02 -10.13
C ASP B 280 4.68 45.33 -9.90
N PHE B 281 5.00 46.36 -9.13
CA PHE B 281 6.39 46.70 -8.82
C PHE B 281 7.14 45.53 -8.19
N GLN B 282 8.45 45.45 -8.46
CA GLN B 282 9.29 44.35 -7.94
C GLN B 282 10.67 44.83 -7.49
N GLY B 283 11.28 44.00 -6.64
CA GLY B 283 12.55 44.31 -6.03
C GLY B 283 12.60 43.64 -4.66
N ALA B 284 13.60 43.98 -3.86
CA ALA B 284 13.79 43.39 -2.52
C ALA B 284 13.64 44.41 -1.37
N LEU B 285 12.62 44.22 -0.54
CA LEU B 285 12.35 45.13 0.58
C LEU B 285 13.38 44.98 1.69
N VAL B 286 13.99 46.09 2.11
CA VAL B 286 15.02 45.98 3.12
C VAL B 286 14.39 45.91 4.49
N SER B 287 14.70 44.84 5.20
CA SER B 287 14.00 44.47 6.41
C SER B 287 14.70 45.12 7.59
N GLN B 288 16.03 45.14 7.55
CA GLN B 288 16.87 45.83 8.52
C GLN B 288 18.20 46.23 7.89
N VAL B 289 18.90 47.15 8.55
CA VAL B 289 20.19 47.63 8.10
C VAL B 289 21.02 47.83 9.36
N ASN B 290 21.70 46.77 9.78
CA ASN B 290 22.50 46.80 11.00
C ASN B 290 23.31 48.10 11.20
N PRO B 291 23.51 48.50 12.47
CA PRO B 291 24.43 49.62 12.75
C PRO B 291 25.90 49.31 12.45
N ASN B 292 26.61 50.33 11.95
CA ASN B 292 28.02 50.22 11.56
C ASN B 292 28.30 49.07 10.58
N SER B 293 27.29 48.68 9.83
CA SER B 293 27.50 47.76 8.74
C SER B 293 27.75 48.62 7.51
N PRO B 294 28.51 48.10 6.53
CA PRO B 294 28.67 48.83 5.28
C PRO B 294 27.32 49.35 4.72
N ALA B 295 26.25 48.59 4.94
CA ALA B 295 24.89 48.99 4.55
C ALA B 295 24.39 50.23 5.29
N GLU B 296 24.83 50.43 6.53
CA GLU B 296 24.50 51.67 7.25
C GLU B 296 25.26 52.81 6.65
N LEU B 297 26.56 52.56 6.42
CA LEU B 297 27.49 53.54 5.86
C LEU B 297 26.99 54.06 4.53
N ALA B 298 26.75 53.16 3.59
CA ALA B 298 26.18 53.51 2.30
C ALA B 298 24.94 54.39 2.43
N GLY B 299 24.18 54.22 3.51
CA GLY B 299 23.00 55.05 3.78
C GLY B 299 21.67 54.38 3.49
N LEU B 300 21.57 53.10 3.81
CA LEU B 300 20.38 52.30 3.55
C LEU B 300 19.53 52.21 4.82
N LYS B 301 18.22 52.30 4.66
CA LYS B 301 17.26 52.22 5.78
C LYS B 301 16.11 51.24 5.48
N ALA B 302 15.53 50.66 6.53
CA ALA B 302 14.35 49.82 6.38
C ALA B 302 13.33 50.56 5.53
N GLY B 303 12.43 49.81 4.90
CA GLY B 303 11.47 50.44 3.99
C GLY B 303 12.05 50.68 2.61
N ASP B 304 13.34 50.39 2.45
CA ASP B 304 14.00 50.47 1.15
C ASP B 304 13.75 49.26 0.24
N ILE B 305 13.42 49.55 -1.00
CA ILE B 305 13.26 48.52 -2.02
C ILE B 305 14.51 48.53 -2.91
N ILE B 306 15.13 47.38 -3.07
CA ILE B 306 16.31 47.29 -3.94
C ILE B 306 15.92 46.76 -5.33
N THR B 307 16.20 47.58 -6.36
CA THR B 307 15.81 47.26 -7.73
C THR B 307 17.00 46.87 -8.58
N GLN B 308 18.19 47.32 -8.15
CA GLN B 308 19.40 46.94 -8.84
C GLN B 308 20.60 46.86 -7.91
N ILE B 309 21.40 45.83 -8.12
CA ILE B 309 22.69 45.70 -7.47
C ILE B 309 23.64 45.39 -8.61
N ASN B 310 24.67 46.23 -8.76
CA ASN B 310 25.51 46.26 -9.96
C ASN B 310 24.69 46.22 -11.27
N ASP B 311 24.94 45.22 -12.10
CA ASP B 311 24.23 45.11 -13.37
C ASP B 311 22.99 44.23 -13.25
N THR B 312 22.91 43.48 -12.16
CA THR B 312 21.82 42.53 -11.91
C THR B 312 20.56 43.29 -11.51
N LYS B 313 19.47 43.06 -12.26
CA LYS B 313 18.17 43.71 -12.01
C LYS B 313 17.39 42.93 -10.96
N ILE B 314 17.32 43.49 -9.75
CA ILE B 314 16.81 42.76 -8.60
C ILE B 314 15.30 42.66 -8.68
N THR B 315 14.79 41.42 -8.71
CA THR B 315 13.34 41.15 -8.80
C THR B 315 12.85 39.93 -8.00
N GLN B 316 13.68 39.41 -7.10
CA GLN B 316 13.30 38.38 -6.11
C GLN B 316 14.11 38.58 -4.83
N ALA B 317 13.55 38.22 -3.68
CA ALA B 317 14.30 38.29 -2.42
C ALA B 317 15.69 37.69 -2.57
N THR B 318 15.70 36.44 -3.04
CA THR B 318 16.86 35.56 -3.05
C THR B 318 17.98 35.99 -4.01
N GLN B 319 17.60 36.74 -5.06
CA GLN B 319 18.57 37.29 -6.03
C GLN B 319 19.68 38.11 -5.36
N VAL B 320 19.38 38.66 -4.19
CA VAL B 320 20.31 39.50 -3.45
C VAL B 320 21.40 38.59 -2.90
N LYS B 321 21.02 37.60 -2.10
CA LYS B 321 21.98 36.68 -1.52
C LYS B 321 22.91 36.15 -2.60
N THR B 322 22.34 35.54 -3.63
CA THR B 322 23.10 34.86 -4.66
C THR B 322 24.01 35.79 -5.47
N THR B 323 23.60 37.05 -5.66
CA THR B 323 24.43 38.09 -6.32
C THR B 323 25.66 38.47 -5.49
N ILE B 324 25.46 38.65 -4.19
CA ILE B 324 26.46 39.21 -3.29
C ILE B 324 27.59 38.24 -2.88
N SER B 325 27.29 36.94 -2.81
CA SER B 325 28.31 35.95 -2.47
C SER B 325 29.41 35.80 -3.54
N LEU B 326 29.07 36.16 -4.77
CA LEU B 326 30.02 36.20 -5.88
C LEU B 326 31.12 37.23 -5.65
N LEU B 327 30.84 38.21 -4.80
CA LEU B 327 31.71 39.37 -4.62
C LEU B 327 32.71 39.26 -3.46
N ARG B 328 33.86 39.91 -3.64
CA ARG B 328 35.01 39.78 -2.72
C ARG B 328 35.18 40.96 -1.75
N VAL B 329 35.75 40.67 -0.57
CA VAL B 329 36.16 41.74 0.31
C VAL B 329 36.97 42.71 -0.55
N GLY B 330 36.48 43.93 -0.67
CA GLY B 330 37.04 44.92 -1.60
C GLY B 330 35.99 45.47 -2.56
N SER B 331 35.32 44.58 -3.31
CA SER B 331 34.34 44.96 -4.34
C SER B 331 33.49 46.16 -3.94
N THR B 332 33.39 47.13 -4.83
CA THR B 332 32.43 48.21 -4.64
C THR B 332 31.14 47.81 -5.35
N VAL B 333 30.09 47.54 -4.57
CA VAL B 333 28.81 47.14 -5.14
C VAL B 333 27.91 48.37 -5.33
N LYS B 334 27.27 48.47 -6.50
CA LYS B 334 26.42 49.61 -6.87
C LYS B 334 24.96 49.26 -6.60
N ILE B 335 24.41 49.75 -5.49
CA ILE B 335 23.06 49.35 -5.06
C ILE B 335 21.98 50.40 -5.39
N ILE B 336 21.01 50.01 -6.22
CA ILE B 336 19.99 50.96 -6.68
C ILE B 336 18.64 50.75 -6.01
N VAL B 337 18.19 51.83 -5.36
CA VAL B 337 17.14 51.83 -4.34
C VAL B 337 15.94 52.70 -4.75
N GLU B 338 14.83 52.56 -4.03
CA GLU B 338 13.66 53.42 -4.21
C GLU B 338 13.08 53.81 -2.83
N ARG B 339 13.49 54.97 -2.33
CA ARG B 339 13.03 55.45 -1.02
C ARG B 339 11.83 56.34 -1.16
N ASP B 340 10.78 56.01 -0.39
CA ASP B 340 9.47 56.64 -0.50
C ASP B 340 9.20 57.13 -1.93
N ASN B 341 9.35 56.23 -2.89
CA ASN B 341 9.06 56.47 -4.33
C ASN B 341 10.17 57.14 -5.16
N LYS B 342 11.29 57.46 -4.52
CA LYS B 342 12.37 58.19 -5.18
C LYS B 342 13.54 57.28 -5.50
N PRO B 343 13.88 57.15 -6.80
CA PRO B 343 15.06 56.39 -7.27
C PRO B 343 16.35 56.90 -6.64
N LEU B 344 17.29 56.02 -6.32
CA LEU B 344 18.48 56.42 -5.54
C LEU B 344 19.67 55.43 -5.57
N THR B 345 20.72 55.78 -6.31
CA THR B 345 21.95 54.98 -6.37
C THR B 345 22.70 55.09 -5.05
N LEU B 346 23.43 54.02 -4.71
CA LEU B 346 24.29 53.97 -3.52
C LEU B 346 25.54 53.12 -3.73
N SER B 347 26.57 53.38 -2.92
CA SER B 347 27.85 52.69 -3.02
C SER B 347 28.24 52.06 -1.68
N ALA B 348 28.74 50.82 -1.72
CA ALA B 348 29.24 50.12 -0.52
C ALA B 348 30.66 49.55 -0.69
N VAL B 349 31.14 48.85 0.33
CA VAL B 349 32.47 48.22 0.28
C VAL B 349 32.39 46.89 1.00
N VAL B 350 32.05 45.83 0.27
CA VAL B 350 31.93 44.53 0.90
C VAL B 350 33.17 44.33 1.76
N THR B 351 32.98 44.27 3.07
CA THR B 351 34.09 44.09 3.99
C THR B 351 34.13 42.66 4.51
N ASP B 352 35.19 42.39 5.26
CA ASP B 352 35.50 41.09 5.81
C ASP B 352 34.74 40.89 7.11
N ILE B 353 34.07 39.74 7.27
CA ILE B 353 33.29 39.47 8.50
C ILE B 353 34.10 39.69 9.78
N LYS B 354 35.30 39.12 9.83
CA LYS B 354 36.14 39.16 11.03
C LYS B 354 36.82 40.52 11.24
N SER B 355 36.93 41.30 10.18
CA SER B 355 37.49 42.64 10.28
C SER B 355 36.42 43.56 10.86
N HIS B 356 35.18 43.23 10.56
CA HIS B 356 34.01 43.95 11.05
C HIS B 356 33.66 43.46 12.46
N GLU B 357 33.84 42.17 12.70
CA GLU B 357 33.80 41.63 14.05
C GLU B 357 34.73 42.48 14.91
N GLN B 358 36.01 42.51 14.54
CA GLN B 358 37.04 43.20 15.29
C GLN B 358 36.83 44.71 15.44
N LYS B 359 36.39 45.36 14.37
CA LYS B 359 36.09 46.78 14.39
C LYS B 359 35.27 47.15 15.64
N LEU B 360 34.22 46.38 15.90
CA LEU B 360 33.38 46.57 17.07
C LEU B 360 34.04 46.05 18.36
N GLN B 361 34.71 44.89 18.29
CA GLN B 361 35.48 44.35 19.43
C GLN B 361 36.47 45.39 19.96
N SER B 362 36.31 46.62 19.47
CA SER B 362 37.15 47.75 19.83
C SER B 362 36.49 49.08 19.44
N ASN B 363 35.16 49.09 19.42
CA ASN B 363 34.38 50.33 19.41
C ASN B 363 33.72 50.49 20.79
N ASN B 364 33.11 49.40 21.28
CA ASN B 364 32.82 49.23 22.70
C ASN B 364 33.47 47.91 23.12
N PRO B 365 34.65 48.00 23.78
CA PRO B 365 35.54 46.84 23.99
C PRO B 365 35.10 45.87 25.07
N PHE B 366 34.56 46.39 26.17
CA PHE B 366 34.21 45.57 27.32
C PHE B 366 32.82 44.95 27.23
N LEU B 367 31.90 45.64 26.58
CA LEU B 367 30.49 45.28 26.63
C LEU B 367 29.98 44.42 25.46
N TYR B 368 30.52 44.68 24.26
CA TYR B 368 30.18 43.96 23.02
C TYR B 368 29.89 42.46 23.17
N GLY B 369 28.84 42.00 22.51
CA GLY B 369 28.44 40.58 22.56
C GLY B 369 27.63 40.23 23.79
N LEU B 370 27.17 41.28 24.47
CA LEU B 370 26.33 41.15 25.64
C LEU B 370 25.03 41.89 25.40
N ALA B 371 23.91 41.19 25.65
CA ALA B 371 22.57 41.78 25.60
C ALA B 371 22.20 42.23 27.00
N LEU B 372 21.89 43.52 27.14
CA LEU B 372 21.67 44.13 28.45
C LEU B 372 20.34 44.85 28.57
N ARG B 373 19.67 44.66 29.70
CA ARG B 373 18.48 45.43 30.06
C ARG B 373 18.63 45.93 31.50
N ALA B 374 17.94 47.02 31.81
CA ALA B 374 17.93 47.57 33.17
C ALA B 374 17.12 46.72 34.17
N PHE B 375 17.59 46.69 35.41
CA PHE B 375 17.00 45.87 36.46
C PHE B 375 16.59 46.78 37.63
N GLU B 376 15.55 46.34 38.35
CA GLU B 376 15.20 46.82 39.69
C GLU B 376 14.25 45.76 40.22
N GLN B 377 14.60 45.14 41.34
CA GLN B 377 13.85 43.99 41.84
C GLN B 377 14.25 43.55 43.27
N GLU B 378 13.39 43.79 44.24
CA GLU B 378 13.58 43.21 45.58
C GLU B 378 13.67 41.68 45.47
N SER B 379 14.86 41.14 45.73
CA SER B 379 15.14 39.73 45.50
C SER B 379 16.03 39.08 46.58
N PRO B 380 15.42 38.28 47.49
CA PRO B 380 16.17 37.77 48.67
C PRO B 380 17.42 36.91 48.32
N PRO B 381 18.51 37.03 49.11
CA PRO B 381 18.73 37.84 50.33
C PRO B 381 19.29 39.24 50.16
N HIS B 382 19.22 39.81 48.98
CA HIS B 382 19.96 41.04 48.75
C HIS B 382 19.19 42.30 49.12
N GLY B 383 17.87 42.19 49.18
CA GLY B 383 17.03 43.39 49.28
C GLY B 383 16.77 44.01 47.90
N ASN B 384 16.72 45.33 47.82
CA ASN B 384 16.53 45.99 46.53
C ASN B 384 17.80 45.91 45.75
N VAL B 385 17.64 45.67 44.44
CA VAL B 385 18.75 45.47 43.50
C VAL B 385 18.63 46.38 42.27
N ILE B 386 19.27 47.55 42.31
CA ILE B 386 19.36 48.37 41.11
C ILE B 386 20.63 47.90 40.40
N GLY B 387 20.55 47.84 39.07
CA GLY B 387 21.67 47.33 38.29
C GLY B 387 21.29 47.13 36.85
N VAL B 388 21.96 46.21 36.17
CA VAL B 388 21.64 45.89 34.77
C VAL B 388 21.76 44.39 34.48
N GLN B 389 20.65 43.78 34.05
CA GLN B 389 20.61 42.35 33.77
C GLN B 389 21.29 42.02 32.45
N VAL B 390 22.25 41.10 32.52
CA VAL B 390 22.89 40.50 31.36
C VAL B 390 21.93 39.45 30.82
N VAL B 391 21.05 39.85 29.90
CA VAL B 391 20.01 38.95 29.34
C VAL B 391 20.60 37.79 28.57
N GLY B 392 21.70 38.07 27.87
CA GLY B 392 22.44 37.06 27.14
C GLY B 392 23.91 37.36 27.06
N ALA B 393 24.69 36.28 26.99
CA ALA B 393 26.14 36.35 26.89
C ALA B 393 26.62 35.79 25.56
N SER B 394 27.69 36.35 25.02
CA SER B 394 28.41 35.69 23.92
C SER B 394 29.44 34.76 24.54
N GLU B 395 29.74 33.66 23.86
CA GLU B 395 30.84 32.79 24.29
C GLU B 395 32.18 33.39 23.85
N ASN B 396 32.14 34.07 22.71
CA ASN B 396 33.27 34.85 22.21
C ASN B 396 33.64 36.02 23.13
N SER B 397 32.61 36.76 23.59
CA SER B 397 32.72 38.06 24.30
C SER B 397 33.75 38.18 25.41
N ALA B 398 34.32 39.37 25.53
CA ALA B 398 35.31 39.70 26.55
C ALA B 398 34.85 39.30 27.95
N GLY B 399 33.57 39.53 28.23
CA GLY B 399 32.94 39.22 29.52
C GLY B 399 32.76 37.76 29.90
N TRP B 400 32.32 36.93 28.95
CA TRP B 400 32.24 35.47 29.19
C TRP B 400 33.63 34.98 29.57
N ARG B 401 34.64 35.48 28.84
CA ARG B 401 36.03 35.22 29.19
C ARG B 401 36.32 35.67 30.63
N ALA B 402 35.87 36.87 30.96
CA ALA B 402 36.07 37.43 32.30
C ALA B 402 35.35 36.66 33.40
N GLY B 403 34.26 35.97 33.06
CA GLY B 403 33.52 35.14 34.00
C GLY B 403 32.04 35.44 34.14
N ILE B 404 31.46 36.08 33.12
CA ILE B 404 30.05 36.48 33.15
C ILE B 404 29.12 35.36 32.69
N ARG B 405 27.88 35.36 33.20
CA ARG B 405 26.85 34.39 32.78
C ARG B 405 25.51 35.09 32.52
N PRO B 406 24.55 34.38 31.89
CA PRO B 406 23.28 35.05 31.54
C PRO B 406 22.30 35.13 32.72
N GLY B 407 21.57 36.24 32.81
CA GLY B 407 20.65 36.48 33.93
C GLY B 407 21.39 36.96 35.18
N ASP B 408 22.54 37.59 34.94
CA ASP B 408 23.37 38.18 36.00
C ASP B 408 23.05 39.63 36.15
N ILE B 409 23.24 40.14 37.35
CA ILE B 409 23.04 41.55 37.57
C ILE B 409 24.40 42.18 37.73
N ILE B 410 24.53 43.38 37.18
CA ILE B 410 25.74 44.15 37.29
C ILE B 410 25.44 45.32 38.22
N ILE B 411 25.72 45.15 39.51
CA ILE B 411 25.49 46.25 40.45
C ILE B 411 26.45 47.42 40.24
N SER B 412 27.76 47.19 40.40
CA SER B 412 28.74 48.27 40.26
C SER B 412 29.79 48.04 39.15
N ALA B 413 30.19 49.14 38.52
CA ALA B 413 31.23 49.14 37.49
C ALA B 413 32.26 50.27 37.69
N ASN B 414 33.52 49.89 37.94
CA ASN B 414 34.59 50.83 38.25
C ASN B 414 34.29 51.58 39.53
N LYS B 415 33.99 50.80 40.58
CA LYS B 415 33.67 51.34 41.90
C LYS B 415 32.50 52.32 41.89
N LYS B 416 32.01 52.64 40.69
CA LYS B 416 30.91 53.57 40.55
C LYS B 416 29.60 52.78 40.55
N PRO B 417 28.46 53.46 40.81
CA PRO B 417 27.15 52.78 40.80
C PRO B 417 26.57 52.55 39.39
N VAL B 418 25.94 51.41 39.19
CA VAL B 418 25.32 51.11 37.91
C VAL B 418 23.81 51.02 38.02
N THR B 419 23.14 51.89 37.28
CA THR B 419 21.68 51.98 37.26
C THR B 419 21.10 51.34 35.99
N ASP B 420 20.85 52.13 34.96
CA ASP B 420 20.34 51.63 33.68
C ASP B 420 21.49 51.16 32.77
N VAL B 421 21.19 50.80 31.52
CA VAL B 421 22.22 50.39 30.56
C VAL B 421 23.20 51.53 30.18
N LYS B 422 22.65 52.70 29.88
CA LYS B 422 23.42 53.81 29.35
C LYS B 422 24.43 54.35 30.34
N SER B 423 24.17 54.13 31.64
CA SER B 423 25.13 54.49 32.69
C SER B 423 26.33 53.53 32.73
N LEU B 424 26.07 52.26 32.41
CA LEU B 424 27.12 51.25 32.27
C LEU B 424 27.97 51.52 31.03
N GLN B 425 27.39 52.27 30.07
CA GLN B 425 28.08 52.60 28.83
C GLN B 425 28.73 54.00 28.87
N THR B 426 28.93 54.53 30.07
CA THR B 426 29.74 55.73 30.22
C THR B 426 30.92 55.43 31.13
N ILE B 427 30.84 54.27 31.79
CA ILE B 427 31.96 53.72 32.52
C ILE B 427 32.67 52.82 31.52
N ALA B 428 32.10 52.71 30.34
CA ALA B 428 32.80 52.14 29.20
C ALA B 428 33.85 53.13 28.74
N GLN B 429 33.42 54.37 28.51
CA GLN B 429 34.25 55.42 27.93
C GLN B 429 35.43 55.94 28.81
N GLU B 430 35.73 55.22 29.90
CA GLU B 430 36.91 55.55 30.71
C GLU B 430 38.08 54.66 30.31
N LYS B 431 39.08 55.28 29.69
CA LYS B 431 40.16 54.57 28.98
C LYS B 431 41.06 53.74 29.88
N LYS B 432 40.67 52.48 30.03
CA LYS B 432 41.44 51.49 30.77
C LYS B 432 41.56 50.20 29.96
N LYS B 433 42.58 49.41 30.28
CA LYS B 433 42.76 48.08 29.72
C LYS B 433 41.87 47.07 30.48
N GLU B 434 40.99 47.60 31.34
CA GLU B 434 40.24 46.79 32.28
C GLU B 434 38.97 47.46 32.82
N LEU B 435 37.92 46.66 33.02
CA LEU B 435 36.68 47.15 33.61
C LEU B 435 36.33 46.36 34.87
N LEU B 436 36.23 47.07 35.99
CA LEU B 436 35.95 46.46 37.30
C LEU B 436 34.46 46.28 37.57
N VAL B 437 34.04 45.03 37.66
CA VAL B 437 32.63 44.73 37.65
C VAL B 437 32.24 43.97 38.89
N GLN B 438 31.09 44.35 39.47
CA GLN B 438 30.50 43.61 40.57
C GLN B 438 29.24 42.95 40.06
N VAL B 439 29.20 41.63 40.12
CA VAL B 439 28.05 40.86 39.63
C VAL B 439 27.26 40.21 40.73
N LEU B 440 25.95 40.18 40.54
CA LEU B 440 25.08 39.40 41.39
C LEU B 440 24.60 38.22 40.57
N ARG B 441 25.10 37.04 40.93
CA ARG B 441 24.56 35.80 40.41
C ARG B 441 23.77 35.18 41.54
N GLY B 442 22.45 35.12 41.37
CA GLY B 442 21.56 34.60 42.41
C GLY B 442 21.86 35.14 43.81
N PRO B 443 22.07 34.23 44.78
CA PRO B 443 22.30 34.63 46.18
C PRO B 443 23.70 35.20 46.42
N GLY B 444 24.65 34.78 45.59
CA GLY B 444 26.03 35.23 45.73
C GLY B 444 26.31 36.51 44.98
N SER B 445 27.51 37.05 45.24
CA SER B 445 28.00 38.23 44.54
C SER B 445 29.48 38.04 44.19
N MET B 446 29.92 38.56 43.05
CA MET B 446 31.28 38.35 42.64
C MET B 446 31.86 39.52 41.88
N TYR B 447 33.10 39.87 42.20
CA TYR B 447 33.88 40.84 41.47
C TYR B 447 34.61 40.12 40.34
N LEU B 448 34.46 40.64 39.13
CA LEU B 448 35.06 40.07 37.93
C LEU B 448 35.95 41.12 37.30
N LEU B 449 36.81 40.71 36.37
CA LEU B 449 37.65 41.68 35.63
C LEU B 449 37.58 41.44 34.11
N VAL B 450 36.97 42.39 33.39
CA VAL B 450 36.83 42.31 31.93
C VAL B 450 37.97 43.07 31.26
N ILE B 451 38.68 42.35 30.40
CA ILE B 451 39.92 42.82 29.76
C ILE B 451 39.85 42.79 28.24
N MET C 18 16.77 27.03 -34.35
CA MET C 18 16.76 26.22 -33.09
C MET C 18 15.34 26.15 -32.55
N PRO C 19 14.84 24.92 -32.31
CA PRO C 19 13.49 24.77 -31.78
C PRO C 19 13.45 24.85 -30.25
N SER C 20 12.34 25.35 -29.74
CA SER C 20 12.13 25.61 -28.34
C SER C 20 10.64 25.71 -28.15
N MET C 21 10.17 25.29 -26.98
CA MET C 21 8.78 25.51 -26.60
C MET C 21 8.65 26.86 -25.92
N ALA C 22 9.74 27.62 -25.90
CA ALA C 22 9.76 28.95 -25.27
C ALA C 22 8.78 30.01 -25.84
N PRO C 23 8.55 30.04 -27.19
CA PRO C 23 7.53 30.95 -27.74
C PRO C 23 6.13 30.56 -27.35
N VAL C 24 5.74 29.30 -27.53
CA VAL C 24 4.40 28.86 -27.12
C VAL C 24 4.17 28.94 -25.61
N LEU C 25 5.16 28.50 -24.83
CA LEU C 25 5.06 28.50 -23.37
C LEU C 25 5.02 29.90 -22.77
N LYS C 26 5.83 30.81 -23.33
CA LYS C 26 5.97 32.19 -22.79
C LYS C 26 4.63 32.90 -22.68
N ASN C 27 3.87 32.89 -23.80
CA ASN C 27 2.51 33.42 -23.88
C ASN C 27 1.69 33.06 -22.65
N ILE C 28 1.56 31.76 -22.40
CA ILE C 28 0.51 31.20 -21.55
C ILE C 28 0.90 30.66 -20.17
N MET C 29 2.02 31.13 -19.61
CA MET C 29 2.42 30.72 -18.24
C MET C 29 1.55 31.37 -17.14
N PRO C 30 1.05 32.60 -17.38
CA PRO C 30 0.09 33.20 -16.45
C PRO C 30 -1.18 32.36 -16.30
N ALA C 31 -1.58 31.71 -17.39
CA ALA C 31 -2.78 30.90 -17.43
C ALA C 31 -2.74 29.75 -16.44
N ILE C 32 -1.71 29.75 -15.59
CA ILE C 32 -1.50 28.72 -14.57
C ILE C 32 -1.52 29.33 -13.18
N VAL C 33 -2.06 28.59 -12.22
CA VAL C 33 -2.03 29.03 -10.81
C VAL C 33 -1.64 27.89 -9.89
N ASN C 34 -0.85 28.27 -8.88
CA ASN C 34 -0.49 27.41 -7.79
C ASN C 34 -1.65 27.39 -6.80
N VAL C 35 -2.00 26.22 -6.28
CA VAL C 35 -3.23 26.06 -5.49
C VAL C 35 -3.00 25.47 -4.09
N ALA C 36 -2.80 26.35 -3.12
CA ALA C 36 -2.65 25.94 -1.72
C ALA C 36 -4.04 25.76 -1.11
N VAL C 37 -4.12 24.88 -0.11
CA VAL C 37 -5.37 24.48 0.55
C VAL C 37 -5.14 24.21 2.05
N GLN C 38 -6.12 24.53 2.91
CA GLN C 38 -6.12 24.08 4.31
C GLN C 38 -7.50 23.61 4.78
N GLY C 39 -7.54 22.48 5.47
CA GLY C 39 -8.79 21.93 5.97
C GLY C 39 -8.59 20.92 7.09
N TYR C 40 -9.63 20.13 7.37
CA TYR C 40 -9.64 19.17 8.48
C TYR C 40 -10.26 17.85 8.03
N LEU C 41 -9.61 16.74 8.41
CA LEU C 41 -10.08 15.38 8.05
C LEU C 41 -11.14 14.82 9.00
N PRO C 42 -12.17 14.13 8.44
CA PRO C 42 -13.14 13.32 9.22
C PRO C 42 -12.48 12.29 10.13
N ARG C 73 -8.78 15.30 12.08
CA ARG C 73 -7.46 15.94 12.19
C ARG C 73 -7.45 17.32 11.52
N LYS C 74 -6.27 17.93 11.42
CA LYS C 74 -6.10 19.21 10.72
C LYS C 74 -4.99 19.05 9.67
N PHE C 75 -5.24 19.50 8.43
CA PHE C 75 -4.26 19.32 7.34
C PHE C 75 -4.14 20.46 6.29
N GLU C 76 -2.91 20.70 5.86
CA GLU C 76 -2.59 21.71 4.85
C GLU C 76 -2.12 21.01 3.57
N SER C 77 -2.36 21.63 2.41
CA SER C 77 -2.09 20.98 1.11
C SER C 77 -1.63 21.91 -0.04
N ILE C 78 -1.07 21.32 -1.11
CA ILE C 78 -0.67 22.05 -2.33
C ILE C 78 -1.14 21.34 -3.62
N GLY C 79 -1.39 22.12 -4.68
CA GLY C 79 -1.85 21.60 -5.96
C GLY C 79 -1.60 22.56 -7.10
N SER C 80 -2.43 22.51 -8.14
CA SER C 80 -2.29 23.38 -9.33
C SER C 80 -3.64 23.70 -9.95
N GLY C 81 -3.68 24.76 -10.75
CA GLY C 81 -4.91 25.17 -11.40
C GLY C 81 -4.67 25.98 -12.65
N VAL C 82 -5.72 26.10 -13.46
CA VAL C 82 -5.66 26.69 -14.80
C VAL C 82 -6.75 27.75 -15.02
N ILE C 83 -6.35 28.96 -15.40
CA ILE C 83 -7.32 30.00 -15.78
C ILE C 83 -7.88 29.72 -17.18
N ILE C 84 -9.10 29.21 -17.23
CA ILE C 84 -9.77 28.93 -18.51
C ILE C 84 -10.60 30.13 -19.00
N ASP C 85 -11.13 30.92 -18.06
CA ASP C 85 -11.93 32.10 -18.42
C ASP C 85 -11.32 33.39 -17.87
N PRO C 86 -10.67 34.19 -18.76
CA PRO C 86 -9.84 35.36 -18.43
C PRO C 86 -10.58 36.49 -17.71
N ASN C 87 -11.56 37.09 -18.41
CA ASN C 87 -12.42 38.18 -17.91
C ASN C 87 -13.26 37.86 -16.65
N ASN C 88 -14.08 36.82 -16.68
CA ASN C 88 -14.83 36.37 -15.50
C ASN C 88 -13.93 35.82 -14.38
N GLY C 89 -12.89 35.08 -14.75
CA GLY C 89 -11.94 34.50 -13.78
C GLY C 89 -12.27 33.09 -13.34
N VAL C 90 -12.67 32.24 -14.29
CA VAL C 90 -13.12 30.91 -13.96
C VAL C 90 -11.93 29.95 -13.92
N ILE C 91 -11.68 29.37 -12.74
CA ILE C 91 -10.57 28.45 -12.52
C ILE C 91 -10.95 26.97 -12.65
N ILE C 92 -10.01 26.13 -13.08
CA ILE C 92 -10.21 24.67 -13.11
C ILE C 92 -9.04 23.86 -12.51
N THR C 93 -9.37 22.81 -11.75
CA THR C 93 -8.42 22.10 -10.92
C THR C 93 -8.87 20.67 -10.62
N ASN C 94 -8.12 19.98 -9.74
CA ASN C 94 -8.50 18.63 -9.31
C ASN C 94 -9.42 18.63 -8.10
N ASP C 95 -10.50 17.86 -8.22
CA ASP C 95 -11.46 17.68 -7.14
C ASP C 95 -10.80 17.32 -5.81
N HIS C 96 -9.82 16.42 -5.84
CA HIS C 96 -9.10 16.01 -4.63
C HIS C 96 -8.15 17.11 -4.09
N VAL C 97 -7.73 18.01 -4.97
CA VAL C 97 -6.80 19.09 -4.61
C VAL C 97 -7.44 20.04 -3.61
N ILE C 98 -8.69 20.40 -3.89
CA ILE C 98 -9.48 21.33 -3.08
C ILE C 98 -10.18 20.69 -1.86
N ARG C 99 -10.48 19.39 -1.97
CA ARG C 99 -11.30 18.66 -0.99
C ARG C 99 -11.02 18.91 0.49
N ASN C 100 -12.12 18.85 1.26
CA ASN C 100 -12.14 18.89 2.74
C ASN C 100 -11.58 20.17 3.36
N ALA C 101 -11.96 21.33 2.83
CA ALA C 101 -11.25 22.58 3.17
C ALA C 101 -12.07 23.81 3.56
N SER C 102 -11.53 24.55 4.53
CA SER C 102 -12.01 25.89 4.88
C SER C 102 -11.78 26.92 3.74
N LEU C 103 -10.54 27.38 3.57
CA LEU C 103 -10.20 28.33 2.50
C LEU C 103 -9.25 27.75 1.44
N ILE C 104 -9.34 28.29 0.22
CA ILE C 104 -8.56 27.80 -0.92
C ILE C 104 -7.80 28.95 -1.62
N THR C 105 -6.46 28.98 -1.42
CA THR C 105 -5.58 30.09 -1.88
C THR C 105 -4.99 29.89 -3.28
N VAL C 106 -5.27 30.83 -4.18
CA VAL C 106 -4.67 30.87 -5.51
C VAL C 106 -3.55 31.90 -5.49
N THR C 107 -2.39 31.54 -6.04
CA THR C 107 -1.30 32.51 -6.24
C THR C 107 -0.93 32.59 -7.71
N LEU C 108 -1.23 33.73 -8.34
CA LEU C 108 -0.85 33.97 -9.74
C LEU C 108 0.64 34.27 -9.83
N GLN C 109 1.22 33.96 -10.98
CA GLN C 109 2.66 34.15 -11.16
C GLN C 109 3.06 35.61 -10.98
N ASP C 110 2.11 36.52 -11.16
CA ASP C 110 2.37 37.95 -10.91
C ASP C 110 2.45 38.33 -9.41
N GLY C 111 2.42 37.32 -8.55
CA GLY C 111 2.54 37.50 -7.10
C GLY C 111 1.24 37.47 -6.31
N ARG C 112 0.17 38.01 -6.90
CA ARG C 112 -1.10 38.20 -6.22
C ARG C 112 -1.69 36.92 -5.59
N ARG C 113 -2.07 37.00 -4.31
CA ARG C 113 -2.79 35.93 -3.59
C ARG C 113 -4.31 36.17 -3.64
N LEU C 114 -5.05 35.26 -4.25
CA LEU C 114 -6.50 35.36 -4.36
C LEU C 114 -7.23 34.29 -3.56
N LYS C 115 -8.32 34.69 -2.91
CA LYS C 115 -9.25 33.76 -2.27
C LYS C 115 -10.17 33.14 -3.35
N ALA C 116 -10.24 31.82 -3.34
CA ALA C 116 -10.95 31.10 -4.38
C ALA C 116 -12.39 30.85 -3.97
N ARG C 117 -13.27 30.83 -4.96
CA ARG C 117 -14.69 30.64 -4.72
C ARG C 117 -15.13 29.36 -5.41
N LEU C 118 -15.37 28.33 -4.59
CA LEU C 118 -15.73 27.01 -5.07
C LEU C 118 -17.08 27.00 -5.78
N ILE C 119 -17.03 27.15 -7.10
CA ILE C 119 -18.19 27.11 -7.99
C ILE C 119 -18.80 25.70 -8.09
N GLY C 120 -17.96 24.66 -7.98
CA GLY C 120 -18.42 23.28 -8.06
C GLY C 120 -17.51 22.22 -7.47
N GLY C 121 -17.65 20.98 -7.94
CA GLY C 121 -16.87 19.84 -7.45
C GLY C 121 -17.47 18.49 -7.84
N ASP C 122 -16.60 17.51 -8.07
CA ASP C 122 -17.00 16.18 -8.55
C ASP C 122 -15.86 15.19 -8.31
N SER C 123 -16.04 14.27 -7.36
CA SER C 123 -15.01 13.27 -7.01
C SER C 123 -14.85 12.17 -8.07
N GLU C 124 -15.96 11.84 -8.73
CA GLU C 124 -16.05 10.70 -9.65
C GLU C 124 -15.22 10.87 -10.93
N THR C 125 -15.36 12.00 -11.63
CA THR C 125 -14.45 12.27 -12.75
C THR C 125 -13.21 13.01 -12.28
N ASP C 126 -13.29 13.59 -11.09
CA ASP C 126 -12.16 14.20 -10.37
C ASP C 126 -11.75 15.61 -10.83
N LEU C 127 -12.75 16.42 -11.19
CA LEU C 127 -12.55 17.83 -11.49
C LEU C 127 -13.16 18.77 -10.45
N ALA C 128 -12.89 20.06 -10.58
CA ALA C 128 -13.41 21.05 -9.65
C ALA C 128 -13.33 22.46 -10.23
N VAL C 129 -14.33 23.28 -9.89
CA VAL C 129 -14.31 24.68 -10.31
C VAL C 129 -14.09 25.58 -9.09
N LEU C 130 -13.34 26.64 -9.34
CA LEU C 130 -13.07 27.68 -8.38
C LEU C 130 -13.21 28.98 -9.16
N LYS C 131 -13.29 30.08 -8.41
CA LYS C 131 -13.39 31.40 -9.04
C LYS C 131 -12.67 32.43 -8.19
N ILE C 132 -12.05 33.39 -8.88
CA ILE C 132 -11.36 34.49 -8.22
C ILE C 132 -11.78 35.84 -8.81
N ASP C 133 -11.92 36.83 -7.94
CA ASP C 133 -12.55 38.11 -8.30
C ASP C 133 -11.63 39.16 -8.92
N ALA C 134 -10.39 38.80 -9.21
CA ALA C 134 -9.37 39.78 -9.63
C ALA C 134 -9.46 40.24 -11.08
N LYS C 135 -9.14 41.51 -11.28
CA LYS C 135 -9.10 42.13 -12.60
C LYS C 135 -7.82 41.68 -13.29
N ASN C 136 -7.70 41.96 -14.60
CA ASN C 136 -6.39 41.88 -15.28
C ASN C 136 -5.75 40.49 -15.22
N LEU C 137 -6.53 39.46 -15.56
CA LEU C 137 -6.06 38.08 -15.57
C LEU C 137 -5.63 37.69 -16.98
N LYS C 138 -5.07 36.49 -17.14
CA LYS C 138 -4.69 35.96 -18.45
C LYS C 138 -5.19 34.52 -18.58
N SER C 139 -5.33 34.05 -19.82
CA SER C 139 -5.76 32.67 -20.08
C SER C 139 -5.04 32.09 -21.30
N LEU C 140 -5.47 30.91 -21.73
CA LEU C 140 -4.90 30.21 -22.87
C LEU C 140 -6.00 29.65 -23.77
N VAL C 141 -5.68 29.50 -25.06
CA VAL C 141 -6.59 28.92 -26.06
C VAL C 141 -6.94 27.48 -25.72
N ILE C 142 -8.23 27.16 -25.83
CA ILE C 142 -8.71 25.81 -25.58
C ILE C 142 -8.59 25.02 -26.90
N GLY C 143 -8.18 23.76 -26.80
CA GLY C 143 -8.05 22.87 -27.97
C GLY C 143 -8.98 21.67 -27.88
N ASP C 144 -9.06 20.89 -28.95
CA ASP C 144 -9.92 19.69 -28.97
C ASP C 144 -9.13 18.39 -28.83
N SER C 145 -9.39 17.67 -27.73
CA SER C 145 -8.67 16.44 -27.42
C SER C 145 -8.97 15.27 -28.37
N ASP C 146 -10.13 15.32 -29.01
CA ASP C 146 -10.46 14.34 -30.03
C ASP C 146 -9.47 14.38 -31.22
N LYS C 147 -8.71 15.47 -31.31
CA LYS C 147 -7.68 15.63 -32.35
C LYS C 147 -6.26 15.31 -31.83
N LEU C 148 -6.18 14.64 -30.68
CA LEU C 148 -4.92 14.10 -30.17
C LEU C 148 -4.60 12.73 -30.79
N GLU C 149 -3.34 12.54 -31.18
CA GLU C 149 -2.82 11.25 -31.63
C GLU C 149 -1.63 10.83 -30.75
N VAL C 150 -1.46 9.53 -30.54
CA VAL C 150 -0.26 9.02 -29.86
C VAL C 150 0.97 9.32 -30.71
N GLY C 151 1.90 10.07 -30.13
CA GLY C 151 3.11 10.50 -30.83
C GLY C 151 3.18 12.00 -30.91
N ASP C 152 2.13 12.65 -30.41
CA ASP C 152 2.07 14.10 -30.35
C ASP C 152 2.84 14.58 -29.15
N PHE C 153 3.55 15.69 -29.34
CA PHE C 153 4.32 16.31 -28.27
C PHE C 153 3.42 17.10 -27.32
N VAL C 154 3.79 17.14 -26.04
CA VAL C 154 3.00 17.82 -24.99
C VAL C 154 3.86 18.35 -23.81
N VAL C 155 3.54 19.53 -23.30
CA VAL C 155 4.21 19.95 -22.08
C VAL C 155 3.22 19.89 -20.91
N ALA C 156 3.75 19.55 -19.73
CA ALA C 156 2.95 19.48 -18.51
C ALA C 156 3.39 20.57 -17.56
N ILE C 157 2.41 21.32 -17.07
CA ILE C 157 2.64 22.49 -16.21
C ILE C 157 1.96 22.33 -14.85
N GLY C 158 2.59 22.83 -13.80
CA GLY C 158 2.09 22.67 -12.45
C GLY C 158 3.20 22.97 -11.47
N ASN C 159 2.94 22.77 -10.19
CA ASN C 159 3.93 23.06 -9.17
C ASN C 159 4.18 21.85 -8.26
N PRO C 160 4.90 20.84 -8.79
CA PRO C 160 5.18 19.65 -7.99
C PRO C 160 6.11 19.97 -6.81
N PHE C 161 5.67 19.65 -5.59
CA PHE C 161 6.32 20.13 -4.35
C PHE C 161 6.25 21.68 -4.29
N GLY C 162 7.33 22.37 -3.91
CA GLY C 162 7.28 23.85 -3.80
C GLY C 162 7.96 24.71 -4.87
N LEU C 163 7.33 25.85 -5.17
CA LEU C 163 7.94 26.94 -5.97
C LEU C 163 8.36 28.15 -5.10
N SER C 169 9.52 30.39 -11.29
CA SER C 169 8.06 30.32 -11.26
C SER C 169 7.56 28.88 -11.42
N GLN C 170 6.42 28.69 -12.08
CA GLN C 170 5.89 27.34 -12.28
C GLN C 170 6.95 26.45 -12.89
N SER C 171 6.94 25.17 -12.51
CA SER C 171 7.79 24.19 -13.16
C SER C 171 7.16 23.67 -14.50
N ALA C 172 8.00 23.36 -15.49
CA ALA C 172 7.50 22.80 -16.77
C ALA C 172 8.24 21.52 -17.25
N THR C 173 7.47 20.58 -17.79
CA THR C 173 8.00 19.26 -18.13
C THR C 173 7.44 18.82 -19.50
N PHE C 174 8.28 18.09 -20.26
CA PHE C 174 8.06 17.75 -21.68
C PHE C 174 8.03 16.24 -21.97
N GLY C 175 7.12 15.80 -22.85
CA GLY C 175 7.00 14.41 -23.32
C GLY C 175 6.18 14.26 -24.60
N ILE C 176 5.61 13.07 -24.82
CA ILE C 176 4.67 12.83 -25.93
C ILE C 176 3.37 12.18 -25.47
N VAL C 177 2.40 12.00 -26.35
CA VAL C 177 1.21 11.20 -25.97
C VAL C 177 1.54 9.71 -26.03
N SER C 178 1.48 9.04 -24.88
CA SER C 178 1.79 7.61 -24.77
C SER C 178 0.61 6.76 -25.16
N ALA C 179 -0.59 7.22 -24.81
CA ALA C 179 -1.85 6.51 -25.08
C ALA C 179 -3.02 7.38 -24.68
N LEU C 180 -4.07 7.37 -25.47
CA LEU C 180 -5.27 8.08 -25.07
C LEU C 180 -6.48 7.15 -24.89
N LYS C 181 -6.78 6.79 -23.63
CA LYS C 181 -7.90 5.88 -23.30
C LYS C 181 -7.83 5.39 -21.86
N ARG C 182 -9.00 5.00 -21.34
CA ARG C 182 -9.17 4.51 -19.97
C ARG C 182 -8.08 5.06 -19.05
N GLU C 188 -12.79 6.09 -9.45
CA GLU C 188 -13.76 5.10 -9.89
C GLU C 188 -14.36 5.42 -11.27
N GLY C 189 -15.12 6.52 -11.34
CA GLY C 189 -15.91 6.84 -12.53
C GLY C 189 -15.24 7.66 -13.62
N VAL C 190 -13.92 7.82 -13.54
CA VAL C 190 -13.16 8.58 -14.55
C VAL C 190 -12.30 7.67 -15.46
N GLU C 191 -12.61 7.65 -16.75
CA GLU C 191 -11.75 6.98 -17.72
C GLU C 191 -11.23 8.00 -18.73
N ASN C 192 -10.86 7.51 -19.91
CA ASN C 192 -10.38 8.35 -21.00
C ASN C 192 -9.06 9.09 -20.75
N PHE C 193 -8.41 8.82 -19.62
CA PHE C 193 -7.14 9.46 -19.35
C PHE C 193 -6.25 9.43 -20.59
N ILE C 194 -5.63 10.55 -20.90
CA ILE C 194 -4.53 10.55 -21.84
C ILE C 194 -3.35 10.05 -21.02
N GLN C 195 -2.55 9.15 -21.62
CA GLN C 195 -1.28 8.72 -21.04
C GLN C 195 -0.18 9.61 -21.62
N THR C 196 0.55 10.27 -20.75
CA THR C 196 1.75 10.96 -21.17
C THR C 196 2.91 10.60 -20.30
N ASP C 197 4.09 10.71 -20.88
CA ASP C 197 5.31 10.36 -20.19
C ASP C 197 6.04 11.56 -19.64
N ALA C 198 5.58 12.77 -20.00
CA ALA C 198 6.07 14.03 -19.38
C ALA C 198 5.96 13.94 -17.86
N ALA C 199 6.94 14.49 -17.15
CA ALA C 199 6.93 14.43 -15.67
C ALA C 199 5.62 14.93 -15.07
N ILE C 200 5.04 14.13 -14.19
CA ILE C 200 3.88 14.52 -13.37
C ILE C 200 4.17 14.06 -11.93
N ASN C 201 4.34 15.03 -11.03
CA ASN C 201 4.76 14.75 -9.64
C ASN C 201 3.79 15.31 -8.58
N PRO C 202 3.88 14.77 -7.34
CA PRO C 202 3.25 15.40 -6.19
C PRO C 202 3.32 16.94 -6.27
N GLY C 203 2.18 17.55 -6.55
CA GLY C 203 2.07 18.98 -6.75
C GLY C 203 1.57 19.35 -8.14
N ASN C 204 1.70 18.43 -9.10
CA ASN C 204 1.35 18.72 -10.49
C ASN C 204 -0.14 18.74 -10.81
N ALA C 205 -0.95 18.13 -9.95
CA ALA C 205 -2.39 17.90 -10.22
C ALA C 205 -3.24 19.16 -10.35
N GLY C 206 -4.12 19.16 -11.35
CA GLY C 206 -4.94 20.32 -11.62
C GLY C 206 -4.27 21.33 -12.54
N GLY C 207 -2.98 21.15 -12.78
CA GLY C 207 -2.23 22.01 -13.71
C GLY C 207 -2.59 21.73 -15.15
N ALA C 208 -1.89 22.37 -16.09
CA ALA C 208 -2.22 22.20 -17.52
C ALA C 208 -1.58 20.98 -18.20
N LEU C 209 -2.12 20.59 -19.34
CA LEU C 209 -1.36 19.80 -20.31
C LEU C 209 -1.65 20.33 -21.73
N VAL C 210 -0.70 21.09 -22.26
CA VAL C 210 -0.88 21.76 -23.55
C VAL C 210 -0.22 20.96 -24.66
N ASN C 211 -0.81 21.02 -25.85
CA ASN C 211 -0.21 20.44 -27.03
C ASN C 211 0.88 21.37 -27.57
N ALA C 212 1.51 20.98 -28.69
CA ALA C 212 2.70 21.68 -29.20
C ALA C 212 2.47 23.09 -29.79
N LYS C 213 1.21 23.42 -30.07
CA LYS C 213 0.78 24.80 -30.41
C LYS C 213 0.55 25.70 -29.18
N GLY C 214 0.31 25.10 -28.02
CA GLY C 214 0.03 25.88 -26.81
C GLY C 214 -1.42 25.87 -26.38
N GLU C 215 -2.25 25.14 -27.12
CA GLU C 215 -3.65 24.92 -26.77
C GLU C 215 -3.74 23.98 -25.58
N LEU C 216 -4.55 24.35 -24.59
CA LEU C 216 -4.82 23.42 -23.51
C LEU C 216 -5.58 22.21 -24.03
N ILE C 217 -5.07 21.02 -23.73
CA ILE C 217 -5.83 19.82 -24.00
C ILE C 217 -5.92 18.88 -22.79
N GLY C 218 -5.45 19.29 -21.62
CA GLY C 218 -5.52 18.38 -20.48
C GLY C 218 -5.36 18.91 -19.07
N ILE C 219 -5.89 18.16 -18.10
CA ILE C 219 -5.68 18.46 -16.69
C ILE C 219 -5.07 17.25 -15.99
N ASN C 220 -3.87 17.45 -15.44
CA ASN C 220 -3.11 16.37 -14.81
C ASN C 220 -3.57 16.05 -13.38
N VAL C 231 7.92 8.54 -12.49
CA VAL C 231 8.35 7.25 -13.05
C VAL C 231 8.05 7.06 -14.55
N GLY C 232 7.25 7.92 -15.14
CA GLY C 232 7.15 7.96 -16.61
C GLY C 232 5.77 7.65 -17.14
N ILE C 233 4.93 7.12 -16.26
CA ILE C 233 3.52 6.87 -16.57
C ILE C 233 2.66 7.82 -15.74
N GLY C 234 2.08 8.82 -16.41
CA GLY C 234 1.18 9.80 -15.77
C GLY C 234 -0.05 10.07 -16.65
N PHE C 235 -1.14 10.56 -16.03
CA PHE C 235 -2.44 10.69 -16.70
C PHE C 235 -3.10 12.06 -16.57
N ALA C 236 -3.59 12.59 -17.69
CA ALA C 236 -4.37 13.84 -17.74
C ALA C 236 -5.85 13.54 -18.01
N ILE C 237 -6.76 14.44 -17.59
CA ILE C 237 -8.19 14.35 -17.98
C ILE C 237 -8.35 15.07 -19.32
N PRO C 238 -8.83 14.36 -20.37
CA PRO C 238 -8.91 14.94 -21.72
C PRO C 238 -9.69 16.22 -21.70
N ILE C 239 -9.37 17.17 -22.58
CA ILE C 239 -9.98 18.51 -22.50
C ILE C 239 -11.51 18.50 -22.66
N ASN C 240 -12.02 17.71 -23.58
CA ASN C 240 -13.45 17.74 -23.92
C ASN C 240 -14.33 17.39 -22.73
N MET C 241 -13.92 16.37 -21.99
CA MET C 241 -14.63 15.94 -20.78
C MET C 241 -14.59 16.99 -19.64
N VAL C 242 -13.53 17.80 -19.58
CA VAL C 242 -13.47 18.91 -18.62
C VAL C 242 -14.55 19.95 -18.94
N LYS C 243 -14.50 20.49 -20.16
CA LYS C 243 -15.53 21.39 -20.68
C LYS C 243 -16.94 21.01 -20.22
N ASP C 244 -17.41 19.82 -20.63
CA ASP C 244 -18.74 19.35 -20.21
C ASP C 244 -19.00 19.44 -18.70
N VAL C 245 -18.11 18.90 -17.87
CA VAL C 245 -18.34 18.95 -16.43
C VAL C 245 -18.06 20.34 -15.84
N ALA C 246 -17.57 21.26 -16.66
CA ALA C 246 -17.41 22.66 -16.27
C ALA C 246 -18.63 23.51 -16.63
N GLN C 247 -18.93 23.63 -17.92
CA GLN C 247 -20.10 24.36 -18.40
C GLN C 247 -21.40 23.85 -17.79
N GLN C 248 -21.33 22.67 -17.19
CA GLN C 248 -22.46 22.04 -16.50
C GLN C 248 -22.45 22.36 -14.99
N ILE C 249 -21.28 22.46 -14.38
CA ILE C 249 -21.17 23.01 -13.02
C ILE C 249 -21.37 24.53 -13.06
N ILE C 250 -21.10 25.12 -14.22
CA ILE C 250 -21.44 26.51 -14.52
C ILE C 250 -22.94 26.75 -14.32
N LYS C 251 -23.77 25.91 -14.93
CA LYS C 251 -25.22 26.11 -14.95
C LYS C 251 -25.99 25.62 -13.72
N PHE C 252 -25.38 24.78 -12.88
CA PHE C 252 -26.13 24.14 -11.79
C PHE C 252 -25.37 23.95 -10.45
N GLY C 253 -24.05 24.14 -10.46
CA GLY C 253 -23.24 24.01 -9.24
C GLY C 253 -22.82 22.60 -8.83
N SER C 254 -23.20 21.61 -9.64
CA SER C 254 -22.88 20.21 -9.42
C SER C 254 -23.11 19.43 -10.70
N ILE C 255 -22.44 18.30 -10.81
CA ILE C 255 -22.80 17.31 -11.81
C ILE C 255 -23.61 16.30 -11.06
N HIS C 256 -24.79 15.99 -11.58
CA HIS C 256 -25.58 14.89 -11.05
C HIS C 256 -25.67 13.74 -12.06
N ARG C 257 -24.98 12.66 -11.70
CA ARG C 257 -24.69 11.54 -12.59
C ARG C 257 -25.88 10.62 -12.83
N GLY C 258 -26.23 10.46 -14.10
CA GLY C 258 -27.40 9.69 -14.47
C GLY C 258 -27.07 8.22 -14.59
N LEU C 259 -28.01 7.39 -14.17
CA LEU C 259 -27.84 5.94 -14.25
C LEU C 259 -28.68 5.32 -15.38
N MET C 260 -28.31 4.10 -15.78
CA MET C 260 -29.01 3.39 -16.85
C MET C 260 -29.32 1.94 -16.52
N GLY C 261 -28.46 1.31 -15.70
CA GLY C 261 -28.59 -0.12 -15.39
C GLY C 261 -28.02 -0.99 -16.50
N ILE C 262 -27.01 -0.46 -17.18
CA ILE C 262 -26.36 -1.13 -18.29
C ILE C 262 -25.12 -1.84 -17.74
N PHE C 263 -24.90 -3.08 -18.19
CA PHE C 263 -23.70 -3.81 -17.79
C PHE C 263 -22.91 -4.40 -18.97
N VAL C 264 -21.67 -3.93 -19.13
CA VAL C 264 -20.86 -4.16 -20.33
C VAL C 264 -19.66 -5.07 -20.08
N GLN C 265 -19.25 -5.78 -21.13
CA GLN C 265 -17.99 -6.50 -21.16
C GLN C 265 -17.41 -6.36 -22.56
N HIS C 266 -16.11 -6.16 -22.67
CA HIS C 266 -15.50 -5.87 -23.96
C HIS C 266 -15.79 -6.92 -25.05
N LEU C 267 -15.97 -6.44 -26.27
CA LEU C 267 -16.23 -7.32 -27.41
C LEU C 267 -14.93 -7.80 -28.08
N THR C 268 -14.46 -8.98 -27.67
CA THR C 268 -13.29 -9.62 -28.28
C THR C 268 -13.72 -10.16 -29.63
N PRO C 269 -12.93 -9.89 -30.69
CA PRO C 269 -13.11 -10.56 -31.96
C PRO C 269 -13.51 -12.03 -31.79
N GLU C 270 -12.84 -12.70 -30.85
CA GLU C 270 -13.13 -14.08 -30.49
C GLU C 270 -14.61 -14.27 -30.18
N LEU C 271 -15.18 -13.37 -29.39
CA LEU C 271 -16.61 -13.42 -29.01
C LEU C 271 -17.48 -12.88 -30.13
N ALA C 272 -17.10 -11.71 -30.63
CA ALA C 272 -17.75 -11.11 -31.78
C ALA C 272 -18.10 -12.23 -32.73
N GLN C 273 -17.07 -12.89 -33.25
CA GLN C 273 -17.24 -14.07 -34.10
C GLN C 273 -18.29 -15.02 -33.55
N ALA C 274 -18.06 -15.53 -32.33
CA ALA C 274 -18.86 -16.61 -31.73
C ALA C 274 -20.36 -16.32 -31.73
N MET C 275 -20.68 -15.02 -31.71
CA MET C 275 -22.05 -14.55 -31.74
C MET C 275 -22.59 -14.28 -33.15
N GLY C 276 -21.94 -14.84 -34.17
CA GLY C 276 -22.41 -14.73 -35.56
C GLY C 276 -22.18 -13.38 -36.24
N TYR C 277 -21.02 -12.79 -35.93
CA TYR C 277 -20.57 -11.53 -36.51
C TYR C 277 -19.25 -11.69 -37.25
N PRO C 278 -18.87 -10.69 -38.07
CA PRO C 278 -17.50 -10.77 -38.54
C PRO C 278 -16.57 -10.43 -37.38
N GLU C 279 -15.40 -11.07 -37.36
CA GLU C 279 -14.45 -10.91 -36.24
C GLU C 279 -13.96 -9.48 -36.00
N ASP C 280 -14.11 -8.62 -37.00
CA ASP C 280 -13.67 -7.24 -36.92
C ASP C 280 -14.75 -6.28 -36.41
N PHE C 281 -15.98 -6.77 -36.30
CA PHE C 281 -17.10 -5.97 -35.77
C PHE C 281 -16.78 -5.49 -34.35
N GLN C 282 -17.00 -4.20 -34.09
CA GLN C 282 -16.77 -3.66 -32.76
C GLN C 282 -18.02 -3.08 -32.16
N GLY C 283 -17.98 -2.85 -30.85
CA GLY C 283 -19.08 -2.29 -30.07
C GLY C 283 -18.93 -2.74 -28.63
N ALA C 284 -19.96 -2.50 -27.83
CA ALA C 284 -19.99 -2.94 -26.43
C ALA C 284 -20.88 -4.18 -26.28
N LEU C 285 -20.48 -5.12 -25.43
CA LEU C 285 -21.31 -6.28 -25.16
C LEU C 285 -22.15 -6.10 -23.88
N VAL C 286 -23.46 -6.22 -24.05
CA VAL C 286 -24.42 -6.07 -22.98
C VAL C 286 -24.60 -7.42 -22.31
N SER C 287 -23.98 -7.59 -21.14
CA SER C 287 -23.99 -8.88 -20.46
C SER C 287 -25.14 -8.96 -19.48
N GLN C 288 -25.75 -7.80 -19.23
CA GLN C 288 -26.71 -7.65 -18.14
C GLN C 288 -27.54 -6.36 -18.25
N VAL C 289 -28.85 -6.54 -18.14
CA VAL C 289 -29.77 -5.43 -17.98
C VAL C 289 -30.55 -5.67 -16.70
N ASN C 290 -30.25 -4.87 -15.67
CA ASN C 290 -30.97 -4.92 -14.39
C ASN C 290 -32.48 -4.70 -14.54
N PRO C 291 -33.31 -5.51 -13.84
CA PRO C 291 -34.75 -5.22 -13.87
C PRO C 291 -35.08 -3.85 -13.25
N ASN C 292 -36.05 -3.16 -13.86
CA ASN C 292 -36.49 -1.80 -13.45
C ASN C 292 -35.44 -0.68 -13.59
N SER C 293 -34.56 -0.84 -14.57
CA SER C 293 -33.55 0.16 -14.88
C SER C 293 -34.08 0.92 -16.08
N PRO C 294 -33.64 2.18 -16.26
CA PRO C 294 -33.88 2.80 -17.57
C PRO C 294 -33.56 1.81 -18.68
N ALA C 295 -32.43 1.10 -18.51
CA ALA C 295 -31.98 0.10 -19.45
C ALA C 295 -33.04 -0.92 -19.80
N GLU C 296 -33.68 -1.48 -18.76
CA GLU C 296 -34.60 -2.61 -18.94
C GLU C 296 -35.92 -2.19 -19.53
N LEU C 297 -36.53 -1.20 -18.89
CA LEU C 297 -37.83 -0.70 -19.31
C LEU C 297 -37.70 -0.02 -20.68
N ALA C 298 -36.46 0.23 -21.12
CA ALA C 298 -36.21 0.73 -22.46
C ALA C 298 -36.30 -0.34 -23.52
N GLY C 299 -36.37 -1.61 -23.10
CA GLY C 299 -36.51 -2.71 -24.06
C GLY C 299 -35.20 -3.35 -24.42
N LEU C 300 -34.10 -2.82 -23.90
CA LEU C 300 -32.76 -3.34 -24.17
C LEU C 300 -32.46 -4.62 -23.37
N LYS C 301 -31.86 -5.60 -24.04
CA LYS C 301 -31.63 -6.93 -23.46
C LYS C 301 -30.16 -7.42 -23.53
N ALA C 302 -29.86 -8.53 -22.89
CA ALA C 302 -28.53 -9.10 -22.90
C ALA C 302 -28.20 -9.66 -24.27
N GLY C 303 -26.92 -9.64 -24.65
CA GLY C 303 -26.49 -10.20 -25.94
C GLY C 303 -26.51 -9.17 -27.04
N ASP C 304 -27.13 -8.03 -26.74
CA ASP C 304 -27.10 -6.89 -27.60
C ASP C 304 -25.67 -6.40 -27.73
N ILE C 305 -25.34 -5.86 -28.91
CA ILE C 305 -24.12 -5.09 -29.10
C ILE C 305 -24.51 -3.63 -29.36
N ILE C 306 -24.02 -2.75 -28.52
CA ILE C 306 -24.21 -1.32 -28.77
C ILE C 306 -23.34 -0.86 -29.94
N THR C 307 -23.92 -0.04 -30.81
CA THR C 307 -23.21 0.53 -31.95
C THR C 307 -22.86 1.99 -31.66
N GLN C 308 -23.80 2.69 -31.02
CA GLN C 308 -23.73 4.13 -30.76
C GLN C 308 -24.78 4.64 -29.76
N ILE C 309 -24.38 5.67 -29.01
CA ILE C 309 -25.24 6.35 -28.05
C ILE C 309 -25.50 7.75 -28.57
N ASN C 310 -26.76 8.09 -28.80
CA ASN C 310 -27.16 9.37 -29.42
C ASN C 310 -26.49 9.57 -30.79
N ASP C 311 -25.56 10.53 -30.86
CA ASP C 311 -24.78 10.76 -32.06
C ASP C 311 -23.46 9.99 -31.95
N THR C 312 -22.81 10.09 -30.79
CA THR C 312 -21.57 9.39 -30.52
C THR C 312 -21.60 7.90 -30.84
N LYS C 313 -20.83 7.51 -31.86
CA LYS C 313 -20.62 6.11 -32.24
C LYS C 313 -19.75 5.39 -31.20
N ILE C 314 -19.99 4.10 -30.99
CA ILE C 314 -19.35 3.33 -29.90
C ILE C 314 -18.56 2.13 -30.42
N THR C 315 -17.24 2.19 -30.22
CA THR C 315 -16.30 1.21 -30.79
C THR C 315 -15.67 0.29 -29.74
N GLN C 316 -15.79 0.67 -28.47
CA GLN C 316 -15.17 -0.06 -27.37
C GLN C 316 -16.18 -0.22 -26.23
N ALA C 317 -15.95 -1.20 -25.37
CA ALA C 317 -16.79 -1.40 -24.20
C ALA C 317 -16.78 -0.23 -23.19
N THR C 318 -15.61 0.33 -22.89
CA THR C 318 -15.54 1.35 -21.83
C THR C 318 -15.88 2.75 -22.36
N GLN C 319 -16.11 2.86 -23.67
CA GLN C 319 -16.69 4.06 -24.25
C GLN C 319 -17.99 4.43 -23.54
N VAL C 320 -18.89 3.46 -23.47
CA VAL C 320 -20.20 3.62 -22.85
C VAL C 320 -20.14 4.37 -21.52
N LYS C 321 -19.56 3.76 -20.49
CA LYS C 321 -19.58 4.36 -19.15
C LYS C 321 -19.10 5.82 -19.14
N THR C 322 -18.09 6.12 -19.95
CA THR C 322 -17.59 7.50 -20.06
C THR C 322 -18.61 8.44 -20.70
N THR C 323 -19.26 7.97 -21.77
CA THR C 323 -20.28 8.73 -22.51
C THR C 323 -21.43 9.16 -21.61
N ILE C 324 -21.96 8.20 -20.86
CA ILE C 324 -23.17 8.36 -20.02
C ILE C 324 -23.02 9.32 -18.84
N SER C 325 -22.05 9.04 -17.98
CA SER C 325 -21.86 9.76 -16.72
C SER C 325 -21.80 11.28 -16.91
N LEU C 326 -21.66 11.69 -18.16
CA LEU C 326 -21.57 13.09 -18.53
C LEU C 326 -22.94 13.66 -18.78
N LEU C 327 -23.82 12.84 -19.38
CA LEU C 327 -25.24 13.15 -19.63
C LEU C 327 -26.02 13.62 -18.39
N ARG C 328 -26.74 14.72 -18.54
CA ARG C 328 -27.59 15.26 -17.46
C ARG C 328 -28.91 14.51 -17.38
N VAL C 329 -29.38 14.28 -16.16
CA VAL C 329 -30.55 13.42 -15.93
C VAL C 329 -31.89 14.03 -16.44
N GLY C 330 -32.59 13.27 -17.28
CA GLY C 330 -33.78 13.74 -17.98
C GLY C 330 -33.56 13.58 -19.48
N SER C 331 -32.29 13.59 -19.87
CA SER C 331 -31.89 13.45 -21.27
C SER C 331 -32.53 12.21 -21.87
N THR C 332 -32.56 12.15 -23.20
CA THR C 332 -33.20 11.05 -23.86
C THR C 332 -32.22 10.38 -24.81
N VAL C 333 -31.60 9.31 -24.33
CA VAL C 333 -30.56 8.64 -25.10
C VAL C 333 -31.13 7.79 -26.21
N LYS C 334 -30.44 7.84 -27.34
CA LYS C 334 -30.82 7.13 -28.54
C LYS C 334 -29.79 6.03 -28.75
N ILE C 335 -29.95 4.97 -27.98
CA ILE C 335 -29.12 3.79 -28.09
C ILE C 335 -29.52 3.01 -29.34
N ILE C 336 -28.55 2.65 -30.16
CA ILE C 336 -28.82 1.79 -31.31
C ILE C 336 -28.09 0.45 -31.17
N VAL C 337 -28.84 -0.65 -31.27
CA VAL C 337 -28.38 -1.93 -30.78
C VAL C 337 -28.42 -3.02 -31.83
N GLU C 338 -27.45 -3.94 -31.78
CA GLU C 338 -27.44 -5.07 -32.71
C GLU C 338 -28.03 -6.32 -32.07
N ARG C 339 -29.07 -6.85 -32.69
CA ARG C 339 -29.69 -8.09 -32.21
C ARG C 339 -29.89 -9.06 -33.37
N ASP C 340 -28.97 -10.03 -33.45
CA ASP C 340 -28.96 -11.04 -34.50
C ASP C 340 -28.77 -10.44 -35.88
N ASN C 341 -27.82 -9.51 -35.99
CA ASN C 341 -27.51 -8.84 -37.25
C ASN C 341 -28.56 -7.78 -37.62
N LYS C 342 -29.68 -7.77 -36.90
CA LYS C 342 -30.69 -6.73 -37.07
C LYS C 342 -30.35 -5.58 -36.13
N PRO C 343 -29.95 -4.43 -36.70
CA PRO C 343 -29.80 -3.22 -35.88
C PRO C 343 -31.16 -2.67 -35.42
N LEU C 344 -31.25 -2.27 -34.15
CA LEU C 344 -32.46 -1.63 -33.59
C LEU C 344 -32.18 -0.38 -32.78
N THR C 345 -33.15 0.54 -32.81
CA THR C 345 -32.99 1.86 -32.22
C THR C 345 -33.97 2.06 -31.05
N LEU C 346 -33.43 2.51 -29.92
CA LEU C 346 -34.13 2.55 -28.64
C LEU C 346 -34.17 3.92 -28.01
N SER C 347 -35.22 4.15 -27.23
CA SER C 347 -35.36 5.37 -26.44
C SER C 347 -35.37 5.05 -24.94
N ALA C 348 -34.39 5.58 -24.22
CA ALA C 348 -34.29 5.37 -22.77
C ALA C 348 -33.96 6.70 -22.11
N VAL C 349 -34.33 6.82 -20.85
CA VAL C 349 -34.25 8.09 -20.15
C VAL C 349 -33.42 7.92 -18.90
N VAL C 350 -32.45 8.83 -18.72
CA VAL C 350 -31.61 8.84 -17.53
C VAL C 350 -32.43 9.08 -16.26
N THR C 351 -31.90 8.66 -15.12
CA THR C 351 -32.52 8.93 -13.80
C THR C 351 -31.45 8.93 -12.70
N ASP C 352 -31.80 9.45 -11.54
CA ASP C 352 -30.83 9.60 -10.47
C ASP C 352 -30.67 8.32 -9.67
N ILE C 353 -29.44 8.05 -9.22
CA ILE C 353 -29.12 6.85 -8.45
C ILE C 353 -30.00 6.67 -7.20
N LYS C 354 -30.02 7.71 -6.36
CA LYS C 354 -30.81 7.69 -5.13
C LYS C 354 -32.29 7.64 -5.43
N SER C 355 -32.68 8.38 -6.45
CA SER C 355 -34.05 8.33 -6.96
C SER C 355 -34.39 6.89 -7.39
N HIS C 356 -33.50 6.29 -8.18
CA HIS C 356 -33.68 4.92 -8.62
C HIS C 356 -33.91 4.01 -7.42
N GLU C 357 -32.92 3.95 -6.54
CA GLU C 357 -32.97 3.06 -5.36
C GLU C 357 -34.33 3.11 -4.72
N GLN C 358 -34.91 4.31 -4.71
CA GLN C 358 -36.27 4.52 -4.23
C GLN C 358 -37.29 3.69 -4.99
N LYS C 359 -37.19 3.69 -6.31
CA LYS C 359 -38.05 2.89 -7.19
C LYS C 359 -37.96 1.40 -6.80
N LEU C 360 -36.75 0.95 -6.49
CA LEU C 360 -36.49 -0.42 -6.05
C LEU C 360 -37.11 -0.70 -4.68
N GLN C 361 -36.97 0.25 -3.75
CA GLN C 361 -37.61 0.15 -2.44
C GLN C 361 -39.14 0.18 -2.51
N SER C 362 -39.68 0.92 -3.48
CA SER C 362 -41.11 1.11 -3.63
C SER C 362 -41.80 -0.10 -4.26
N ASN C 363 -41.36 -0.47 -5.46
CA ASN C 363 -41.96 -1.56 -6.23
C ASN C 363 -42.05 -2.86 -5.46
N ASN C 364 -41.21 -2.98 -4.43
CA ASN C 364 -41.23 -4.12 -3.53
C ASN C 364 -41.23 -3.59 -2.10
N PRO C 365 -42.33 -3.84 -1.36
CA PRO C 365 -42.56 -3.09 -0.13
C PRO C 365 -41.56 -3.41 1.00
N PHE C 366 -41.49 -4.69 1.40
CA PHE C 366 -40.73 -5.06 2.60
C PHE C 366 -39.57 -6.05 2.35
N LEU C 367 -39.71 -6.85 1.30
CA LEU C 367 -38.69 -7.84 0.93
C LEU C 367 -37.43 -7.29 0.24
N TYR C 368 -37.32 -5.97 0.15
CA TYR C 368 -36.17 -5.35 -0.47
C TYR C 368 -34.89 -5.63 0.33
N GLY C 369 -33.86 -6.11 -0.39
CA GLY C 369 -32.51 -6.25 0.17
C GLY C 369 -32.17 -7.66 0.66
N LEU C 370 -33.05 -8.61 0.37
CA LEU C 370 -32.97 -9.94 0.95
C LEU C 370 -33.06 -10.96 -0.15
N ALA C 371 -32.10 -11.88 -0.20
CA ALA C 371 -32.13 -12.98 -1.18
C ALA C 371 -32.87 -14.20 -0.66
N LEU C 372 -33.68 -14.81 -1.52
CA LEU C 372 -34.69 -15.78 -1.08
C LEU C 372 -34.79 -17.00 -1.98
N ARG C 373 -34.95 -18.17 -1.38
CA ARG C 373 -35.09 -19.44 -2.15
C ARG C 373 -35.91 -20.47 -1.40
N ALA C 374 -36.64 -21.29 -2.16
CA ALA C 374 -37.48 -22.34 -1.57
C ALA C 374 -36.66 -23.19 -0.63
N PHE C 375 -37.29 -23.66 0.43
CA PHE C 375 -36.66 -24.43 1.48
C PHE C 375 -37.53 -25.66 1.83
N GLU C 376 -36.93 -26.86 1.86
CA GLU C 376 -37.54 -28.06 2.50
C GLU C 376 -36.48 -28.99 3.11
N GLN C 377 -36.69 -29.36 4.37
CA GLN C 377 -35.71 -30.09 5.16
C GLN C 377 -36.41 -30.74 6.36
N GLU C 378 -35.90 -31.89 6.78
CA GLU C 378 -36.39 -32.50 8.00
C GLU C 378 -35.46 -32.04 9.09
N SER C 379 -35.97 -31.22 10.01
CA SER C 379 -35.10 -30.49 10.94
C SER C 379 -35.55 -30.49 12.40
N PRO C 380 -34.94 -31.36 13.23
CA PRO C 380 -35.26 -31.33 14.66
C PRO C 380 -35.12 -29.88 15.17
N PRO C 381 -36.04 -29.43 16.03
CA PRO C 381 -37.12 -30.21 16.61
C PRO C 381 -38.42 -30.05 15.83
N HIS C 382 -38.33 -29.59 14.58
CA HIS C 382 -39.49 -29.09 13.87
C HIS C 382 -40.34 -30.15 13.19
N GLY C 383 -39.69 -31.18 12.65
CA GLY C 383 -40.37 -32.07 11.71
C GLY C 383 -39.94 -31.69 10.31
N ASN C 384 -40.83 -31.76 9.33
CA ASN C 384 -40.49 -31.33 7.97
C ASN C 384 -40.80 -29.85 7.73
N VAL C 385 -39.80 -29.00 7.83
CA VAL C 385 -39.96 -27.58 7.53
C VAL C 385 -40.21 -27.36 6.03
N ILE C 386 -41.12 -26.44 5.72
CA ILE C 386 -41.30 -25.91 4.35
C ILE C 386 -41.53 -24.42 4.45
N GLY C 387 -40.75 -23.64 3.70
CA GLY C 387 -40.80 -22.17 3.70
C GLY C 387 -39.79 -21.61 2.73
N VAL C 388 -39.61 -20.29 2.68
CA VAL C 388 -38.49 -19.82 1.88
C VAL C 388 -37.39 -19.38 2.82
N GLN C 389 -36.17 -19.85 2.55
CA GLN C 389 -35.00 -19.55 3.34
C GLN C 389 -34.47 -18.17 2.96
N VAL C 390 -34.11 -17.38 3.96
CA VAL C 390 -33.48 -16.10 3.71
C VAL C 390 -31.99 -16.30 3.61
N VAL C 391 -31.47 -16.22 2.38
CA VAL C 391 -30.04 -16.35 2.14
C VAL C 391 -29.25 -15.13 2.61
N GLY C 392 -29.57 -13.93 2.07
CA GLY C 392 -28.88 -12.68 2.45
C GLY C 392 -29.79 -11.51 2.84
N ALA C 393 -29.38 -10.72 3.82
CA ALA C 393 -30.21 -9.64 4.33
C ALA C 393 -29.48 -8.31 4.47
N SER C 394 -29.73 -7.40 3.53
CA SER C 394 -28.99 -6.14 3.46
C SER C 394 -28.86 -5.45 4.82
N GLU C 395 -27.66 -5.00 5.14
CA GLU C 395 -27.42 -4.27 6.39
C GLU C 395 -28.50 -3.20 6.66
N ASN C 396 -29.03 -2.66 5.58
CA ASN C 396 -30.11 -1.70 5.64
C ASN C 396 -31.28 -2.20 4.77
N SER C 397 -31.73 -3.41 5.07
CA SER C 397 -32.94 -3.97 4.46
C SER C 397 -34.13 -3.75 5.40
N ALA C 398 -35.32 -3.61 4.81
CA ALA C 398 -36.54 -3.36 5.56
C ALA C 398 -36.76 -4.43 6.63
N GLY C 399 -36.39 -5.66 6.28
CA GLY C 399 -36.39 -6.80 7.18
C GLY C 399 -35.30 -6.83 8.25
N TRP C 400 -34.06 -6.45 7.90
CA TRP C 400 -32.96 -6.40 8.87
C TRP C 400 -33.30 -5.49 10.05
N ARG C 401 -33.89 -4.33 9.75
CA ARG C 401 -34.46 -3.43 10.75
C ARG C 401 -35.45 -4.14 11.67
N ALA C 402 -36.48 -4.76 11.04
CA ALA C 402 -37.54 -5.56 11.73
C ALA C 402 -37.08 -6.81 12.52
N GLY C 403 -35.83 -7.22 12.32
CA GLY C 403 -35.23 -8.24 13.15
C GLY C 403 -34.71 -9.46 12.43
N ILE C 404 -34.88 -9.50 11.11
CA ILE C 404 -34.48 -10.66 10.30
C ILE C 404 -32.98 -10.74 10.16
N ARG C 405 -32.46 -11.96 10.24
CA ARG C 405 -31.04 -12.21 9.97
C ARG C 405 -30.93 -13.33 8.92
N PRO C 406 -29.86 -13.34 8.11
CA PRO C 406 -29.67 -14.37 7.08
C PRO C 406 -29.59 -15.75 7.70
N GLY C 407 -30.29 -16.70 7.10
CA GLY C 407 -30.39 -18.02 7.68
C GLY C 407 -31.83 -18.37 7.98
N ASP C 408 -32.60 -17.38 8.44
CA ASP C 408 -34.00 -17.60 8.86
C ASP C 408 -34.90 -18.25 7.78
N ILE C 409 -35.79 -19.14 8.20
CA ILE C 409 -36.71 -19.87 7.31
C ILE C 409 -38.16 -19.45 7.55
N ILE C 410 -38.68 -18.62 6.65
CA ILE C 410 -40.00 -17.99 6.85
C ILE C 410 -41.16 -18.94 6.55
N ILE C 411 -41.72 -19.53 7.59
CA ILE C 411 -42.77 -20.54 7.39
C ILE C 411 -44.17 -19.97 7.12
N SER C 412 -44.44 -18.78 7.65
CA SER C 412 -45.68 -18.07 7.37
C SER C 412 -45.51 -16.56 7.32
N ALA C 413 -46.26 -15.93 6.43
CA ALA C 413 -46.36 -14.47 6.41
C ALA C 413 -47.82 -14.03 6.44
N ASN C 414 -48.05 -12.85 7.03
CA ASN C 414 -49.41 -12.31 7.25
C ASN C 414 -50.53 -13.35 7.53
N LYS C 415 -50.21 -14.36 8.36
CA LYS C 415 -51.11 -15.44 8.79
C LYS C 415 -51.38 -16.51 7.73
N LYS C 416 -50.62 -16.46 6.64
CA LYS C 416 -50.80 -17.38 5.51
C LYS C 416 -49.55 -18.26 5.33
N PRO C 417 -49.74 -19.55 4.96
CA PRO C 417 -48.59 -20.45 4.81
C PRO C 417 -47.69 -20.09 3.62
N VAL C 418 -46.38 -20.04 3.87
CA VAL C 418 -45.39 -19.76 2.83
C VAL C 418 -44.72 -21.05 2.38
N THR C 419 -44.63 -21.17 1.06
CA THR C 419 -44.11 -22.36 0.40
C THR C 419 -43.04 -21.95 -0.63
N ASP C 420 -43.46 -21.68 -1.86
CA ASP C 420 -42.53 -21.23 -2.88
C ASP C 420 -42.18 -19.75 -2.63
N VAL C 421 -41.23 -19.24 -3.39
CA VAL C 421 -40.83 -17.84 -3.28
C VAL C 421 -41.96 -16.91 -3.71
N LYS C 422 -42.75 -17.35 -4.69
CA LYS C 422 -43.80 -16.51 -5.24
C LYS C 422 -44.85 -16.24 -4.18
N SER C 423 -45.37 -17.31 -3.58
CA SER C 423 -46.41 -17.23 -2.54
C SER C 423 -46.15 -16.10 -1.54
N LEU C 424 -44.89 -15.91 -1.16
CA LEU C 424 -44.53 -14.88 -0.20
C LEU C 424 -44.72 -13.48 -0.75
N GLN C 425 -44.29 -13.27 -1.98
CA GLN C 425 -44.53 -11.99 -2.63
C GLN C 425 -46.03 -11.76 -2.88
N THR C 426 -46.72 -12.76 -3.43
CA THR C 426 -48.18 -12.68 -3.56
C THR C 426 -48.72 -12.04 -2.28
N ILE C 427 -48.45 -12.70 -1.15
CA ILE C 427 -48.78 -12.21 0.18
C ILE C 427 -48.25 -10.82 0.45
N ALA C 428 -47.03 -10.52 0.00
CA ALA C 428 -46.40 -9.22 0.24
C ALA C 428 -46.95 -8.09 -0.65
N GLN C 429 -48.02 -8.38 -1.39
CA GLN C 429 -48.67 -7.41 -2.27
C GLN C 429 -50.09 -7.04 -1.80
N GLU C 430 -50.56 -7.75 -0.76
CA GLU C 430 -51.80 -7.41 -0.04
C GLU C 430 -51.63 -5.99 0.51
N LYS C 431 -52.55 -5.10 0.11
CA LYS C 431 -52.35 -3.63 0.28
C LYS C 431 -52.24 -3.13 1.74
N LYS C 432 -51.12 -3.48 2.38
CA LYS C 432 -51.04 -3.36 3.82
C LYS C 432 -50.00 -2.36 4.34
N LYS C 433 -50.11 -2.08 5.64
CA LYS C 433 -49.21 -1.19 6.34
C LYS C 433 -47.98 -1.92 6.88
N GLU C 434 -48.05 -3.24 6.92
CA GLU C 434 -47.05 -4.07 7.59
C GLU C 434 -46.98 -5.50 7.01
N LEU C 435 -45.85 -6.18 7.23
CA LEU C 435 -45.75 -7.62 6.97
C LEU C 435 -45.31 -8.35 8.24
N LEU C 436 -46.14 -9.30 8.66
CA LEU C 436 -45.91 -10.08 9.85
C LEU C 436 -45.34 -11.42 9.43
N VAL C 437 -44.02 -11.54 9.56
CA VAL C 437 -43.29 -12.71 9.09
C VAL C 437 -42.96 -13.70 10.20
N GLN C 438 -43.35 -14.98 10.02
CA GLN C 438 -43.08 -16.03 11.02
C GLN C 438 -41.81 -16.81 10.68
N VAL C 439 -40.72 -16.44 11.32
CA VAL C 439 -39.42 -17.02 11.01
C VAL C 439 -39.09 -18.25 11.86
N LEU C 440 -38.18 -19.10 11.36
CA LEU C 440 -37.51 -20.09 12.17
C LEU C 440 -36.02 -19.73 12.32
N ARG C 441 -35.48 -19.92 13.51
CA ARG C 441 -34.06 -19.70 13.75
C ARG C 441 -33.52 -20.86 14.59
N GLY C 442 -32.92 -21.83 13.92
CA GLY C 442 -32.44 -23.03 14.58
C GLY C 442 -33.59 -23.86 15.14
N PRO C 443 -33.57 -24.10 16.46
CA PRO C 443 -34.66 -24.81 17.14
C PRO C 443 -35.72 -23.84 17.67
N GLY C 444 -35.69 -22.61 17.19
CA GLY C 444 -36.52 -21.55 17.77
C GLY C 444 -37.33 -20.76 16.77
N SER C 445 -38.46 -20.23 17.24
CA SER C 445 -39.31 -19.37 16.44
C SER C 445 -39.51 -18.03 17.09
N MET C 446 -39.81 -17.05 16.23
CA MET C 446 -39.88 -15.67 16.61
C MET C 446 -40.80 -15.07 15.56
N TYR C 447 -41.65 -14.14 15.99
CA TYR C 447 -42.51 -13.34 15.10
C TYR C 447 -41.91 -11.96 14.90
N LEU C 448 -41.98 -11.46 13.67
CA LEU C 448 -41.40 -10.16 13.34
C LEU C 448 -42.38 -9.28 12.58
N LEU C 449 -42.42 -7.99 12.94
CA LEU C 449 -43.23 -7.05 12.18
C LEU C 449 -42.35 -6.19 11.29
N VAL C 450 -42.44 -6.38 9.99
CA VAL C 450 -41.57 -5.67 9.07
C VAL C 450 -42.22 -4.40 8.56
N ILE C 451 -41.52 -3.29 8.77
CA ILE C 451 -41.91 -1.94 8.28
C ILE C 451 -40.64 -1.09 8.17
N MET D 18 -41.19 7.28 68.63
CA MET D 18 -40.26 7.19 67.45
C MET D 18 -40.53 5.89 66.69
N PRO D 19 -40.38 5.91 65.35
CA PRO D 19 -40.66 4.68 64.60
C PRO D 19 -39.45 3.70 64.63
N SER D 20 -39.74 2.41 64.57
CA SER D 20 -38.69 1.42 64.72
C SER D 20 -39.05 0.09 64.09
N MET D 21 -38.03 -0.66 63.70
CA MET D 21 -38.24 -1.97 63.12
C MET D 21 -37.79 -3.08 64.06
N ALA D 22 -37.24 -2.68 65.20
CA ALA D 22 -36.84 -3.61 66.25
C ALA D 22 -38.00 -4.40 66.88
N PRO D 23 -39.13 -3.72 67.18
CA PRO D 23 -40.22 -4.46 67.81
C PRO D 23 -40.56 -5.79 67.14
N VAL D 24 -40.39 -5.88 65.81
CA VAL D 24 -40.74 -7.11 65.06
C VAL D 24 -39.53 -8.00 64.77
N LEU D 25 -38.40 -7.37 64.49
CA LEU D 25 -37.17 -8.11 64.22
C LEU D 25 -36.75 -9.01 65.40
N LYS D 26 -37.07 -8.57 66.63
CA LYS D 26 -36.61 -9.22 67.86
C LYS D 26 -37.10 -10.67 67.98
N ASN D 27 -38.38 -10.86 67.64
CA ASN D 27 -39.09 -12.12 67.75
C ASN D 27 -38.69 -13.14 66.70
N ILE D 28 -38.03 -12.67 65.64
CA ILE D 28 -37.92 -13.44 64.41
C ILE D 28 -36.49 -13.77 63.96
N MET D 29 -35.49 -13.21 64.65
CA MET D 29 -34.10 -13.42 64.23
C MET D 29 -33.67 -14.88 64.34
N PRO D 30 -34.06 -15.59 65.41
CA PRO D 30 -33.60 -16.97 65.56
C PRO D 30 -34.14 -17.87 64.46
N ALA D 31 -35.18 -17.41 63.77
CA ALA D 31 -35.72 -18.13 62.63
C ALA D 31 -34.72 -18.21 61.50
N ILE D 32 -33.76 -17.28 61.49
CA ILE D 32 -32.71 -17.21 60.46
C ILE D 32 -31.40 -17.82 60.98
N VAL D 33 -30.70 -18.57 60.12
CA VAL D 33 -29.52 -19.29 60.56
C VAL D 33 -28.33 -19.12 59.66
N ASN D 34 -27.18 -19.51 60.19
CA ASN D 34 -25.96 -19.66 59.44
C ASN D 34 -26.01 -20.97 58.68
N VAL D 35 -25.35 -21.01 57.52
CA VAL D 35 -25.12 -22.26 56.78
C VAL D 35 -23.72 -22.27 56.23
N ALA D 36 -22.82 -22.99 56.89
CA ALA D 36 -21.45 -23.17 56.39
C ALA D 36 -21.41 -24.53 55.71
N VAL D 37 -20.58 -24.65 54.69
CA VAL D 37 -20.51 -25.86 53.85
C VAL D 37 -19.06 -26.15 53.44
N GLN D 38 -18.66 -27.42 53.51
CA GLN D 38 -17.30 -27.88 53.13
C GLN D 38 -17.35 -28.95 52.03
N GLY D 39 -16.23 -29.13 51.31
CA GLY D 39 -16.14 -30.15 50.24
C GLY D 39 -15.19 -29.85 49.09
N TYR D 40 -15.39 -30.52 47.95
CA TYR D 40 -14.54 -30.36 46.76
C TYR D 40 -15.31 -30.52 45.44
N LEU D 41 -14.90 -29.76 44.42
CA LEU D 41 -15.60 -29.72 43.14
C LEU D 41 -14.92 -30.57 42.05
N PRO D 42 -15.69 -31.52 41.44
CA PRO D 42 -15.15 -32.49 40.48
C PRO D 42 -14.76 -31.91 39.12
N ASN D 43 -15.18 -30.66 38.87
CA ASN D 43 -14.97 -29.96 37.59
C ASN D 43 -15.20 -30.81 36.33
N ARG D 73 -10.18 -29.70 44.35
CA ARG D 73 -10.00 -28.54 45.21
C ARG D 73 -10.97 -28.49 46.40
N LYS D 74 -10.42 -28.29 47.59
CA LYS D 74 -11.20 -28.08 48.81
C LYS D 74 -11.88 -26.69 48.77
N PHE D 75 -13.06 -26.55 49.38
CA PHE D 75 -13.71 -25.23 49.53
C PHE D 75 -14.64 -25.10 50.75
N GLU D 76 -14.57 -23.93 51.39
CA GLU D 76 -15.55 -23.56 52.40
C GLU D 76 -16.50 -22.52 51.80
N SER D 77 -17.80 -22.78 51.91
CA SER D 77 -18.83 -21.98 51.27
C SER D 77 -19.87 -21.55 52.31
N ILE D 78 -19.78 -20.29 52.76
CA ILE D 78 -20.66 -19.74 53.81
C ILE D 78 -21.88 -18.99 53.23
N GLY D 79 -23.03 -19.23 53.86
CA GLY D 79 -24.28 -18.56 53.55
C GLY D 79 -25.31 -18.59 54.68
N SER D 80 -26.56 -18.37 54.32
CA SER D 80 -27.65 -18.15 55.28
C SER D 80 -28.79 -19.17 55.12
N GLY D 81 -29.82 -19.06 55.97
CA GLY D 81 -30.93 -20.00 55.96
C GLY D 81 -32.08 -19.67 56.90
N VAL D 82 -33.28 -20.19 56.58
CA VAL D 82 -34.51 -19.85 57.30
C VAL D 82 -35.31 -21.09 57.80
N ILE D 83 -35.86 -21.01 59.00
CA ILE D 83 -36.58 -22.11 59.62
C ILE D 83 -38.10 -22.00 59.37
N ILE D 84 -38.60 -22.81 58.44
CA ILE D 84 -40.04 -22.82 58.09
C ILE D 84 -40.89 -23.94 58.71
N ASP D 85 -40.28 -24.76 59.56
CA ASP D 85 -41.01 -25.80 60.28
C ASP D 85 -40.29 -26.13 61.59
N PRO D 86 -40.50 -25.30 62.62
CA PRO D 86 -39.79 -25.41 63.90
C PRO D 86 -39.90 -26.76 64.56
N ASN D 87 -40.98 -27.50 64.28
CA ASN D 87 -41.22 -28.81 64.88
C ASN D 87 -40.54 -29.95 64.13
N ASN D 88 -40.53 -29.89 62.81
CA ASN D 88 -39.84 -30.92 62.00
C ASN D 88 -38.40 -30.54 61.61
N GLY D 89 -38.00 -29.33 62.00
CA GLY D 89 -36.72 -28.74 61.65
C GLY D 89 -36.56 -28.46 60.15
N VAL D 90 -37.65 -28.22 59.44
CA VAL D 90 -37.52 -27.93 58.01
C VAL D 90 -36.94 -26.54 57.82
N ILE D 91 -35.85 -26.46 57.05
CA ILE D 91 -35.11 -25.23 56.77
C ILE D 91 -34.91 -25.02 55.27
N ILE D 92 -35.07 -23.78 54.80
CA ILE D 92 -34.77 -23.43 53.38
C ILE D 92 -33.46 -22.66 53.14
N THR D 93 -32.88 -22.88 51.97
CA THR D 93 -31.68 -22.16 51.58
C THR D 93 -31.53 -22.18 50.05
N ASN D 94 -30.52 -21.50 49.52
CA ASN D 94 -30.24 -21.60 48.09
C ASN D 94 -29.44 -22.84 47.72
N ASP D 95 -29.90 -23.55 46.70
CA ASP D 95 -29.24 -24.73 46.22
C ASP D 95 -27.75 -24.47 45.96
N HIS D 96 -27.42 -23.28 45.44
CA HIS D 96 -26.03 -22.92 45.16
C HIS D 96 -25.10 -22.91 46.39
N VAL D 97 -25.63 -22.63 47.58
CA VAL D 97 -24.81 -22.65 48.81
C VAL D 97 -24.40 -24.07 49.15
N ILE D 98 -25.41 -24.93 49.31
CA ILE D 98 -25.21 -26.33 49.74
C ILE D 98 -24.65 -27.28 48.67
N ARG D 99 -24.51 -26.80 47.44
CA ARG D 99 -24.02 -27.65 46.36
C ARG D 99 -22.60 -28.14 46.54
N ASN D 100 -22.40 -29.43 46.28
CA ASN D 100 -21.10 -30.10 46.42
C ASN D 100 -20.65 -30.21 47.89
N ALA D 101 -21.62 -30.12 48.79
CA ALA D 101 -21.34 -30.27 50.21
C ALA D 101 -21.21 -31.74 50.55
N SER D 102 -20.32 -32.02 51.49
CA SER D 102 -20.33 -33.28 52.22
C SER D 102 -21.03 -33.01 53.54
N LEU D 103 -20.42 -32.17 54.39
CA LEU D 103 -21.09 -31.70 55.60
C LEU D 103 -21.73 -30.30 55.40
N ILE D 104 -22.94 -30.16 55.92
CA ILE D 104 -23.70 -28.91 55.99
C ILE D 104 -23.95 -28.52 57.46
N THR D 105 -23.13 -27.59 57.97
CA THR D 105 -23.26 -27.13 59.34
C THR D 105 -24.17 -25.92 59.41
N VAL D 106 -25.22 -26.03 60.20
CA VAL D 106 -26.11 -24.94 60.50
C VAL D 106 -25.70 -24.44 61.87
N THR D 107 -25.86 -23.13 62.11
CA THR D 107 -25.70 -22.58 63.45
C THR D 107 -26.83 -21.62 63.78
N LEU D 108 -27.66 -21.98 64.75
CA LEU D 108 -28.76 -21.12 65.22
C LEU D 108 -28.15 -19.98 66.03
N GLN D 109 -29.01 -19.14 66.59
CA GLN D 109 -28.59 -17.96 67.37
C GLN D 109 -27.91 -18.33 68.68
N ASP D 110 -28.37 -19.40 69.31
CA ASP D 110 -27.93 -19.77 70.67
C ASP D 110 -26.61 -20.53 70.68
N GLY D 111 -25.86 -20.37 69.60
CA GLY D 111 -24.52 -20.96 69.47
C GLY D 111 -24.51 -22.45 69.18
N ARG D 112 -25.69 -23.05 69.01
CA ARG D 112 -25.79 -24.46 68.68
C ARG D 112 -25.36 -24.76 67.24
N ARG D 113 -24.29 -25.55 67.09
CA ARG D 113 -23.74 -25.93 65.78
C ARG D 113 -24.27 -27.31 65.41
N LEU D 114 -25.19 -27.35 64.46
CA LEU D 114 -25.87 -28.59 64.11
C LEU D 114 -25.47 -29.18 62.75
N LYS D 115 -25.38 -30.51 62.69
CA LYS D 115 -25.16 -31.23 61.45
C LYS D 115 -26.48 -31.32 60.68
N ALA D 116 -26.46 -30.89 59.40
CA ALA D 116 -27.69 -30.85 58.61
C ALA D 116 -27.72 -31.83 57.43
N ARG D 117 -28.94 -32.19 57.03
CA ARG D 117 -29.15 -33.13 55.94
C ARG D 117 -30.01 -32.56 54.82
N LEU D 118 -29.62 -32.85 53.59
CA LEU D 118 -30.27 -32.32 52.41
C LEU D 118 -31.47 -33.15 51.97
N ILE D 119 -32.65 -32.87 52.50
CA ILE D 119 -33.92 -33.48 52.03
C ILE D 119 -34.07 -33.58 50.48
N GLY D 120 -33.71 -32.52 49.77
CA GLY D 120 -33.71 -32.44 48.30
C GLY D 120 -33.47 -31.00 47.86
N GLY D 121 -32.94 -30.79 46.64
CA GLY D 121 -32.62 -29.42 46.20
C GLY D 121 -32.61 -29.14 44.70
N ASP D 122 -33.59 -28.38 44.23
CA ASP D 122 -33.70 -28.03 42.81
C ASP D 122 -32.87 -26.82 42.43
N SER D 123 -31.96 -26.99 41.47
CA SER D 123 -31.07 -25.90 41.03
C SER D 123 -31.71 -24.92 40.06
N GLU D 124 -32.68 -25.40 39.28
CA GLU D 124 -33.33 -24.55 38.33
C GLU D 124 -34.12 -23.42 38.96
N THR D 125 -34.58 -23.62 40.19
CA THR D 125 -35.17 -22.54 40.94
C THR D 125 -34.20 -22.09 42.03
N ASP D 126 -33.05 -22.77 42.10
CA ASP D 126 -32.03 -22.52 43.12
C ASP D 126 -32.58 -22.48 44.55
N LEU D 127 -33.24 -23.57 44.93
CA LEU D 127 -33.71 -23.77 46.26
C LEU D 127 -33.27 -25.13 46.82
N ALA D 128 -33.18 -25.24 48.14
CA ALA D 128 -32.86 -26.50 48.79
C ALA D 128 -33.55 -26.62 50.15
N VAL D 129 -34.14 -27.78 50.42
CA VAL D 129 -34.72 -28.04 51.75
C VAL D 129 -33.75 -28.77 52.66
N LEU D 130 -33.73 -28.37 53.93
CA LEU D 130 -32.83 -28.93 54.94
C LEU D 130 -33.58 -29.39 56.19
N LYS D 131 -33.05 -30.41 56.85
CA LYS D 131 -33.61 -30.87 58.10
C LYS D 131 -32.54 -30.91 59.18
N ILE D 132 -32.91 -30.50 60.39
CA ILE D 132 -32.02 -30.65 61.55
C ILE D 132 -32.75 -31.25 62.77
N ASP D 133 -32.07 -32.16 63.46
CA ASP D 133 -32.73 -32.96 64.50
C ASP D 133 -32.81 -32.32 65.87
N ALA D 134 -32.45 -31.04 65.96
CA ALA D 134 -32.60 -30.34 67.23
C ALA D 134 -34.02 -29.83 67.42
N LYS D 135 -34.40 -29.67 68.67
CA LYS D 135 -35.71 -29.17 69.00
C LYS D 135 -35.51 -27.91 69.78
N ASN D 136 -36.60 -27.23 70.10
CA ASN D 136 -36.52 -25.87 70.64
C ASN D 136 -36.08 -24.90 69.56
N LEU D 137 -36.78 -24.93 68.43
CA LEU D 137 -36.53 -24.07 67.28
C LEU D 137 -37.68 -23.09 67.10
N LYS D 138 -37.35 -21.86 66.69
CA LYS D 138 -38.36 -20.82 66.43
C LYS D 138 -38.49 -20.56 64.93
N SER D 139 -39.63 -19.99 64.52
CA SER D 139 -39.84 -19.63 63.11
C SER D 139 -40.35 -18.20 62.92
N LEU D 140 -40.93 -17.94 61.77
CA LEU D 140 -41.68 -16.71 61.55
C LEU D 140 -42.87 -17.02 60.63
N VAL D 141 -43.89 -16.18 60.59
CA VAL D 141 -45.02 -16.48 59.70
C VAL D 141 -44.59 -16.33 58.25
N ILE D 142 -45.13 -17.22 57.41
CA ILE D 142 -44.85 -17.26 55.98
C ILE D 142 -45.83 -16.36 55.23
N GLY D 143 -45.31 -15.29 54.65
CA GLY D 143 -46.12 -14.31 53.96
C GLY D 143 -46.72 -14.79 52.66
N ASP D 144 -47.43 -13.88 52.01
CA ASP D 144 -48.03 -14.14 50.70
C ASP D 144 -47.43 -13.13 49.73
N SER D 145 -46.53 -13.60 48.88
CA SER D 145 -45.73 -12.75 48.03
C SER D 145 -46.56 -11.96 47.03
N ASP D 146 -47.85 -12.28 46.96
CA ASP D 146 -48.71 -11.68 45.96
C ASP D 146 -49.39 -10.42 46.47
N LYS D 147 -49.38 -10.23 47.79
CA LYS D 147 -49.91 -9.00 48.37
C LYS D 147 -48.87 -7.87 48.34
N LEU D 148 -47.60 -8.22 48.05
CA LEU D 148 -46.50 -7.23 48.02
C LEU D 148 -46.69 -6.20 46.93
N GLU D 149 -46.27 -4.97 47.21
CA GLU D 149 -46.45 -3.85 46.27
C GLU D 149 -45.21 -2.97 46.22
N VAL D 150 -44.79 -2.61 45.01
CA VAL D 150 -43.57 -1.82 44.83
C VAL D 150 -43.67 -0.55 45.67
N GLY D 151 -42.75 -0.41 46.63
CA GLY D 151 -42.74 0.67 47.57
C GLY D 151 -42.87 0.18 49.00
N ASP D 152 -43.14 -1.12 49.19
CA ASP D 152 -43.25 -1.70 50.54
C ASP D 152 -41.91 -1.70 51.23
N PHE D 153 -41.89 -1.43 52.53
CA PHE D 153 -40.65 -1.54 53.29
C PHE D 153 -40.30 -2.98 53.62
N VAL D 154 -39.02 -3.24 53.87
CA VAL D 154 -38.52 -4.59 53.81
C VAL D 154 -37.12 -4.72 54.42
N VAL D 155 -36.91 -5.81 55.17
CA VAL D 155 -35.66 -6.01 55.91
C VAL D 155 -35.04 -7.34 55.51
N ALA D 156 -33.77 -7.31 55.06
CA ALA D 156 -33.02 -8.54 54.72
C ALA D 156 -32.16 -9.05 55.85
N ILE D 157 -32.25 -10.36 56.10
CA ILE D 157 -31.60 -10.97 57.25
C ILE D 157 -30.72 -12.10 56.73
N GLY D 158 -29.45 -12.11 57.13
CA GLY D 158 -28.46 -13.01 56.58
C GLY D 158 -27.11 -12.77 57.22
N ASN D 159 -26.08 -13.44 56.70
CA ASN D 159 -24.74 -13.27 57.23
C ASN D 159 -23.73 -12.97 56.11
N PRO D 160 -23.73 -11.71 55.61
CA PRO D 160 -22.72 -11.39 54.59
C PRO D 160 -21.32 -11.38 55.22
N PHE D 161 -20.34 -11.96 54.54
CA PHE D 161 -19.01 -12.10 55.13
C PHE D 161 -19.10 -12.90 56.46
N GLY D 162 -18.29 -12.60 57.47
CA GLY D 162 -18.36 -13.39 58.72
C GLY D 162 -19.32 -12.95 59.83
N LEU D 163 -19.71 -13.91 60.67
CA LEU D 163 -20.37 -13.67 61.99
C LEU D 163 -21.07 -14.86 62.71
N ASN D 164 -20.66 -15.12 63.96
CA ASN D 164 -21.06 -16.34 64.72
C ASN D 164 -20.96 -16.23 66.25
N SER D 169 -25.72 -12.11 66.52
CA SER D 169 -25.12 -13.25 65.83
C SER D 169 -25.26 -13.14 64.28
N GLN D 170 -26.19 -12.26 63.86
CA GLN D 170 -26.68 -12.15 62.47
C GLN D 170 -26.94 -10.72 62.03
N SER D 171 -26.96 -10.51 60.71
CA SER D 171 -26.98 -9.18 60.13
C SER D 171 -28.32 -8.87 59.49
N ALA D 172 -28.87 -7.70 59.77
CA ALA D 172 -30.17 -7.30 59.22
C ALA D 172 -30.01 -5.98 58.48
N THR D 173 -30.66 -5.83 57.32
CA THR D 173 -30.54 -4.57 56.58
C THR D 173 -31.87 -4.12 55.95
N PHE D 174 -32.06 -2.79 55.85
CA PHE D 174 -33.35 -2.17 55.50
C PHE D 174 -33.39 -1.65 54.06
N GLY D 175 -34.61 -1.60 53.49
CA GLY D 175 -34.87 -1.02 52.16
C GLY D 175 -36.34 -1.11 51.72
N ILE D 176 -36.64 -0.81 50.45
CA ILE D 176 -37.99 -1.03 49.92
C ILE D 176 -38.01 -2.08 48.82
N VAL D 177 -39.21 -2.51 48.46
CA VAL D 177 -39.41 -3.37 47.30
C VAL D 177 -39.32 -2.49 46.05
N SER D 178 -38.45 -2.84 45.11
CA SER D 178 -38.08 -1.92 44.04
C SER D 178 -38.66 -2.29 42.71
N ALA D 179 -38.98 -3.57 42.56
CA ALA D 179 -39.57 -4.12 41.33
C ALA D 179 -39.98 -5.55 41.57
N LEU D 180 -41.05 -5.95 40.88
CA LEU D 180 -41.45 -7.36 40.80
C LEU D 180 -41.29 -7.89 39.36
N LYS D 181 -40.67 -9.07 39.18
CA LYS D 181 -40.47 -9.66 37.84
C LYS D 181 -41.70 -10.48 37.43
N ASN D 192 -37.95 -15.29 38.05
CA ASN D 192 -39.13 -14.52 38.50
C ASN D 192 -38.93 -13.63 39.75
N PHE D 193 -37.85 -12.85 39.81
CA PHE D 193 -37.39 -12.25 41.08
C PHE D 193 -38.19 -11.13 41.72
N ILE D 194 -37.85 -10.87 42.97
CA ILE D 194 -38.18 -9.62 43.65
C ILE D 194 -36.93 -8.76 43.71
N GLN D 195 -37.04 -7.48 43.39
CA GLN D 195 -35.87 -6.62 43.41
C GLN D 195 -35.94 -5.80 44.66
N THR D 196 -34.82 -5.66 45.38
CA THR D 196 -34.78 -4.79 46.56
C THR D 196 -33.46 -4.03 46.70
N ASP D 197 -33.54 -2.84 47.29
CA ASP D 197 -32.35 -1.99 47.54
C ASP D 197 -31.83 -2.12 48.96
N ALA D 198 -32.49 -2.99 49.74
CA ALA D 198 -31.99 -3.45 51.02
C ALA D 198 -30.73 -4.26 50.76
N ALA D 199 -29.66 -3.98 51.50
CA ALA D 199 -28.33 -4.49 51.18
C ALA D 199 -28.24 -6.03 51.16
N ILE D 200 -27.47 -6.55 50.20
CA ILE D 200 -27.31 -7.98 49.99
C ILE D 200 -25.94 -8.17 49.39
N ASN D 201 -25.12 -8.93 50.09
CA ASN D 201 -23.74 -9.16 49.73
C ASN D 201 -23.45 -10.65 49.83
N PRO D 202 -22.24 -11.06 49.45
CA PRO D 202 -21.90 -12.46 49.63
C PRO D 202 -22.13 -12.95 51.07
N GLY D 203 -22.93 -14.00 51.20
CA GLY D 203 -23.27 -14.57 52.50
C GLY D 203 -24.72 -14.33 52.85
N ASN D 204 -25.38 -13.47 52.07
CA ASN D 204 -26.80 -13.22 52.28
C ASN D 204 -27.68 -14.29 51.68
N ALA D 205 -27.06 -15.12 50.85
CA ALA D 205 -27.75 -16.11 50.05
C ALA D 205 -28.42 -17.13 50.93
N GLY D 206 -29.70 -17.39 50.68
CA GLY D 206 -30.45 -18.36 51.48
C GLY D 206 -31.23 -17.73 52.61
N GLY D 207 -30.88 -16.49 52.96
CA GLY D 207 -31.51 -15.74 54.05
C GLY D 207 -32.89 -15.16 53.76
N ALA D 208 -33.43 -14.43 54.74
CA ALA D 208 -34.83 -13.97 54.71
C ALA D 208 -35.07 -12.55 54.20
N LEU D 209 -36.16 -12.36 53.49
CA LEU D 209 -36.61 -11.04 53.13
C LEU D 209 -38.05 -10.94 53.63
N VAL D 210 -38.24 -10.07 54.62
CA VAL D 210 -39.49 -10.00 55.36
C VAL D 210 -40.07 -8.63 55.16
N ASN D 211 -41.39 -8.55 55.29
CA ASN D 211 -42.14 -7.32 55.09
C ASN D 211 -42.24 -6.47 56.36
N ALA D 212 -42.95 -5.34 56.24
CA ALA D 212 -43.04 -4.35 57.32
C ALA D 212 -43.78 -4.88 58.54
N LYS D 213 -44.30 -6.09 58.46
CA LYS D 213 -44.87 -6.77 59.63
C LYS D 213 -44.13 -8.07 59.96
N GLY D 214 -42.99 -8.30 59.32
CA GLY D 214 -42.08 -9.37 59.75
C GLY D 214 -42.36 -10.76 59.23
N GLU D 215 -43.21 -10.86 58.23
CA GLU D 215 -43.60 -12.13 57.60
C GLU D 215 -42.67 -12.47 56.43
N LEU D 216 -42.11 -13.68 56.48
CA LEU D 216 -41.31 -14.20 55.40
C LEU D 216 -42.04 -14.02 54.08
N ILE D 217 -41.45 -13.22 53.20
CA ILE D 217 -42.01 -12.96 51.87
C ILE D 217 -40.99 -13.25 50.80
N GLY D 218 -39.75 -13.56 51.20
CA GLY D 218 -38.72 -13.83 50.20
C GLY D 218 -37.44 -14.49 50.69
N ILE D 219 -36.75 -15.15 49.79
CA ILE D 219 -35.47 -15.73 50.09
C ILE D 219 -34.42 -15.05 49.20
N ASN D 220 -33.51 -14.27 49.81
CA ASN D 220 -32.56 -13.47 49.00
C ASN D 220 -31.55 -14.36 48.31
N THR D 221 -31.19 -14.04 47.06
CA THR D 221 -30.43 -14.94 46.25
C THR D 221 -29.28 -14.31 45.50
N ALA D 222 -29.56 -13.31 44.68
CA ALA D 222 -28.51 -12.74 43.83
C ALA D 222 -28.35 -11.21 43.96
N ILE D 223 -27.18 -10.70 43.58
CA ILE D 223 -26.99 -9.28 43.36
C ILE D 223 -26.59 -9.02 41.91
N LEU D 224 -26.86 -7.82 41.42
CA LEU D 224 -26.29 -7.30 40.19
C LEU D 224 -25.15 -6.37 40.61
N SER D 225 -24.03 -6.45 39.91
CA SER D 225 -22.95 -5.49 40.10
C SER D 225 -21.94 -5.52 38.96
N TYR D 227 -15.35 -7.80 42.94
CA TYR D 227 -15.90 -6.67 42.19
C TYR D 227 -17.46 -6.62 42.18
N GLY D 228 -18.06 -7.31 43.17
CA GLY D 228 -19.51 -7.33 43.39
C GLY D 228 -19.99 -7.01 44.82
N GLY D 229 -20.13 -5.71 45.11
CA GLY D 229 -20.71 -5.27 46.37
C GLY D 229 -22.17 -4.93 46.16
N ASN D 230 -22.87 -4.56 47.24
CA ASN D 230 -24.31 -4.44 47.18
C ASN D 230 -24.85 -3.54 46.10
N VAL D 231 -24.29 -2.33 45.97
CA VAL D 231 -24.69 -1.43 44.87
C VAL D 231 -26.19 -1.02 44.86
N GLY D 232 -26.99 -1.73 45.65
CA GLY D 232 -28.40 -1.41 45.83
C GLY D 232 -29.38 -2.18 44.94
N ILE D 233 -28.99 -3.35 44.47
CA ILE D 233 -29.84 -4.13 43.58
C ILE D 233 -29.68 -5.59 43.89
N GLY D 234 -30.61 -6.11 44.66
CA GLY D 234 -30.54 -7.46 45.11
C GLY D 234 -31.79 -8.15 44.62
N PHE D 235 -31.72 -9.49 44.60
CA PHE D 235 -32.79 -10.35 44.14
C PHE D 235 -33.16 -11.42 45.14
N ALA D 236 -34.46 -11.52 45.39
CA ALA D 236 -35.04 -12.58 46.18
C ALA D 236 -36.17 -13.26 45.42
N ILE D 237 -36.33 -14.56 45.68
CA ILE D 237 -37.43 -15.36 45.15
C ILE D 237 -38.64 -15.07 46.02
N PRO D 238 -39.81 -14.82 45.40
CA PRO D 238 -41.03 -14.63 46.18
C PRO D 238 -41.38 -15.90 46.96
N ILE D 239 -41.94 -15.73 48.16
CA ILE D 239 -42.15 -16.86 49.07
C ILE D 239 -43.19 -17.87 48.56
N ASN D 240 -44.19 -17.37 47.81
CA ASN D 240 -45.20 -18.26 47.26
C ASN D 240 -44.53 -19.37 46.48
N MET D 241 -43.62 -19.01 45.59
CA MET D 241 -42.79 -19.97 44.90
C MET D 241 -42.10 -20.91 45.89
N VAL D 242 -41.56 -20.34 46.97
CA VAL D 242 -40.77 -21.11 47.94
C VAL D 242 -41.60 -22.23 48.58
N LYS D 243 -42.79 -21.91 49.09
CA LYS D 243 -43.69 -22.92 49.63
C LYS D 243 -43.85 -24.00 48.56
N ASP D 244 -44.17 -23.56 47.34
CA ASP D 244 -44.48 -24.47 46.24
C ASP D 244 -43.40 -25.53 46.04
N VAL D 245 -42.14 -25.10 45.89
CA VAL D 245 -41.04 -26.05 45.70
C VAL D 245 -40.68 -26.79 46.99
N ALA D 246 -40.94 -26.18 48.15
CA ALA D 246 -40.62 -26.79 49.45
C ALA D 246 -41.38 -28.08 49.72
N GLN D 247 -42.71 -28.04 49.62
CA GLN D 247 -43.52 -29.25 49.81
C GLN D 247 -43.23 -30.34 48.77
N GLN D 248 -43.19 -29.99 47.49
CA GLN D 248 -42.80 -30.92 46.45
C GLN D 248 -41.51 -31.65 46.79
N ILE D 249 -40.50 -30.91 47.24
CA ILE D 249 -39.22 -31.52 47.53
C ILE D 249 -39.39 -32.32 48.77
N ILE D 250 -40.04 -31.71 49.77
CA ILE D 250 -40.33 -32.38 51.05
C ILE D 250 -41.03 -33.70 50.78
N LYS D 251 -42.16 -33.60 50.08
CA LYS D 251 -42.99 -34.71 49.71
C LYS D 251 -42.25 -35.68 48.78
N PHE D 252 -42.30 -35.43 47.48
CA PHE D 252 -41.74 -36.37 46.52
C PHE D 252 -40.21 -36.47 46.61
N GLY D 253 -39.61 -35.71 47.51
CA GLY D 253 -38.18 -35.72 47.63
C GLY D 253 -37.49 -34.98 46.50
N SER D 254 -38.24 -34.62 45.45
CA SER D 254 -37.70 -33.83 44.31
C SER D 254 -38.77 -33.31 43.34
N ILE D 255 -38.31 -32.56 42.33
CA ILE D 255 -39.19 -31.97 41.32
C ILE D 255 -38.97 -32.56 39.93
N HIS D 256 -40.00 -33.21 39.39
CA HIS D 256 -39.97 -33.66 38.00
C HIS D 256 -40.57 -32.57 37.14
N ARG D 257 -39.70 -31.91 36.38
CA ARG D 257 -40.09 -30.94 35.37
C ARG D 257 -40.58 -31.63 34.11
N GLY D 258 -41.49 -30.97 33.42
CA GLY D 258 -42.07 -31.53 32.23
C GLY D 258 -41.78 -30.76 30.97
N LEU D 259 -42.26 -31.32 29.87
CA LEU D 259 -42.11 -30.74 28.55
C LEU D 259 -43.45 -30.15 28.15
N MET D 260 -43.43 -29.23 27.21
CA MET D 260 -44.67 -28.79 26.57
C MET D 260 -44.60 -28.89 25.08
N GLY D 261 -43.57 -28.29 24.51
CA GLY D 261 -43.41 -28.18 23.06
C GLY D 261 -43.93 -26.84 22.57
N ILE D 262 -43.73 -25.79 23.36
CA ILE D 262 -44.13 -24.43 23.00
C ILE D 262 -42.97 -23.48 23.04
N PHE D 263 -42.99 -22.51 22.13
CA PHE D 263 -42.11 -21.38 22.22
C PHE D 263 -42.93 -20.11 22.18
N VAL D 264 -42.59 -19.21 23.09
CA VAL D 264 -43.46 -18.11 23.47
C VAL D 264 -42.71 -16.79 23.48
N GLN D 265 -43.30 -15.77 22.86
CA GLN D 265 -42.69 -14.45 22.85
C GLN D 265 -43.64 -13.36 23.32
N HIS D 266 -43.06 -12.26 23.77
CA HIS D 266 -43.75 -11.14 24.39
C HIS D 266 -44.61 -10.40 23.37
N LEU D 267 -45.85 -10.08 23.75
CA LEU D 267 -46.79 -9.43 22.86
C LEU D 267 -46.62 -7.93 22.95
N THR D 268 -45.88 -7.36 21.99
CA THR D 268 -45.80 -5.92 21.87
C THR D 268 -47.16 -5.36 21.44
N PRO D 269 -47.50 -4.13 21.88
CA PRO D 269 -48.75 -3.55 21.42
C PRO D 269 -48.67 -3.46 19.92
N GLU D 270 -47.47 -3.14 19.44
CA GLU D 270 -47.09 -3.12 18.05
C GLU D 270 -47.51 -4.44 17.39
N LEU D 271 -47.30 -5.55 18.10
CA LEU D 271 -47.69 -6.87 17.62
C LEU D 271 -49.19 -7.11 17.80
N ALA D 272 -49.67 -7.04 19.04
CA ALA D 272 -51.09 -7.20 19.33
C ALA D 272 -51.90 -6.53 18.23
N GLN D 273 -51.69 -5.22 18.05
CA GLN D 273 -52.37 -4.48 17.00
C GLN D 273 -52.18 -5.19 15.67
N ALA D 274 -50.93 -5.49 15.33
CA ALA D 274 -50.61 -6.12 14.04
C ALA D 274 -51.31 -7.46 13.80
N MET D 275 -51.89 -8.05 14.85
CA MET D 275 -52.70 -9.26 14.70
C MET D 275 -54.18 -8.98 14.93
N GLY D 276 -54.57 -7.71 14.76
CA GLY D 276 -55.96 -7.28 14.89
C GLY D 276 -56.42 -7.33 16.33
N TYR D 277 -55.74 -6.56 17.17
CA TYR D 277 -56.05 -6.48 18.59
C TYR D 277 -55.84 -5.06 19.14
N PRO D 278 -56.60 -4.67 20.20
CA PRO D 278 -56.34 -3.38 20.82
C PRO D 278 -54.90 -3.35 21.32
N GLU D 279 -54.23 -2.21 21.18
CA GLU D 279 -52.80 -2.12 21.51
C GLU D 279 -52.54 -2.24 23.01
N ASP D 280 -53.59 -2.51 23.77
CA ASP D 280 -53.46 -2.86 25.20
C ASP D 280 -54.09 -4.23 25.52
N PHE D 281 -54.20 -5.07 24.49
CA PHE D 281 -54.51 -6.49 24.68
C PHE D 281 -53.28 -7.09 25.32
N GLN D 282 -53.48 -8.06 26.20
CA GLN D 282 -52.33 -8.62 26.93
C GLN D 282 -52.20 -10.14 26.94
N GLY D 283 -50.97 -10.60 26.70
CA GLY D 283 -50.68 -12.03 26.70
C GLY D 283 -49.32 -12.42 26.16
N ALA D 284 -49.19 -13.72 25.88
CA ALA D 284 -47.94 -14.30 25.41
C ALA D 284 -48.17 -14.92 24.05
N LEU D 285 -47.47 -14.43 23.04
CA LEU D 285 -47.60 -14.94 21.69
C LEU D 285 -46.90 -16.31 21.50
N VAL D 286 -47.61 -17.28 20.92
CA VAL D 286 -47.04 -18.60 20.66
C VAL D 286 -46.42 -18.63 19.26
N SER D 287 -45.08 -18.77 19.20
CA SER D 287 -44.37 -18.78 17.91
C SER D 287 -44.22 -20.17 17.29
N GLN D 288 -44.02 -21.19 18.12
CA GLN D 288 -44.04 -22.56 17.65
C GLN D 288 -44.67 -23.57 18.61
N VAL D 289 -45.10 -24.70 18.04
CA VAL D 289 -45.66 -25.80 18.77
C VAL D 289 -45.05 -26.97 18.08
N ASN D 290 -44.14 -27.67 18.75
CA ASN D 290 -43.43 -28.80 18.16
C ASN D 290 -44.38 -29.96 17.92
N PRO D 291 -44.06 -30.85 16.95
CA PRO D 291 -45.00 -31.93 16.69
C PRO D 291 -44.82 -33.13 17.62
N ASN D 292 -45.94 -33.81 17.89
CA ASN D 292 -46.05 -34.89 18.89
C ASN D 292 -45.61 -34.40 20.27
N SER D 293 -45.82 -33.12 20.50
CA SER D 293 -45.57 -32.52 21.80
C SER D 293 -46.93 -32.25 22.44
N PRO D 294 -47.03 -32.45 23.77
CA PRO D 294 -48.27 -32.22 24.49
C PRO D 294 -48.96 -30.94 24.06
N ALA D 295 -48.19 -29.90 23.77
CA ALA D 295 -48.78 -28.63 23.38
C ALA D 295 -49.69 -28.85 22.18
N GLU D 296 -49.21 -29.64 21.23
CA GLU D 296 -49.95 -29.94 20.01
C GLU D 296 -51.11 -30.95 20.22
N LEU D 297 -50.94 -31.86 21.17
CA LEU D 297 -51.98 -32.84 21.48
C LEU D 297 -53.22 -32.08 21.98
N ALA D 298 -52.97 -31.23 22.97
CA ALA D 298 -53.95 -30.32 23.53
C ALA D 298 -54.62 -29.46 22.46
N GLY D 299 -53.94 -29.29 21.32
CA GLY D 299 -54.50 -28.62 20.17
C GLY D 299 -54.07 -27.18 20.04
N LEU D 300 -52.93 -26.83 20.63
CA LEU D 300 -52.38 -25.48 20.52
C LEU D 300 -51.85 -25.23 19.09
N LYS D 301 -51.58 -23.96 18.76
CA LYS D 301 -51.05 -23.58 17.45
C LYS D 301 -50.23 -22.32 17.54
N ALA D 302 -49.16 -22.28 16.75
CA ALA D 302 -48.41 -21.07 16.53
C ALA D 302 -49.39 -19.99 16.10
N GLY D 303 -49.16 -18.77 16.58
CA GLY D 303 -50.07 -17.66 16.30
C GLY D 303 -50.96 -17.32 17.48
N ASP D 304 -51.48 -18.34 18.16
CA ASP D 304 -52.26 -18.18 19.40
C ASP D 304 -51.62 -17.26 20.44
N ILE D 305 -52.46 -16.54 21.18
CA ILE D 305 -51.99 -15.71 22.28
C ILE D 305 -52.50 -16.28 23.59
N ILE D 306 -51.61 -16.79 24.41
CA ILE D 306 -52.01 -17.33 25.70
C ILE D 306 -52.36 -16.17 26.61
N THR D 307 -53.60 -16.18 27.08
CA THR D 307 -54.10 -15.17 28.01
C THR D 307 -54.13 -15.65 29.47
N GLN D 308 -54.11 -16.96 29.68
CA GLN D 308 -54.39 -17.53 31.01
C GLN D 308 -54.07 -19.03 31.14
N ILE D 309 -53.33 -19.35 32.20
CA ILE D 309 -52.89 -20.71 32.49
C ILE D 309 -53.41 -21.14 33.86
N ASN D 310 -54.21 -22.21 33.90
CA ASN D 310 -54.94 -22.59 35.12
C ASN D 310 -55.40 -21.34 35.88
N ASP D 311 -54.79 -21.09 37.03
CA ASP D 311 -55.17 -20.00 37.88
C ASP D 311 -54.55 -18.68 37.43
N THR D 312 -53.23 -18.71 37.17
CA THR D 312 -52.46 -17.53 36.82
C THR D 312 -53.00 -16.75 35.60
N LYS D 313 -52.86 -15.43 35.64
CA LYS D 313 -53.25 -14.55 34.53
C LYS D 313 -51.98 -14.07 33.82
N ILE D 314 -51.95 -14.16 32.50
CA ILE D 314 -50.71 -13.91 31.76
C ILE D 314 -50.72 -12.55 31.10
N THR D 315 -49.75 -11.72 31.49
CA THR D 315 -49.55 -10.39 30.91
C THR D 315 -48.16 -10.24 30.29
N GLN D 316 -47.24 -11.12 30.67
CA GLN D 316 -45.95 -11.20 30.00
C GLN D 316 -45.62 -12.61 29.55
N ALA D 317 -44.80 -12.70 28.50
CA ALA D 317 -44.32 -13.97 28.00
C ALA D 317 -43.63 -14.73 29.11
N THR D 318 -42.58 -14.13 29.67
CA THR D 318 -41.72 -14.76 30.69
C THR D 318 -42.46 -15.37 31.88
N GLN D 319 -43.75 -15.07 32.01
CA GLN D 319 -44.59 -15.65 33.03
C GLN D 319 -44.91 -17.10 32.72
N VAL D 320 -45.27 -17.38 31.47
CA VAL D 320 -45.64 -18.73 31.02
C VAL D 320 -44.60 -19.74 31.49
N LYS D 321 -43.33 -19.49 31.16
CA LYS D 321 -42.26 -20.38 31.63
C LYS D 321 -42.23 -20.52 33.15
N THR D 322 -42.52 -19.45 33.89
CA THR D 322 -42.38 -19.58 35.36
C THR D 322 -43.56 -20.26 36.03
N THR D 323 -44.73 -20.20 35.41
CA THR D 323 -45.91 -20.87 35.95
C THR D 323 -45.74 -22.36 35.73
N ILE D 324 -45.31 -22.73 34.52
CA ILE D 324 -45.26 -24.14 34.08
C ILE D 324 -44.12 -24.98 34.66
N SER D 325 -42.92 -24.40 34.77
CA SER D 325 -41.73 -25.10 35.22
C SER D 325 -41.77 -25.35 36.72
N LEU D 326 -42.99 -25.44 37.23
CA LEU D 326 -43.26 -25.77 38.60
C LEU D 326 -44.23 -26.93 38.68
N LEU D 327 -44.70 -27.39 37.52
CA LEU D 327 -45.73 -28.42 37.45
C LEU D 327 -45.14 -29.83 37.42
N ARG D 328 -45.62 -30.71 38.29
CA ARG D 328 -45.17 -32.10 38.28
C ARG D 328 -45.53 -32.74 36.95
N VAL D 329 -44.70 -33.67 36.48
CA VAL D 329 -45.07 -34.53 35.35
C VAL D 329 -46.44 -35.10 35.63
N GLY D 330 -47.32 -35.08 34.64
CA GLY D 330 -48.67 -35.60 34.85
C GLY D 330 -49.71 -34.53 35.13
N SER D 331 -49.25 -33.31 35.37
CA SER D 331 -50.12 -32.20 35.66
C SER D 331 -50.89 -31.83 34.42
N THR D 332 -52.20 -31.65 34.57
CA THR D 332 -53.00 -30.98 33.55
C THR D 332 -52.76 -29.48 33.69
N VAL D 333 -52.80 -28.79 32.56
CA VAL D 333 -52.70 -27.35 32.59
C VAL D 333 -53.72 -26.76 31.61
N LYS D 334 -54.66 -26.00 32.15
CA LYS D 334 -55.68 -25.38 31.34
C LYS D 334 -55.04 -24.19 30.69
N ILE D 335 -55.16 -24.07 29.36
CA ILE D 335 -54.59 -22.93 28.67
C ILE D 335 -55.68 -22.17 27.94
N ILE D 336 -56.00 -20.97 28.44
CA ILE D 336 -56.91 -20.05 27.73
C ILE D 336 -56.12 -19.26 26.71
N VAL D 337 -56.63 -19.25 25.49
CA VAL D 337 -55.87 -18.78 24.36
C VAL D 337 -56.78 -18.08 23.35
N GLU D 338 -56.62 -16.78 23.24
CA GLU D 338 -57.28 -16.02 22.21
C GLU D 338 -56.73 -16.53 20.86
N ARG D 339 -57.61 -16.87 19.93
CA ARG D 339 -57.20 -17.24 18.56
C ARG D 339 -58.16 -16.60 17.59
N ASP D 340 -57.64 -15.83 16.64
CA ASP D 340 -58.47 -15.09 15.69
C ASP D 340 -59.69 -14.56 16.44
N ASN D 341 -59.43 -13.70 17.42
CA ASN D 341 -60.46 -13.00 18.20
C ASN D 341 -61.49 -13.91 18.89
N LYS D 342 -61.37 -15.21 18.69
CA LYS D 342 -62.21 -16.16 19.41
C LYS D 342 -61.43 -16.76 20.60
N PRO D 343 -62.07 -16.86 21.79
CA PRO D 343 -61.42 -17.49 22.94
C PRO D 343 -61.71 -18.99 23.02
N LEU D 344 -60.65 -19.78 23.27
CA LEU D 344 -60.76 -21.25 23.29
C LEU D 344 -59.89 -21.84 24.39
N THR D 345 -60.52 -22.54 25.33
CA THR D 345 -59.79 -23.12 26.45
C THR D 345 -59.20 -24.44 26.00
N LEU D 346 -57.92 -24.64 26.29
CA LEU D 346 -57.20 -25.87 25.90
C LEU D 346 -56.61 -26.54 27.13
N SER D 347 -56.58 -27.86 27.13
CA SER D 347 -55.98 -28.60 28.24
C SER D 347 -54.79 -29.43 27.74
N ALA D 348 -53.65 -29.31 28.41
CA ALA D 348 -52.44 -30.02 28.02
C ALA D 348 -51.88 -30.80 29.17
N VAL D 349 -51.20 -31.90 28.87
CA VAL D 349 -50.64 -32.76 29.90
C VAL D 349 -49.10 -32.65 29.95
N VAL D 350 -48.59 -32.28 31.12
CA VAL D 350 -47.15 -32.22 31.34
C VAL D 350 -46.60 -33.65 31.37
N THR D 351 -45.80 -34.00 30.35
CA THR D 351 -45.23 -35.37 30.25
C THR D 351 -43.72 -35.47 30.48
N ASP D 352 -43.24 -36.72 30.53
CA ASP D 352 -41.87 -37.04 30.95
C ASP D 352 -40.85 -36.82 29.83
N ILE D 353 -39.91 -35.93 30.09
CA ILE D 353 -38.88 -35.51 29.12
C ILE D 353 -37.94 -36.63 28.69
N LYS D 354 -37.84 -37.69 29.49
CA LYS D 354 -37.04 -38.87 29.15
C LYS D 354 -37.82 -39.78 28.22
N SER D 355 -39.04 -40.11 28.63
CA SER D 355 -39.88 -41.02 27.91
C SER D 355 -40.25 -40.42 26.57
N HIS D 356 -40.50 -39.11 26.56
CA HIS D 356 -40.93 -38.44 25.36
C HIS D 356 -39.87 -38.50 24.28
N GLU D 357 -38.65 -38.09 24.64
CA GLU D 357 -37.47 -38.30 23.79
C GLU D 357 -37.48 -39.77 23.35
N GLN D 358 -37.42 -40.67 24.35
CA GLN D 358 -37.42 -42.11 24.13
C GLN D 358 -38.54 -42.56 23.18
N LYS D 359 -39.65 -41.85 23.18
CA LYS D 359 -40.80 -42.24 22.38
C LYS D 359 -40.59 -41.90 20.90
N LEU D 360 -40.32 -40.64 20.60
CA LEU D 360 -39.98 -40.20 19.23
C LEU D 360 -38.87 -41.08 18.65
N GLN D 361 -38.02 -41.61 19.52
CA GLN D 361 -36.90 -42.47 19.10
C GLN D 361 -37.38 -43.82 18.58
N SER D 362 -38.39 -44.40 19.24
CA SER D 362 -39.00 -45.65 18.78
C SER D 362 -40.03 -45.39 17.69
N ASN D 363 -40.48 -44.13 17.61
CA ASN D 363 -41.36 -43.67 16.55
C ASN D 363 -40.60 -43.63 15.24
N ASN D 364 -39.73 -42.63 15.09
CA ASN D 364 -38.75 -42.52 14.02
C ASN D 364 -37.49 -43.27 14.47
N PRO D 365 -37.26 -44.52 13.98
CA PRO D 365 -36.31 -45.43 14.66
C PRO D 365 -34.81 -45.29 14.28
N PHE D 366 -34.49 -45.54 13.01
CA PHE D 366 -33.11 -45.52 12.55
C PHE D 366 -32.68 -44.12 12.15
N LEU D 367 -33.66 -43.21 12.04
CA LEU D 367 -33.44 -41.90 11.46
C LEU D 367 -33.48 -40.73 12.44
N TYR D 368 -33.75 -41.02 13.71
CA TYR D 368 -33.81 -39.97 14.71
C TYR D 368 -32.45 -39.33 14.95
N GLY D 369 -32.43 -37.99 14.98
CA GLY D 369 -31.23 -37.24 15.29
C GLY D 369 -30.57 -36.68 14.04
N LEU D 370 -31.16 -36.96 12.89
CA LEU D 370 -30.62 -36.50 11.62
C LEU D 370 -31.34 -35.25 11.11
N ALA D 371 -30.72 -34.56 10.15
CA ALA D 371 -31.41 -33.50 9.42
C ALA D 371 -31.20 -33.71 7.92
N LEU D 372 -32.27 -34.15 7.24
CA LEU D 372 -32.19 -34.62 5.87
C LEU D 372 -32.66 -33.60 4.87
N ARG D 373 -32.32 -33.80 3.61
CA ARG D 373 -32.89 -33.00 2.52
C ARG D 373 -32.78 -33.73 1.19
N ALA D 374 -33.57 -33.32 0.20
CA ALA D 374 -33.47 -33.90 -1.12
C ALA D 374 -32.23 -33.35 -1.82
N PHE D 375 -31.61 -34.18 -2.67
CA PHE D 375 -30.34 -33.87 -3.32
C PHE D 375 -30.37 -34.36 -4.76
N GLU D 376 -30.00 -33.48 -5.70
CA GLU D 376 -29.86 -33.82 -7.13
C GLU D 376 -28.76 -32.98 -7.78
N GLN D 377 -27.62 -33.62 -8.06
CA GLN D 377 -26.40 -32.92 -8.47
C GLN D 377 -25.54 -33.75 -9.42
N GLU D 378 -24.96 -33.10 -10.43
CA GLU D 378 -23.91 -33.77 -11.20
C GLU D 378 -22.62 -33.66 -10.41
N SER D 379 -22.10 -34.80 -9.98
CA SER D 379 -20.93 -34.80 -9.09
C SER D 379 -19.89 -35.81 -9.51
N PRO D 380 -18.75 -35.31 -10.04
CA PRO D 380 -17.62 -36.19 -10.33
C PRO D 380 -17.15 -36.83 -9.01
N PRO D 381 -16.81 -38.12 -9.01
CA PRO D 381 -16.78 -39.03 -10.15
C PRO D 381 -18.13 -39.69 -10.47
N HIS D 382 -19.12 -39.42 -9.61
CA HIS D 382 -20.29 -40.28 -9.50
C HIS D 382 -21.27 -40.21 -10.67
N GLY D 383 -21.38 -39.04 -11.30
CA GLY D 383 -22.39 -38.80 -12.32
C GLY D 383 -23.47 -37.90 -11.77
N ASN D 384 -24.74 -38.29 -11.98
CA ASN D 384 -25.87 -37.55 -11.35
C ASN D 384 -26.35 -38.21 -10.05
N VAL D 385 -26.04 -37.55 -8.94
CA VAL D 385 -26.41 -38.03 -7.61
C VAL D 385 -27.89 -37.78 -7.29
N ILE D 386 -28.64 -38.85 -6.97
CA ILE D 386 -29.98 -38.71 -6.40
C ILE D 386 -30.13 -39.51 -5.10
N GLY D 387 -30.11 -38.81 -3.98
CA GLY D 387 -30.36 -39.42 -2.69
C GLY D 387 -30.91 -38.35 -1.80
N VAL D 388 -30.92 -38.61 -0.50
CA VAL D 388 -31.18 -37.58 0.52
C VAL D 388 -29.85 -37.09 1.09
N GLN D 389 -29.77 -35.81 1.42
CA GLN D 389 -28.53 -35.21 1.93
C GLN D 389 -28.66 -34.97 3.41
N VAL D 390 -27.74 -35.54 4.18
CA VAL D 390 -27.62 -35.26 5.61
C VAL D 390 -27.16 -33.82 5.83
N VAL D 391 -27.96 -32.99 6.48
CA VAL D 391 -27.55 -31.60 6.67
C VAL D 391 -27.01 -31.37 8.09
N GLY D 392 -27.13 -32.39 8.92
CA GLY D 392 -26.56 -32.39 10.26
C GLY D 392 -26.79 -33.75 10.91
N ALA D 393 -26.18 -33.95 12.07
CA ALA D 393 -26.36 -35.22 12.79
C ALA D 393 -26.16 -35.02 14.28
N SER D 394 -27.17 -35.38 15.07
CA SER D 394 -27.03 -35.40 16.53
C SER D 394 -25.95 -36.42 16.87
N GLU D 395 -24.92 -35.97 17.59
CA GLU D 395 -23.73 -36.79 17.80
C GLU D 395 -24.05 -38.05 18.61
N ASN D 396 -25.11 -37.97 19.41
CA ASN D 396 -25.60 -39.10 20.16
C ASN D 396 -26.77 -39.78 19.44
N SER D 397 -26.87 -39.56 18.14
CA SER D 397 -27.93 -40.18 17.33
C SER D 397 -27.52 -41.56 16.85
N ALA D 398 -28.53 -42.43 16.72
CA ALA D 398 -28.34 -43.77 16.20
C ALA D 398 -27.83 -43.75 14.76
N GLY D 399 -27.97 -42.59 14.11
CA GLY D 399 -27.32 -42.38 12.84
C GLY D 399 -25.82 -42.32 13.05
N TRP D 400 -25.36 -41.16 13.51
CA TRP D 400 -23.95 -40.82 13.74
C TRP D 400 -23.06 -41.93 14.25
N ARG D 401 -23.60 -42.77 15.13
CA ARG D 401 -22.85 -43.86 15.73
C ARG D 401 -22.41 -44.90 14.71
N ALA D 402 -23.31 -45.28 13.80
CA ALA D 402 -23.01 -46.22 12.70
C ALA D 402 -22.07 -45.69 11.60
N GLY D 403 -21.86 -44.37 11.57
CA GLY D 403 -20.87 -43.74 10.69
C GLY D 403 -21.27 -42.47 9.94
N ILE D 404 -22.58 -42.26 9.79
CA ILE D 404 -23.11 -41.15 8.99
C ILE D 404 -22.60 -39.82 9.50
N ARG D 405 -21.89 -39.08 8.66
CA ARG D 405 -21.48 -37.72 9.03
C ARG D 405 -22.29 -36.70 8.23
N PRO D 406 -22.38 -35.44 8.70
CA PRO D 406 -22.96 -34.36 7.90
C PRO D 406 -22.30 -34.29 6.55
N GLY D 407 -23.09 -33.98 5.52
CA GLY D 407 -22.60 -33.86 4.15
C GLY D 407 -22.82 -35.12 3.32
N ASP D 408 -22.96 -36.26 3.99
CA ASP D 408 -23.14 -37.53 3.30
C ASP D 408 -24.39 -37.53 2.42
N ILE D 409 -24.33 -38.28 1.30
CA ILE D 409 -25.51 -38.45 0.47
C ILE D 409 -25.98 -39.89 0.55
N ILE D 410 -27.13 -40.09 1.20
CA ILE D 410 -27.75 -41.41 1.25
C ILE D 410 -28.46 -41.71 -0.06
N ILE D 411 -27.81 -42.47 -0.92
CA ILE D 411 -28.34 -42.76 -2.24
C ILE D 411 -29.04 -44.12 -2.26
N SER D 412 -28.91 -44.87 -1.16
CA SER D 412 -29.60 -46.15 -1.06
C SER D 412 -29.79 -46.63 0.37
N ALA D 413 -30.76 -47.53 0.53
CA ALA D 413 -31.10 -48.16 1.82
C ALA D 413 -31.75 -49.53 1.60
N ASN D 414 -31.45 -50.47 2.49
CA ASN D 414 -31.86 -51.88 2.35
C ASN D 414 -31.99 -52.37 0.88
N LYS D 415 -30.95 -52.12 0.10
CA LYS D 415 -30.91 -52.35 -1.35
C LYS D 415 -32.09 -51.83 -2.21
N LYS D 416 -32.70 -50.70 -1.82
CA LYS D 416 -33.70 -50.02 -2.66
C LYS D 416 -33.22 -48.62 -3.03
N PRO D 417 -33.68 -48.08 -4.19
CA PRO D 417 -33.25 -46.72 -4.60
C PRO D 417 -33.86 -45.61 -3.73
N VAL D 418 -33.02 -44.73 -3.19
CA VAL D 418 -33.46 -43.65 -2.30
C VAL D 418 -33.44 -42.29 -3.01
N THR D 419 -34.63 -41.78 -3.32
CA THR D 419 -34.77 -40.53 -4.08
C THR D 419 -35.02 -39.32 -3.18
N ASP D 420 -36.25 -39.13 -2.73
CA ASP D 420 -36.61 -38.01 -1.84
C ASP D 420 -36.71 -38.44 -0.38
N VAL D 421 -36.70 -37.48 0.53
CA VAL D 421 -36.69 -37.76 1.98
C VAL D 421 -37.76 -38.81 2.34
N LYS D 422 -38.94 -38.68 1.73
CA LYS D 422 -40.04 -39.62 1.96
C LYS D 422 -39.69 -41.03 1.44
N SER D 423 -38.97 -41.10 0.32
CA SER D 423 -38.55 -42.39 -0.23
C SER D 423 -37.67 -43.16 0.76
N LEU D 424 -36.80 -42.43 1.47
CA LEU D 424 -35.97 -42.99 2.55
C LEU D 424 -36.77 -43.40 3.81
N GLN D 425 -37.76 -42.58 4.21
CA GLN D 425 -38.53 -42.83 5.46
C GLN D 425 -39.41 -44.07 5.38
N THR D 426 -40.00 -44.29 4.21
CA THR D 426 -40.84 -45.45 3.94
C THR D 426 -40.02 -46.76 4.00
N ILE D 427 -38.70 -46.61 3.83
CA ILE D 427 -37.78 -47.73 3.86
C ILE D 427 -37.38 -48.04 5.30
N ALA D 428 -37.10 -47.01 6.10
CA ALA D 428 -36.92 -47.20 7.54
C ALA D 428 -38.20 -47.70 8.20
N GLN D 429 -39.33 -47.53 7.51
CA GLN D 429 -40.63 -48.05 7.93
C GLN D 429 -40.59 -49.57 8.10
N GLU D 430 -39.92 -50.23 7.15
CA GLU D 430 -39.77 -51.69 7.11
C GLU D 430 -39.23 -52.23 8.42
N LYS D 431 -40.03 -53.10 9.03
CA LYS D 431 -39.75 -53.61 10.36
C LYS D 431 -38.59 -54.60 10.28
N LYS D 432 -37.48 -54.22 10.91
CA LYS D 432 -36.26 -55.03 10.95
C LYS D 432 -35.45 -54.55 12.16
N LYS D 433 -34.28 -55.15 12.38
CA LYS D 433 -33.40 -54.78 13.51
C LYS D 433 -32.29 -53.79 13.12
N GLU D 434 -32.15 -53.54 11.82
CA GLU D 434 -31.08 -52.71 11.29
C GLU D 434 -31.44 -52.09 9.94
N LEU D 435 -30.93 -50.89 9.69
CA LEU D 435 -31.03 -50.29 8.37
C LEU D 435 -29.65 -50.41 7.71
N LEU D 436 -29.62 -51.03 6.54
CA LEU D 436 -28.40 -51.11 5.77
C LEU D 436 -28.33 -49.93 4.81
N VAL D 437 -27.49 -48.95 5.14
CA VAL D 437 -27.48 -47.69 4.41
C VAL D 437 -26.21 -47.53 3.58
N GLN D 438 -26.33 -46.90 2.41
CA GLN D 438 -25.26 -46.75 1.43
C GLN D 438 -25.01 -45.27 1.16
N VAL D 439 -23.86 -44.76 1.59
CA VAL D 439 -23.61 -43.32 1.54
C VAL D 439 -22.48 -42.93 0.59
N LEU D 440 -22.53 -41.70 0.11
CA LEU D 440 -21.39 -41.11 -0.57
C LEU D 440 -20.76 -40.12 0.39
N ARG D 441 -19.50 -39.80 0.14
CA ARG D 441 -18.74 -38.98 1.06
C ARG D 441 -17.69 -38.24 0.25
N GLY D 442 -18.17 -37.49 -0.75
CA GLY D 442 -17.31 -36.79 -1.69
C GLY D 442 -16.97 -37.66 -2.88
N PRO D 443 -15.68 -38.04 -3.02
CA PRO D 443 -15.22 -38.84 -4.14
C PRO D 443 -15.47 -40.35 -3.96
N GLY D 444 -15.75 -40.78 -2.72
CA GLY D 444 -15.91 -42.20 -2.43
C GLY D 444 -17.19 -42.51 -1.70
N SER D 445 -17.59 -43.78 -1.74
CA SER D 445 -18.79 -44.26 -1.07
C SER D 445 -18.44 -45.16 0.10
N MET D 446 -19.47 -45.82 0.65
CA MET D 446 -19.37 -46.70 1.82
C MET D 446 -20.75 -47.15 2.23
N TYR D 447 -20.84 -48.42 2.60
CA TYR D 447 -22.04 -48.99 3.23
C TYR D 447 -21.93 -48.85 4.74
N LEU D 448 -23.04 -48.59 5.40
CA LEU D 448 -23.05 -48.46 6.85
C LEU D 448 -24.31 -49.12 7.38
N LEU D 449 -24.14 -49.88 8.46
CA LEU D 449 -25.23 -50.67 9.03
C LEU D 449 -25.75 -49.92 10.22
N VAL D 450 -26.95 -49.34 10.10
CA VAL D 450 -27.47 -48.55 11.20
C VAL D 450 -28.32 -49.45 12.07
N ILE D 451 -27.89 -49.66 13.31
CA ILE D 451 -28.74 -50.35 14.31
C ILE D 451 -29.37 -49.33 15.28
N UNK E 1 20.96 -3.86 -11.77
CA UNK E 1 20.47 -4.10 -13.16
C UNK E 1 19.34 -5.13 -13.17
N UNK E 2 18.13 -4.67 -13.51
CA UNK E 2 16.94 -5.53 -13.49
C UNK E 2 16.35 -5.72 -14.90
N UNK E 3 16.14 -6.97 -15.29
CA UNK E 3 15.40 -7.27 -16.52
C UNK E 3 13.91 -6.93 -16.28
N UNK E 4 13.21 -6.44 -17.30
CA UNK E 4 11.91 -5.78 -17.13
C UNK E 4 10.63 -6.59 -17.42
N UNK E 5 9.93 -7.01 -16.36
CA UNK E 5 8.61 -7.67 -16.49
C UNK E 5 7.73 -7.39 -15.28
N UNK E 6 6.43 -7.68 -15.39
CA UNK E 6 5.51 -7.61 -14.23
C UNK E 6 5.15 -9.03 -13.75
N UNK F 1 15.65 16.08 -1.67
CA UNK F 1 16.60 17.09 -2.23
C UNK F 1 18.09 16.67 -2.11
N UNK F 2 18.45 15.59 -2.79
CA UNK F 2 19.80 15.01 -2.68
C UNK F 2 20.81 15.50 -3.74
N UNK F 3 22.08 15.65 -3.32
CA UNK F 3 23.20 15.97 -4.20
C UNK F 3 23.63 14.71 -4.94
N UNK F 4 24.05 14.85 -6.20
CA UNK F 4 24.13 13.72 -7.13
C UNK F 4 25.49 12.98 -7.27
N UNK F 5 25.99 12.39 -6.18
CA UNK F 5 27.23 11.59 -6.22
C UNK F 5 27.01 10.13 -5.85
N UNK F 6 27.68 9.22 -6.57
CA UNK F 6 27.69 7.80 -6.18
C UNK F 6 28.82 7.53 -5.17
N UNK F 7 28.97 6.26 -4.74
CA UNK F 7 30.02 5.89 -3.77
C UNK F 7 30.37 4.40 -3.87
N UNK G 1 -1.01 8.02 -6.59
CA UNK G 1 -1.68 8.03 -7.93
C UNK G 1 -2.43 9.35 -8.22
N UNK G 2 -3.23 9.82 -7.27
CA UNK G 2 -3.82 11.16 -7.34
C UNK G 2 -2.70 12.17 -7.02
N UNK G 3 -2.49 13.13 -7.90
CA UNK G 3 -1.25 13.91 -7.88
C UNK G 3 -1.24 15.22 -7.05
N UNK G 4 -1.70 15.16 -5.81
CA UNK G 4 -1.63 16.32 -4.91
C UNK G 4 -0.61 16.11 -3.78
N UNK G 5 0.26 17.10 -3.53
CA UNK G 5 1.26 17.01 -2.46
C UNK G 5 0.68 17.31 -1.08
N UNK G 6 -0.09 16.36 -0.55
CA UNK G 6 -0.71 16.44 0.78
C UNK G 6 0.29 16.05 1.87
N UNK H 1 -23.97 -7.75 34.85
CA UNK H 1 -23.27 -8.89 35.50
C UNK H 1 -24.01 -9.35 36.78
N UNK H 2 -24.87 -10.36 36.63
CA UNK H 2 -25.76 -10.83 37.70
C UNK H 2 -25.20 -11.97 38.57
N UNK H 3 -24.37 -11.61 39.54
CA UNK H 3 -23.75 -12.55 40.49
C UNK H 3 -24.73 -13.19 41.49
N UNK H 4 -24.45 -14.42 41.90
CA UNK H 4 -25.22 -15.06 42.97
C UNK H 4 -24.51 -14.85 44.31
N UNK H 5 -25.28 -14.71 45.40
CA UNK H 5 -24.76 -14.16 46.65
C UNK H 5 -24.02 -15.13 47.62
N UNK H 6 -23.33 -16.13 47.04
CA UNK H 6 -22.48 -17.07 47.81
C UNK H 6 -21.18 -16.41 48.28
N UNK H 7 -20.67 -16.82 49.45
CA UNK H 7 -19.33 -16.42 49.88
C UNK H 7 -18.41 -17.64 49.93
N UNK H 8 -17.38 -17.62 49.07
CA UNK H 8 -16.37 -18.68 49.00
C UNK H 8 -15.16 -18.36 49.88
#